data_2Q1P
# 
_entry.id   2Q1P 
# 
_audit_conform.dict_name       mmcif_pdbx.dic 
_audit_conform.dict_version    5.397 
_audit_conform.dict_location   http://mmcif.pdb.org/dictionaries/ascii/mmcif_pdbx.dic 
# 
loop_
_database_2.database_id 
_database_2.database_code 
_database_2.pdbx_database_accession 
_database_2.pdbx_DOI 
PDB   2Q1P         pdb_00002q1p 10.2210/pdb2q1p/pdb 
RCSB  RCSB043038   ?            ?                   
WWPDB D_1000043038 ?            ?                   
# 
loop_
_pdbx_audit_revision_history.ordinal 
_pdbx_audit_revision_history.data_content_type 
_pdbx_audit_revision_history.major_revision 
_pdbx_audit_revision_history.minor_revision 
_pdbx_audit_revision_history.revision_date 
1 'Structure model' 1 0 2007-06-05 
2 'Structure model' 1 1 2008-05-01 
3 'Structure model' 1 2 2011-07-13 
4 'Structure model' 1 3 2023-08-30 
5 'Structure model' 1 4 2024-10-30 
# 
_pdbx_audit_revision_details.ordinal             1 
_pdbx_audit_revision_details.revision_ordinal    1 
_pdbx_audit_revision_details.data_content_type   'Structure model' 
_pdbx_audit_revision_details.provider            repository 
_pdbx_audit_revision_details.type                'Initial release' 
_pdbx_audit_revision_details.description         ? 
_pdbx_audit_revision_details.details             ? 
# 
loop_
_pdbx_audit_revision_group.ordinal 
_pdbx_audit_revision_group.revision_ordinal 
_pdbx_audit_revision_group.data_content_type 
_pdbx_audit_revision_group.group 
1 2 'Structure model' 'Version format compliance' 
2 3 'Structure model' 'Version format compliance' 
3 4 'Structure model' 'Data collection'           
4 4 'Structure model' 'Database references'       
5 4 'Structure model' 'Derived calculations'      
6 4 'Structure model' 'Refinement description'    
7 5 'Structure model' 'Structure summary'         
# 
loop_
_pdbx_audit_revision_category.ordinal 
_pdbx_audit_revision_category.revision_ordinal 
_pdbx_audit_revision_category.data_content_type 
_pdbx_audit_revision_category.category 
1 4 'Structure model' chem_comp_atom                
2 4 'Structure model' chem_comp_bond                
3 4 'Structure model' database_2                    
4 4 'Structure model' diffrn_source                 
5 4 'Structure model' pdbx_initial_refinement_model 
6 4 'Structure model' struct_site                   
7 5 'Structure model' pdbx_entry_details            
8 5 'Structure model' pdbx_modification_feature     
# 
loop_
_pdbx_audit_revision_item.ordinal 
_pdbx_audit_revision_item.revision_ordinal 
_pdbx_audit_revision_item.data_content_type 
_pdbx_audit_revision_item.item 
1 4 'Structure model' '_database_2.pdbx_DOI'                 
2 4 'Structure model' '_database_2.pdbx_database_accession'  
3 4 'Structure model' '_diffrn_source.pdbx_synchrotron_site' 
4 4 'Structure model' '_struct_site.pdbx_auth_asym_id'       
5 4 'Structure model' '_struct_site.pdbx_auth_comp_id'       
6 4 'Structure model' '_struct_site.pdbx_auth_seq_id'        
# 
_pdbx_database_status.status_code                     REL 
_pdbx_database_status.entry_id                        2Q1P 
_pdbx_database_status.recvd_initial_deposition_date   2007-05-25 
_pdbx_database_status.deposit_site                    RCSB 
_pdbx_database_status.process_site                    RCSB 
_pdbx_database_status.status_code_sf                  REL 
_pdbx_database_status.status_code_mr                  ? 
_pdbx_database_status.SG_entry                        ? 
_pdbx_database_status.pdb_format_compatible           Y 
_pdbx_database_status.status_code_cs                  ? 
_pdbx_database_status.status_code_nmr_data            ? 
_pdbx_database_status.methods_development_category    ? 
# 
_pdbx_database_related.db_name        PDB 
_pdbx_database_related.db_id          1OYP 
_pdbx_database_related.details        'Complex of phospholipase A2 with indole acetic acid at 1.2 A resolution' 
_pdbx_database_related.content_type   unspecified 
# 
loop_
_audit_author.name 
_audit_author.pdbx_ordinal 
'Kumar, S.'      1 
'Hariprasad, G.' 2 
'Singh, N.'      3 
'Sharma, S.'     4 
'Kaur, P.'       5 
'Perbandt, M.'   6 
'Betzel, C.'     7 
'Singh, T.P.'    8 
# 
_citation.id                        primary 
_citation.title                     'Crystal Structure of Phospholipase A2 complex with propanol at 1.5 A resolution' 
_citation.journal_abbrev            'To be Published' 
_citation.journal_volume            ? 
_citation.page_first                ? 
_citation.page_last                 ? 
_citation.year                      ? 
_citation.journal_id_ASTM           ? 
_citation.country                   ? 
_citation.journal_id_ISSN           ? 
_citation.journal_id_CSD            0353 
_citation.book_publisher            ? 
_citation.pdbx_database_id_PubMed   ? 
_citation.pdbx_database_id_DOI      ? 
# 
loop_
_citation_author.citation_id 
_citation_author.name 
_citation_author.ordinal 
_citation_author.identifier_ORCID 
primary 'Kumar, S.'      1 ? 
primary 'Hariprasad, G.' 2 ? 
primary 'Singh, N.'      3 ? 
primary 'Sharma, S.'     4 ? 
primary 'Kaur, P.'       5 ? 
primary 'Perbandt, M.'   6 ? 
primary 'Betzel, C.'     7 ? 
primary 'Singh, T.P.'    8 ? 
# 
loop_
_entity.id 
_entity.type 
_entity.src_method 
_entity.pdbx_description 
_entity.formula_weight 
_entity.pdbx_number_of_molecules 
_entity.pdbx_ec 
_entity.pdbx_mutation 
_entity.pdbx_fragment 
_entity.details 
1 polymer     nat 'Phospholipase A2 VRV-PL-VIIIa' 13629.767 1   3.1.1.4 ? ? ? 
2 non-polymer syn 'SULFATE ION'                   96.063    4   ?       ? ? ? 
3 non-polymer syn N-PROPANOL                      60.095    1   ?       ? ? ? 
4 water       nat water                           18.015    204 ?       ? ? ? 
# 
_entity_name_com.entity_id   1 
_entity_name_com.name        'Phosphatidylcholine 2- acylhydrolase, DPLA2' 
# 
_entity_poly.entity_id                      1 
_entity_poly.type                           'polypeptide(L)' 
_entity_poly.nstd_linkage                   no 
_entity_poly.nstd_monomer                   no 
_entity_poly.pdbx_seq_one_letter_code       
;SLLEFGKMILEETGKLAIPSYSSYGCYCGWGGKGTPKDATDRCCFVHDCCYGNLPDCNPKSDRYKYKRVNGAIVCEKGTS
CENRICECDKAAAICFRQNLNTYSKKYMLYPDFLCKGELKC
;
_entity_poly.pdbx_seq_one_letter_code_can   
;SLLEFGKMILEETGKLAIPSYSSYGCYCGWGGKGTPKDATDRCCFVHDCCYGNLPDCNPKSDRYKYKRVNGAIVCEKGTS
CENRICECDKAAAICFRQNLNTYSKKYMLYPDFLCKGELKC
;
_entity_poly.pdbx_strand_id                 A 
_entity_poly.pdbx_target_identifier         ? 
# 
loop_
_pdbx_entity_nonpoly.entity_id 
_pdbx_entity_nonpoly.name 
_pdbx_entity_nonpoly.comp_id 
2 'SULFATE ION' SO4 
3 N-PROPANOL    POL 
4 water         HOH 
# 
loop_
_entity_poly_seq.entity_id 
_entity_poly_seq.num 
_entity_poly_seq.mon_id 
_entity_poly_seq.hetero 
1 1   SER n 
1 2   LEU n 
1 3   LEU n 
1 4   GLU n 
1 5   PHE n 
1 6   GLY n 
1 7   LYS n 
1 8   MET n 
1 9   ILE n 
1 10  LEU n 
1 11  GLU n 
1 12  GLU n 
1 13  THR n 
1 14  GLY n 
1 15  LYS n 
1 16  LEU n 
1 17  ALA n 
1 18  ILE n 
1 19  PRO n 
1 20  SER n 
1 21  TYR n 
1 22  SER n 
1 23  SER n 
1 24  TYR n 
1 25  GLY n 
1 26  CYS n 
1 27  TYR n 
1 28  CYS n 
1 29  GLY n 
1 30  TRP n 
1 31  GLY n 
1 32  GLY n 
1 33  LYS n 
1 34  GLY n 
1 35  THR n 
1 36  PRO n 
1 37  LYS n 
1 38  ASP n 
1 39  ALA n 
1 40  THR n 
1 41  ASP n 
1 42  ARG n 
1 43  CYS n 
1 44  CYS n 
1 45  PHE n 
1 46  VAL n 
1 47  HIS n 
1 48  ASP n 
1 49  CYS n 
1 50  CYS n 
1 51  TYR n 
1 52  GLY n 
1 53  ASN n 
1 54  LEU n 
1 55  PRO n 
1 56  ASP n 
1 57  CYS n 
1 58  ASN n 
1 59  PRO n 
1 60  LYS n 
1 61  SER n 
1 62  ASP n 
1 63  ARG n 
1 64  TYR n 
1 65  LYS n 
1 66  TYR n 
1 67  LYS n 
1 68  ARG n 
1 69  VAL n 
1 70  ASN n 
1 71  GLY n 
1 72  ALA n 
1 73  ILE n 
1 74  VAL n 
1 75  CYS n 
1 76  GLU n 
1 77  LYS n 
1 78  GLY n 
1 79  THR n 
1 80  SER n 
1 81  CYS n 
1 82  GLU n 
1 83  ASN n 
1 84  ARG n 
1 85  ILE n 
1 86  CYS n 
1 87  GLU n 
1 88  CYS n 
1 89  ASP n 
1 90  LYS n 
1 91  ALA n 
1 92  ALA n 
1 93  ALA n 
1 94  ILE n 
1 95  CYS n 
1 96  PHE n 
1 97  ARG n 
1 98  GLN n 
1 99  ASN n 
1 100 LEU n 
1 101 ASN n 
1 102 THR n 
1 103 TYR n 
1 104 SER n 
1 105 LYS n 
1 106 LYS n 
1 107 TYR n 
1 108 MET n 
1 109 LEU n 
1 110 TYR n 
1 111 PRO n 
1 112 ASP n 
1 113 PHE n 
1 114 LEU n 
1 115 CYS n 
1 116 LYS n 
1 117 GLY n 
1 118 GLU n 
1 119 LEU n 
1 120 LYS n 
1 121 CYS n 
# 
_entity_src_nat.entity_id                  1 
_entity_src_nat.pdbx_src_id                1 
_entity_src_nat.pdbx_alt_source_flag       sample 
_entity_src_nat.pdbx_beg_seq_num           ? 
_entity_src_nat.pdbx_end_seq_num           ? 
_entity_src_nat.common_name                ? 
_entity_src_nat.pdbx_organism_scientific   'Daboia russellii pulchella' 
_entity_src_nat.pdbx_ncbi_taxonomy_id      97228 
_entity_src_nat.genus                      Daboia 
_entity_src_nat.species                    'Daboia russellii' 
_entity_src_nat.strain                     pulchella 
_entity_src_nat.tissue                     ? 
_entity_src_nat.tissue_fraction            ? 
_entity_src_nat.pdbx_secretion             ? 
_entity_src_nat.pdbx_fragment              ? 
_entity_src_nat.pdbx_variant               ? 
_entity_src_nat.pdbx_cell_line             ? 
_entity_src_nat.pdbx_atcc                  ? 
_entity_src_nat.pdbx_cellular_location     ? 
_entity_src_nat.pdbx_organ                 ? 
_entity_src_nat.pdbx_organelle             ? 
_entity_src_nat.pdbx_cell                  ? 
_entity_src_nat.pdbx_plasmid_name          ? 
_entity_src_nat.pdbx_plasmid_details       ? 
_entity_src_nat.details                    'Snake venom' 
# 
loop_
_chem_comp.id 
_chem_comp.type 
_chem_comp.mon_nstd_flag 
_chem_comp.name 
_chem_comp.pdbx_synonyms 
_chem_comp.formula 
_chem_comp.formula_weight 
ALA 'L-peptide linking' y ALANINE         ?          'C3 H7 N O2'     89.093  
ARG 'L-peptide linking' y ARGININE        ?          'C6 H15 N4 O2 1' 175.209 
ASN 'L-peptide linking' y ASPARAGINE      ?          'C4 H8 N2 O3'    132.118 
ASP 'L-peptide linking' y 'ASPARTIC ACID' ?          'C4 H7 N O4'     133.103 
CYS 'L-peptide linking' y CYSTEINE        ?          'C3 H7 N O2 S'   121.158 
GLN 'L-peptide linking' y GLUTAMINE       ?          'C5 H10 N2 O3'   146.144 
GLU 'L-peptide linking' y 'GLUTAMIC ACID' ?          'C5 H9 N O4'     147.129 
GLY 'peptide linking'   y GLYCINE         ?          'C2 H5 N O2'     75.067  
HIS 'L-peptide linking' y HISTIDINE       ?          'C6 H10 N3 O2 1' 156.162 
HOH non-polymer         . WATER           ?          'H2 O'           18.015  
ILE 'L-peptide linking' y ISOLEUCINE      ?          'C6 H13 N O2'    131.173 
LEU 'L-peptide linking' y LEUCINE         ?          'C6 H13 N O2'    131.173 
LYS 'L-peptide linking' y LYSINE          ?          'C6 H15 N2 O2 1' 147.195 
MET 'L-peptide linking' y METHIONINE      ?          'C5 H11 N O2 S'  149.211 
PHE 'L-peptide linking' y PHENYLALANINE   ?          'C9 H11 N O2'    165.189 
POL non-polymer         . N-PROPANOL      1-PROPONOL 'C3 H8 O'        60.095  
PRO 'L-peptide linking' y PROLINE         ?          'C5 H9 N O2'     115.130 
SER 'L-peptide linking' y SERINE          ?          'C3 H7 N O3'     105.093 
SO4 non-polymer         . 'SULFATE ION'   ?          'O4 S -2'        96.063  
THR 'L-peptide linking' y THREONINE       ?          'C4 H9 N O3'     119.119 
TRP 'L-peptide linking' y TRYPTOPHAN      ?          'C11 H12 N2 O2'  204.225 
TYR 'L-peptide linking' y TYROSINE        ?          'C9 H11 N O3'    181.189 
VAL 'L-peptide linking' y VALINE          ?          'C5 H11 N O2'    117.146 
# 
loop_
_pdbx_poly_seq_scheme.asym_id 
_pdbx_poly_seq_scheme.entity_id 
_pdbx_poly_seq_scheme.seq_id 
_pdbx_poly_seq_scheme.mon_id 
_pdbx_poly_seq_scheme.ndb_seq_num 
_pdbx_poly_seq_scheme.pdb_seq_num 
_pdbx_poly_seq_scheme.auth_seq_num 
_pdbx_poly_seq_scheme.pdb_mon_id 
_pdbx_poly_seq_scheme.auth_mon_id 
_pdbx_poly_seq_scheme.pdb_strand_id 
_pdbx_poly_seq_scheme.pdb_ins_code 
_pdbx_poly_seq_scheme.hetero 
A 1 1   SER 1   1   1   SER SER A . n 
A 1 2   LEU 2   2   2   LEU LEU A . n 
A 1 3   LEU 3   3   3   LEU LEU A . n 
A 1 4   GLU 4   4   4   GLU GLU A . n 
A 1 5   PHE 5   5   5   PHE PHE A . n 
A 1 6   GLY 6   6   6   GLY GLY A . n 
A 1 7   LYS 7   7   7   LYS LYS A . n 
A 1 8   MET 8   8   8   MET MET A . n 
A 1 9   ILE 9   9   9   ILE ILE A . n 
A 1 10  LEU 10  10  10  LEU LEU A . n 
A 1 11  GLU 11  11  11  GLU GLU A . n 
A 1 12  GLU 12  12  12  GLU GLU A . n 
A 1 13  THR 13  13  13  THR THR A . n 
A 1 14  GLY 14  14  14  GLY GLY A . n 
A 1 15  LYS 15  16  16  LYS LYS A . n 
A 1 16  LEU 16  17  17  LEU LEU A . n 
A 1 17  ALA 17  18  18  ALA ALA A . n 
A 1 18  ILE 18  19  19  ILE ILE A . n 
A 1 19  PRO 19  20  20  PRO PRO A . n 
A 1 20  SER 20  21  21  SER SER A . n 
A 1 21  TYR 21  22  22  TYR TYR A . n 
A 1 22  SER 22  23  23  SER SER A . n 
A 1 23  SER 23  24  24  SER SER A . n 
A 1 24  TYR 24  25  25  TYR TYR A . n 
A 1 25  GLY 25  26  26  GLY GLY A . n 
A 1 26  CYS 26  27  27  CYS CYS A . n 
A 1 27  TYR 27  28  28  TYR TYR A . n 
A 1 28  CYS 28  29  29  CYS CYS A . n 
A 1 29  GLY 29  30  30  GLY GLY A . n 
A 1 30  TRP 30  31  31  TRP TRP A . n 
A 1 31  GLY 31  32  32  GLY GLY A . n 
A 1 32  GLY 32  33  33  GLY GLY A . n 
A 1 33  LYS 33  34  34  LYS LYS A . n 
A 1 34  GLY 34  35  35  GLY GLY A . n 
A 1 35  THR 35  36  36  THR THR A . n 
A 1 36  PRO 36  37  37  PRO PRO A . n 
A 1 37  LYS 37  38  38  LYS LYS A . n 
A 1 38  ASP 38  39  39  ASP ASP A . n 
A 1 39  ALA 39  40  40  ALA ALA A . n 
A 1 40  THR 40  41  41  THR THR A . n 
A 1 41  ASP 41  42  42  ASP ASP A . n 
A 1 42  ARG 42  43  43  ARG ARG A . n 
A 1 43  CYS 43  44  44  CYS CYS A . n 
A 1 44  CYS 44  45  45  CYS CYS A . n 
A 1 45  PHE 45  46  46  PHE PHE A . n 
A 1 46  VAL 46  47  47  VAL VAL A . n 
A 1 47  HIS 47  48  48  HIS HIS A . n 
A 1 48  ASP 48  49  49  ASP ASP A . n 
A 1 49  CYS 49  50  50  CYS CYS A . n 
A 1 50  CYS 50  51  51  CYS CYS A . n 
A 1 51  TYR 51  52  52  TYR TYR A . n 
A 1 52  GLY 52  53  53  GLY GLY A . n 
A 1 53  ASN 53  54  54  ASN ASN A . n 
A 1 54  LEU 54  55  55  LEU LEU A . n 
A 1 55  PRO 55  56  56  PRO PRO A . n 
A 1 56  ASP 56  59  59  ASP ASP A . n 
A 1 57  CYS 57  61  61  CYS CYS A . n 
A 1 58  ASN 58  67  67  ASN ASN A . n 
A 1 59  PRO 59  68  68  PRO PRO A . n 
A 1 60  LYS 60  69  69  LYS LYS A . n 
A 1 61  SER 61  70  70  SER SER A . n 
A 1 62  ASP 62  71  71  ASP ASP A . n 
A 1 63  ARG 63  72  72  ARG ARG A . n 
A 1 64  TYR 64  73  73  TYR TYR A . n 
A 1 65  LYS 65  74  74  LYS LYS A . n 
A 1 66  TYR 66  75  75  TYR TYR A . n 
A 1 67  LYS 67  76  76  LYS LYS A . n 
A 1 68  ARG 68  77  77  ARG ARG A . n 
A 1 69  VAL 69  78  78  VAL VAL A . n 
A 1 70  ASN 70  79  79  ASN ASN A . n 
A 1 71  GLY 71  80  80  GLY GLY A . n 
A 1 72  ALA 72  81  81  ALA ALA A . n 
A 1 73  ILE 73  82  82  ILE ILE A . n 
A 1 74  VAL 74  83  83  VAL VAL A . n 
A 1 75  CYS 75  84  84  CYS CYS A . n 
A 1 76  GLU 76  85  85  GLU GLU A . n 
A 1 77  LYS 77  86  86  LYS LYS A . n 
A 1 78  GLY 78  88  88  GLY GLY A . n 
A 1 79  THR 79  89  89  THR THR A . n 
A 1 80  SER 80  90  90  SER SER A . n 
A 1 81  CYS 81  91  91  CYS CYS A . n 
A 1 82  GLU 82  92  92  GLU GLU A . n 
A 1 83  ASN 83  93  93  ASN ASN A . n 
A 1 84  ARG 84  94  94  ARG ARG A . n 
A 1 85  ILE 85  95  95  ILE ILE A . n 
A 1 86  CYS 86  96  96  CYS CYS A . n 
A 1 87  GLU 87  97  97  GLU GLU A . n 
A 1 88  CYS 88  98  98  CYS CYS A . n 
A 1 89  ASP 89  99  99  ASP ASP A . n 
A 1 90  LYS 90  100 100 LYS LYS A . n 
A 1 91  ALA 91  101 101 ALA ALA A . n 
A 1 92  ALA 92  102 102 ALA ALA A . n 
A 1 93  ALA 93  103 103 ALA ALA A . n 
A 1 94  ILE 94  104 104 ILE ILE A . n 
A 1 95  CYS 95  105 105 CYS CYS A . n 
A 1 96  PHE 96  106 106 PHE PHE A . n 
A 1 97  ARG 97  107 107 ARG ARG A . n 
A 1 98  GLN 98  108 108 GLN GLN A . n 
A 1 99  ASN 99  109 109 ASN ASN A . n 
A 1 100 LEU 100 110 110 LEU LEU A . n 
A 1 101 ASN 101 111 111 ASN ASN A . n 
A 1 102 THR 102 112 112 THR THR A . n 
A 1 103 TYR 103 113 113 TYR TYR A . n 
A 1 104 SER 104 114 114 SER SER A . n 
A 1 105 LYS 105 115 115 LYS LYS A . n 
A 1 106 LYS 106 116 116 LYS LYS A . n 
A 1 107 TYR 107 117 117 TYR TYR A . n 
A 1 108 MET 108 118 118 MET MET A . n 
A 1 109 LEU 109 119 119 LEU LEU A . n 
A 1 110 TYR 110 120 120 TYR TYR A . n 
A 1 111 PRO 111 121 121 PRO PRO A . n 
A 1 112 ASP 112 122 122 ASP ASP A . n 
A 1 113 PHE 113 124 124 PHE PHE A . n 
A 1 114 LEU 114 125 125 LEU LEU A . n 
A 1 115 CYS 115 126 126 CYS CYS A . n 
A 1 116 LYS 116 127 127 LYS LYS A . n 
A 1 117 GLY 117 128 128 GLY GLY A . n 
A 1 118 GLU 118 129 129 GLU GLU A . n 
A 1 119 LEU 119 130 130 LEU LEU A . n 
A 1 120 LYS 120 131 131 LYS LYS A . n 
A 1 121 CYS 121 133 133 CYS CYS A . n 
# 
loop_
_pdbx_nonpoly_scheme.asym_id 
_pdbx_nonpoly_scheme.entity_id 
_pdbx_nonpoly_scheme.mon_id 
_pdbx_nonpoly_scheme.ndb_seq_num 
_pdbx_nonpoly_scheme.pdb_seq_num 
_pdbx_nonpoly_scheme.auth_seq_num 
_pdbx_nonpoly_scheme.pdb_mon_id 
_pdbx_nonpoly_scheme.auth_mon_id 
_pdbx_nonpoly_scheme.pdb_strand_id 
_pdbx_nonpoly_scheme.pdb_ins_code 
B 2 SO4 1   301 301 SO4 SO4 A . 
C 2 SO4 1   302 302 SO4 SO4 A . 
D 2 SO4 1   303 303 SO4 SO4 A . 
E 2 SO4 1   304 304 SO4 SO4 A . 
F 3 POL 1   401 401 POL POL A . 
G 4 HOH 1   402 1   HOH HOH A . 
G 4 HOH 2   403 2   HOH HOH A . 
G 4 HOH 3   404 3   HOH HOH A . 
G 4 HOH 4   405 4   HOH HOH A . 
G 4 HOH 5   406 5   HOH HOH A . 
G 4 HOH 6   407 6   HOH HOH A . 
G 4 HOH 7   408 7   HOH HOH A . 
G 4 HOH 8   409 8   HOH HOH A . 
G 4 HOH 9   410 9   HOH HOH A . 
G 4 HOH 10  411 10  HOH HOH A . 
G 4 HOH 11  412 11  HOH HOH A . 
G 4 HOH 12  413 12  HOH HOH A . 
G 4 HOH 13  414 13  HOH HOH A . 
G 4 HOH 14  415 14  HOH HOH A . 
G 4 HOH 15  416 15  HOH HOH A . 
G 4 HOH 16  417 16  HOH HOH A . 
G 4 HOH 17  418 17  HOH HOH A . 
G 4 HOH 18  419 18  HOH HOH A . 
G 4 HOH 19  420 19  HOH HOH A . 
G 4 HOH 20  421 20  HOH HOH A . 
G 4 HOH 21  422 21  HOH HOH A . 
G 4 HOH 22  423 22  HOH HOH A . 
G 4 HOH 23  424 23  HOH HOH A . 
G 4 HOH 24  425 24  HOH HOH A . 
G 4 HOH 25  426 25  HOH HOH A . 
G 4 HOH 26  427 26  HOH HOH A . 
G 4 HOH 27  428 27  HOH HOH A . 
G 4 HOH 28  429 28  HOH HOH A . 
G 4 HOH 29  430 29  HOH HOH A . 
G 4 HOH 30  431 30  HOH HOH A . 
G 4 HOH 31  432 31  HOH HOH A . 
G 4 HOH 32  433 32  HOH HOH A . 
G 4 HOH 33  434 33  HOH HOH A . 
G 4 HOH 34  435 34  HOH HOH A . 
G 4 HOH 35  436 35  HOH HOH A . 
G 4 HOH 36  437 36  HOH HOH A . 
G 4 HOH 37  438 37  HOH HOH A . 
G 4 HOH 38  439 38  HOH HOH A . 
G 4 HOH 39  440 39  HOH HOH A . 
G 4 HOH 40  441 40  HOH HOH A . 
G 4 HOH 41  442 41  HOH HOH A . 
G 4 HOH 42  443 42  HOH HOH A . 
G 4 HOH 43  444 43  HOH HOH A . 
G 4 HOH 44  445 44  HOH HOH A . 
G 4 HOH 45  446 45  HOH HOH A . 
G 4 HOH 46  447 46  HOH HOH A . 
G 4 HOH 47  448 47  HOH HOH A . 
G 4 HOH 48  449 48  HOH HOH A . 
G 4 HOH 49  450 49  HOH HOH A . 
G 4 HOH 50  451 50  HOH HOH A . 
G 4 HOH 51  452 51  HOH HOH A . 
G 4 HOH 52  453 52  HOH HOH A . 
G 4 HOH 53  454 53  HOH HOH A . 
G 4 HOH 54  455 54  HOH HOH A . 
G 4 HOH 55  456 55  HOH HOH A . 
G 4 HOH 56  457 56  HOH HOH A . 
G 4 HOH 57  458 57  HOH HOH A . 
G 4 HOH 58  459 58  HOH HOH A . 
G 4 HOH 59  460 59  HOH HOH A . 
G 4 HOH 60  461 60  HOH HOH A . 
G 4 HOH 61  462 61  HOH HOH A . 
G 4 HOH 62  463 62  HOH HOH A . 
G 4 HOH 63  464 63  HOH HOH A . 
G 4 HOH 64  465 64  HOH HOH A . 
G 4 HOH 65  466 65  HOH HOH A . 
G 4 HOH 66  467 66  HOH HOH A . 
G 4 HOH 67  468 67  HOH HOH A . 
G 4 HOH 68  469 68  HOH HOH A . 
G 4 HOH 69  470 69  HOH HOH A . 
G 4 HOH 70  471 70  HOH HOH A . 
G 4 HOH 71  472 71  HOH HOH A . 
G 4 HOH 72  473 72  HOH HOH A . 
G 4 HOH 73  474 73  HOH HOH A . 
G 4 HOH 74  475 74  HOH HOH A . 
G 4 HOH 75  476 75  HOH HOH A . 
G 4 HOH 76  477 76  HOH HOH A . 
G 4 HOH 77  478 77  HOH HOH A . 
G 4 HOH 78  479 78  HOH HOH A . 
G 4 HOH 79  480 79  HOH HOH A . 
G 4 HOH 80  481 80  HOH HOH A . 
G 4 HOH 81  482 81  HOH HOH A . 
G 4 HOH 82  483 82  HOH HOH A . 
G 4 HOH 83  484 83  HOH HOH A . 
G 4 HOH 84  485 84  HOH HOH A . 
G 4 HOH 85  486 86  HOH HOH A . 
G 4 HOH 86  487 87  HOH HOH A . 
G 4 HOH 87  488 88  HOH HOH A . 
G 4 HOH 88  489 89  HOH HOH A . 
G 4 HOH 89  490 90  HOH HOH A . 
G 4 HOH 90  491 91  HOH HOH A . 
G 4 HOH 91  492 92  HOH HOH A . 
G 4 HOH 92  493 93  HOH HOH A . 
G 4 HOH 93  494 94  HOH HOH A . 
G 4 HOH 94  495 95  HOH HOH A . 
G 4 HOH 95  496 96  HOH HOH A . 
G 4 HOH 96  497 97  HOH HOH A . 
G 4 HOH 97  498 98  HOH HOH A . 
G 4 HOH 98  499 99  HOH HOH A . 
G 4 HOH 99  500 100 HOH HOH A . 
G 4 HOH 100 501 101 HOH HOH A . 
G 4 HOH 101 502 103 HOH HOH A . 
G 4 HOH 102 503 104 HOH HOH A . 
G 4 HOH 103 504 105 HOH HOH A . 
G 4 HOH 104 505 106 HOH HOH A . 
G 4 HOH 105 506 107 HOH HOH A . 
G 4 HOH 106 507 108 HOH HOH A . 
G 4 HOH 107 508 109 HOH HOH A . 
G 4 HOH 108 509 110 HOH HOH A . 
G 4 HOH 109 510 111 HOH HOH A . 
G 4 HOH 110 511 112 HOH HOH A . 
G 4 HOH 111 512 113 HOH HOH A . 
G 4 HOH 112 513 114 HOH HOH A . 
G 4 HOH 113 514 115 HOH HOH A . 
G 4 HOH 114 515 116 HOH HOH A . 
G 4 HOH 115 516 117 HOH HOH A . 
G 4 HOH 116 517 118 HOH HOH A . 
G 4 HOH 117 518 119 HOH HOH A . 
G 4 HOH 118 519 120 HOH HOH A . 
G 4 HOH 119 520 121 HOH HOH A . 
G 4 HOH 120 521 122 HOH HOH A . 
G 4 HOH 121 522 123 HOH HOH A . 
G 4 HOH 122 523 124 HOH HOH A . 
G 4 HOH 123 524 125 HOH HOH A . 
G 4 HOH 124 525 126 HOH HOH A . 
G 4 HOH 125 526 127 HOH HOH A . 
G 4 HOH 126 527 128 HOH HOH A . 
G 4 HOH 127 528 129 HOH HOH A . 
G 4 HOH 128 529 130 HOH HOH A . 
G 4 HOH 129 530 131 HOH HOH A . 
G 4 HOH 130 531 132 HOH HOH A . 
G 4 HOH 131 532 133 HOH HOH A . 
G 4 HOH 132 533 134 HOH HOH A . 
G 4 HOH 133 534 135 HOH HOH A . 
G 4 HOH 134 535 136 HOH HOH A . 
G 4 HOH 135 536 137 HOH HOH A . 
G 4 HOH 136 537 138 HOH HOH A . 
G 4 HOH 137 538 139 HOH HOH A . 
G 4 HOH 138 539 140 HOH HOH A . 
G 4 HOH 139 540 141 HOH HOH A . 
G 4 HOH 140 541 142 HOH HOH A . 
G 4 HOH 141 542 143 HOH HOH A . 
G 4 HOH 142 543 144 HOH HOH A . 
G 4 HOH 143 544 145 HOH HOH A . 
G 4 HOH 144 545 146 HOH HOH A . 
G 4 HOH 145 546 147 HOH HOH A . 
G 4 HOH 146 547 148 HOH HOH A . 
G 4 HOH 147 548 149 HOH HOH A . 
G 4 HOH 148 549 150 HOH HOH A . 
G 4 HOH 149 550 151 HOH HOH A . 
G 4 HOH 150 551 152 HOH HOH A . 
G 4 HOH 151 552 153 HOH HOH A . 
G 4 HOH 152 553 154 HOH HOH A . 
G 4 HOH 153 554 155 HOH HOH A . 
G 4 HOH 154 555 156 HOH HOH A . 
G 4 HOH 155 556 157 HOH HOH A . 
G 4 HOH 156 557 158 HOH HOH A . 
G 4 HOH 157 558 159 HOH HOH A . 
G 4 HOH 158 559 160 HOH HOH A . 
G 4 HOH 159 560 161 HOH HOH A . 
G 4 HOH 160 561 162 HOH HOH A . 
G 4 HOH 161 562 163 HOH HOH A . 
G 4 HOH 162 563 164 HOH HOH A . 
G 4 HOH 163 564 165 HOH HOH A . 
G 4 HOH 164 565 167 HOH HOH A . 
G 4 HOH 165 566 168 HOH HOH A . 
G 4 HOH 166 567 169 HOH HOH A . 
G 4 HOH 167 568 170 HOH HOH A . 
G 4 HOH 168 569 171 HOH HOH A . 
G 4 HOH 169 570 172 HOH HOH A . 
G 4 HOH 170 571 173 HOH HOH A . 
G 4 HOH 171 572 174 HOH HOH A . 
G 4 HOH 172 573 175 HOH HOH A . 
G 4 HOH 173 574 176 HOH HOH A . 
G 4 HOH 174 575 177 HOH HOH A . 
G 4 HOH 175 576 178 HOH HOH A . 
G 4 HOH 176 577 179 HOH HOH A . 
G 4 HOH 177 578 180 HOH HOH A . 
G 4 HOH 178 579 181 HOH HOH A . 
G 4 HOH 179 580 182 HOH HOH A . 
G 4 HOH 180 581 183 HOH HOH A . 
G 4 HOH 181 582 184 HOH HOH A . 
G 4 HOH 182 583 185 HOH HOH A . 
G 4 HOH 183 584 186 HOH HOH A . 
G 4 HOH 184 585 187 HOH HOH A . 
G 4 HOH 185 586 188 HOH HOH A . 
G 4 HOH 186 587 189 HOH HOH A . 
G 4 HOH 187 588 190 HOH HOH A . 
G 4 HOH 188 589 191 HOH HOH A . 
G 4 HOH 189 590 192 HOH HOH A . 
G 4 HOH 190 591 193 HOH HOH A . 
G 4 HOH 191 592 194 HOH HOH A . 
G 4 HOH 192 593 195 HOH HOH A . 
G 4 HOH 193 594 196 HOH HOH A . 
G 4 HOH 194 595 197 HOH HOH A . 
G 4 HOH 195 596 198 HOH HOH A . 
G 4 HOH 196 597 199 HOH HOH A . 
G 4 HOH 197 598 200 HOH HOH A . 
G 4 HOH 198 599 201 HOH HOH A . 
G 4 HOH 199 600 202 HOH HOH A . 
G 4 HOH 200 601 203 HOH HOH A . 
G 4 HOH 201 602 204 HOH HOH A . 
G 4 HOH 202 603 205 HOH HOH A . 
G 4 HOH 203 604 206 HOH HOH A . 
G 4 HOH 204 605 207 HOH HOH A . 
# 
loop_
_software.name 
_software.classification 
_software.version 
_software.citation_id 
_software.pdbx_ordinal 
REFMAC    refinement        5.2.0005 ? 1 
HKL-2000  'data collection' .        ? 2 
HKL-2000  'data reduction'  .        ? 3 
SCALEPACK 'data scaling'    .        ? 4 
AMoRE     phasing           .        ? 5 
# 
_cell.entry_id           2Q1P 
_cell.length_a           52.150 
_cell.length_b           52.150 
_cell.length_c           47.611 
_cell.angle_alpha        90.00 
_cell.angle_beta         90.00 
_cell.angle_gamma        90.00 
_cell.Z_PDB              4 
_cell.pdbx_unique_axis   ? 
_cell.length_a_esd       ? 
_cell.length_b_esd       ? 
_cell.length_c_esd       ? 
_cell.angle_alpha_esd    ? 
_cell.angle_beta_esd     ? 
_cell.angle_gamma_esd    ? 
# 
_symmetry.entry_id                         2Q1P 
_symmetry.space_group_name_H-M             'P 43' 
_symmetry.pdbx_full_space_group_name_H-M   ? 
_symmetry.cell_setting                     ? 
_symmetry.Int_Tables_number                78 
_symmetry.space_group_name_Hall            ? 
# 
_exptl.entry_id          2Q1P 
_exptl.method            'X-RAY DIFFRACTION' 
_exptl.crystals_number   1 
# 
_exptl_crystal.id                    1 
_exptl_crystal.density_meas          ? 
_exptl_crystal.density_Matthews      2.37 
_exptl_crystal.density_percent_sol   48.19 
_exptl_crystal.description           ? 
_exptl_crystal.F_000                 ? 
_exptl_crystal.preparation           ? 
# 
_exptl_crystal_grow.crystal_id      1 
_exptl_crystal_grow.method          'VAPOR DIFFUSION, SITTING DROP' 
_exptl_crystal_grow.temp            300 
_exptl_crystal_grow.temp_details    ? 
_exptl_crystal_grow.pH              6.8 
_exptl_crystal_grow.pdbx_details    '0.2M ammonium sulphate, 30% PEG 4000, pH 6.8, VAPOR DIFFUSION, SITTING DROP, temperature 300K' 
_exptl_crystal_grow.pdbx_pH_range   . 
# 
_diffrn.id                     1 
_diffrn.ambient_temp           300 
_diffrn.ambient_temp_details   ? 
_diffrn.crystal_id             1 
# 
_diffrn_detector.diffrn_id              1 
_diffrn_detector.detector               CCD 
_diffrn_detector.type                   'MAR CCD 165 mm' 
_diffrn_detector.pdbx_collection_date   2007-03-21 
_diffrn_detector.details                mirror 
# 
_diffrn_radiation.diffrn_id                        1 
_diffrn_radiation.wavelength_id                    1 
_diffrn_radiation.pdbx_monochromatic_or_laue_m_l   M 
_diffrn_radiation.monochromator                    mirror 
_diffrn_radiation.pdbx_diffrn_protocol             'SINGLE WAVELENGTH' 
_diffrn_radiation.pdbx_scattering_type             x-ray 
# 
_diffrn_radiation_wavelength.id           1 
_diffrn_radiation_wavelength.wavelength   0.9012 
_diffrn_radiation_wavelength.wt           1.0 
# 
_diffrn_source.diffrn_id                   1 
_diffrn_source.source                      SYNCHROTRON 
_diffrn_source.type                        'EMBL/DESY, HAMBURG BEAMLINE X11' 
_diffrn_source.pdbx_synchrotron_site       'EMBL/DESY, HAMBURG' 
_diffrn_source.pdbx_synchrotron_beamline   X11 
_diffrn_source.pdbx_wavelength             ? 
_diffrn_source.pdbx_wavelength_list        0.9012 
# 
_reflns.entry_id                     2Q1P 
_reflns.observed_criterion_sigma_F   0.00 
_reflns.observed_criterion_sigma_I   0.00 
_reflns.d_resolution_high            1.5 
_reflns.d_resolution_low             25.0 
_reflns.number_all                   20479 
_reflns.number_obs                   20479 
_reflns.percent_possible_obs         100 
_reflns.pdbx_Rmerge_I_obs            ? 
_reflns.pdbx_Rsym_value              0.046 
_reflns.pdbx_netI_over_sigmaI        60.2 
_reflns.B_iso_Wilson_estimate        22.2 
_reflns.pdbx_redundancy              41.6 
_reflns.R_free_details               ? 
_reflns.limit_h_max                  ? 
_reflns.limit_h_min                  ? 
_reflns.limit_k_max                  ? 
_reflns.limit_k_min                  ? 
_reflns.limit_l_max                  ? 
_reflns.limit_l_min                  ? 
_reflns.observed_criterion_F_max     ? 
_reflns.observed_criterion_F_min     ? 
_reflns.pdbx_chi_squared             ? 
_reflns.pdbx_scaling_rejects         ? 
_reflns.pdbx_diffrn_id               1 
_reflns.pdbx_ordinal                 1 
# 
_reflns_shell.d_res_high             1.50 
_reflns_shell.d_res_low              1.53 
_reflns_shell.percent_possible_all   99.8 
_reflns_shell.Rmerge_I_obs           ? 
_reflns_shell.pdbx_Rsym_value        0.534 
_reflns_shell.meanI_over_sigI_obs    6.1 
_reflns_shell.pdbx_redundancy        ? 
_reflns_shell.percent_possible_obs   ? 
_reflns_shell.number_unique_all      ? 
_reflns_shell.number_measured_all    ? 
_reflns_shell.number_measured_obs    ? 
_reflns_shell.number_unique_obs      ? 
_reflns_shell.pdbx_chi_squared       ? 
_reflns_shell.pdbx_diffrn_id         ? 
_reflns_shell.pdbx_ordinal           1 
# 
_refine.entry_id                                 2Q1P 
_refine.ls_number_reflns_obs                     19431 
_refine.ls_number_reflns_all                     20479 
_refine.pdbx_ls_sigma_I                          0.00 
_refine.pdbx_ls_sigma_F                          0.00 
_refine.pdbx_data_cutoff_high_absF               ? 
_refine.pdbx_data_cutoff_low_absF                ? 
_refine.pdbx_data_cutoff_high_rms_absF           ? 
_refine.ls_d_res_low                             25.00 
_refine.ls_d_res_high                            1.50 
_refine.ls_percent_reflns_obs                    99.45 
_refine.ls_R_factor_obs                          0.19199 
_refine.ls_R_factor_all                          0.19232 
_refine.ls_R_factor_R_work                       0.19128 
_refine.ls_R_factor_R_free                       0.20533 
_refine.ls_R_factor_R_free_error                 ? 
_refine.ls_R_factor_R_free_error_details         ? 
_refine.ls_percent_reflns_R_free                 5.1 
_refine.ls_number_reflns_R_free                  1048 
_refine.ls_number_parameters                     ? 
_refine.ls_number_restraints                     ? 
_refine.occupancy_min                            ? 
_refine.occupancy_max                            ? 
_refine.correlation_coeff_Fo_to_Fc               0.963 
_refine.correlation_coeff_Fo_to_Fc_free          0.957 
_refine.B_iso_mean                               27.201 
_refine.aniso_B[1][1]                            0.30 
_refine.aniso_B[2][2]                            0.30 
_refine.aniso_B[3][3]                            -0.60 
_refine.aniso_B[1][2]                            0.00 
_refine.aniso_B[1][3]                            0.00 
_refine.aniso_B[2][3]                            0.00 
_refine.solvent_model_details                    MASK 
_refine.solvent_model_param_ksol                 ? 
_refine.solvent_model_param_bsol                 ? 
_refine.pdbx_solvent_vdw_probe_radii             1.20 
_refine.pdbx_solvent_ion_probe_radii             0.80 
_refine.pdbx_solvent_shrinkage_radii             0.80 
_refine.pdbx_ls_cross_valid_method               THROUGHOUT 
_refine.details                                  ? 
_refine.pdbx_starting_model                      2OYF 
_refine.pdbx_method_to_determine_struct          'MOLECULAR REPLACEMENT' 
_refine.pdbx_isotropic_thermal_model             ? 
_refine.pdbx_stereochemistry_target_values       'MAXIMUM LIKELIHOOD' 
_refine.pdbx_stereochem_target_val_spec_case     ? 
_refine.pdbx_R_Free_selection_details            RANDOM 
_refine.pdbx_overall_ESU_R                       0.082 
_refine.pdbx_overall_ESU_R_Free                  0.077 
_refine.overall_SU_ML                            0.050 
_refine.overall_SU_B                             1.301 
_refine.ls_redundancy_reflns_obs                 ? 
_refine.B_iso_min                                ? 
_refine.B_iso_max                                ? 
_refine.overall_SU_R_Cruickshank_DPI             ? 
_refine.overall_SU_R_free                        ? 
_refine.ls_wR_factor_R_free                      ? 
_refine.ls_wR_factor_R_work                      ? 
_refine.overall_FOM_free_R_set                   ? 
_refine.overall_FOM_work_R_set                   ? 
_refine.pdbx_refine_id                           'X-RAY DIFFRACTION' 
_refine.pdbx_diffrn_id                           1 
_refine.pdbx_TLS_residual_ADP_flag               ? 
_refine.pdbx_overall_phase_error                 ? 
_refine.pdbx_overall_SU_R_free_Cruickshank_DPI   ? 
_refine.pdbx_overall_SU_R_Blow_DPI               ? 
_refine.pdbx_overall_SU_R_free_Blow_DPI          ? 
# 
_refine_hist.pdbx_refine_id                   'X-RAY DIFFRACTION' 
_refine_hist.cycle_id                         LAST 
_refine_hist.pdbx_number_atoms_protein        944 
_refine_hist.pdbx_number_atoms_nucleic_acid   0 
_refine_hist.pdbx_number_atoms_ligand         24 
_refine_hist.number_atoms_solvent             204 
_refine_hist.number_atoms_total               1172 
_refine_hist.d_res_high                       1.50 
_refine_hist.d_res_low                        25.00 
# 
loop_
_refine_ls_restr.type 
_refine_ls_restr.dev_ideal 
_refine_ls_restr.dev_ideal_target 
_refine_ls_restr.weight 
_refine_ls_restr.number 
_refine_ls_restr.pdbx_refine_id 
_refine_ls_restr.pdbx_restraint_function 
r_bond_refined_d             0.011  0.022  ? 983  'X-RAY DIFFRACTION' ? 
r_bond_other_d               ?      ?      ? ?    'X-RAY DIFFRACTION' ? 
r_angle_refined_deg          1.385  2.002  ? 1313 'X-RAY DIFFRACTION' ? 
r_angle_other_deg            ?      ?      ? ?    'X-RAY DIFFRACTION' ? 
r_dihedral_angle_1_deg       5.475  5.000  ? 113  'X-RAY DIFFRACTION' ? 
r_dihedral_angle_2_deg       37.411 23.902 ? 41   'X-RAY DIFFRACTION' ? 
r_dihedral_angle_3_deg       12.910 15.000 ? 174  'X-RAY DIFFRACTION' ? 
r_dihedral_angle_4_deg       8.000  15.000 ? 5    'X-RAY DIFFRACTION' ? 
r_chiral_restr               0.079  0.200  ? 132  'X-RAY DIFFRACTION' ? 
r_gen_planes_refined         0.006  0.020  ? 701  'X-RAY DIFFRACTION' ? 
r_gen_planes_other           ?      ?      ? ?    'X-RAY DIFFRACTION' ? 
r_nbd_refined                0.347  0.200  ? 548  'X-RAY DIFFRACTION' ? 
r_nbd_other                  ?      ?      ? ?    'X-RAY DIFFRACTION' ? 
r_nbtor_refined              0.308  0.200  ? 659  'X-RAY DIFFRACTION' ? 
r_nbtor_other                ?      ?      ? ?    'X-RAY DIFFRACTION' ? 
r_xyhbond_nbd_refined        0.206  0.200  ? 133  'X-RAY DIFFRACTION' ? 
r_xyhbond_nbd_other          ?      ?      ? ?    'X-RAY DIFFRACTION' ? 
r_metal_ion_refined          ?      ?      ? ?    'X-RAY DIFFRACTION' ? 
r_metal_ion_other            ?      ?      ? ?    'X-RAY DIFFRACTION' ? 
r_symmetry_vdw_refined       0.160  0.200  ? 55   'X-RAY DIFFRACTION' ? 
r_symmetry_vdw_other         ?      ?      ? ?    'X-RAY DIFFRACTION' ? 
r_symmetry_hbond_refined     0.118  0.200  ? 18   'X-RAY DIFFRACTION' ? 
r_symmetry_hbond_other       ?      ?      ? ?    'X-RAY DIFFRACTION' ? 
r_symmetry_metal_ion_refined ?      ?      ? ?    'X-RAY DIFFRACTION' ? 
r_symmetry_metal_ion_other   ?      ?      ? ?    'X-RAY DIFFRACTION' ? 
r_mcbond_it                  1.041  1.500  ? 600  'X-RAY DIFFRACTION' ? 
r_mcbond_other               ?      ?      ? ?    'X-RAY DIFFRACTION' ? 
r_mcangle_it                 1.672  2.000  ? 936  'X-RAY DIFFRACTION' ? 
r_scbond_it                  2.125  3.000  ? 428  'X-RAY DIFFRACTION' ? 
r_scangle_it                 3.220  4.500  ? 377  'X-RAY DIFFRACTION' ? 
r_rigid_bond_restr           ?      ?      ? ?    'X-RAY DIFFRACTION' ? 
r_sphericity_free            ?      ?      ? ?    'X-RAY DIFFRACTION' ? 
r_sphericity_bonded          ?      ?      ? ?    'X-RAY DIFFRACTION' ? 
# 
_refine_ls_shell.pdbx_total_number_of_bins_used   20 
_refine_ls_shell.d_res_high                       1.5 
_refine_ls_shell.d_res_low                        1.538 
_refine_ls_shell.number_reflns_R_work             1439 
_refine_ls_shell.R_factor_R_work                  0.206 
_refine_ls_shell.percent_reflns_obs               99.09 
_refine_ls_shell.R_factor_R_free                  0.223 
_refine_ls_shell.R_factor_R_free_error            ? 
_refine_ls_shell.percent_reflns_R_free            ? 
_refine_ls_shell.number_reflns_R_free             78 
_refine_ls_shell.number_reflns_all                ? 
_refine_ls_shell.R_factor_all                     ? 
_refine_ls_shell.number_reflns_obs                ? 
_refine_ls_shell.redundancy_reflns_obs            ? 
_refine_ls_shell.pdbx_refine_id                   'X-RAY DIFFRACTION' 
# 
_struct.entry_id                  2Q1P 
_struct.title                     'Crystal Structure of Phospholipase A2 complex with propanol at 1.5 A resolution' 
_struct.pdbx_model_details        ? 
_struct.pdbx_CASP_flag            ? 
_struct.pdbx_model_type_details   ? 
# 
_struct_keywords.entry_id        2Q1P 
_struct_keywords.pdbx_keywords   HYDROLASE 
_struct_keywords.text            'phospholipase A2, propanol, hydrolase' 
# 
loop_
_struct_asym.id 
_struct_asym.pdbx_blank_PDB_chainid_flag 
_struct_asym.pdbx_modified 
_struct_asym.entity_id 
_struct_asym.details 
A N N 1 ? 
B N N 2 ? 
C N N 2 ? 
D N N 2 ? 
E N N 2 ? 
F N N 3 ? 
G N N 4 ? 
# 
_struct_ref.id                         1 
_struct_ref.db_name                    UNP 
_struct_ref.db_code                    PA28_DABRP 
_struct_ref.pdbx_db_accession          P59071 
_struct_ref.entity_id                  1 
_struct_ref.pdbx_seq_one_letter_code   
;SLLEFGKMILEETGKLAIPSYSSYGCYCGWGGKGTPKDATDRCCFVHDCCYGNLPDCNPKSDRYKYKRVNGAIVCEKGTS
CENRICECDKAAAICFRQNLNTYSKKYMLYPDFLCKGELKC
;
_struct_ref.pdbx_align_begin           1 
_struct_ref.pdbx_db_isoform            ? 
# 
_struct_ref_seq.align_id                      1 
_struct_ref_seq.ref_id                        1 
_struct_ref_seq.pdbx_PDB_id_code              2Q1P 
_struct_ref_seq.pdbx_strand_id                A 
_struct_ref_seq.seq_align_beg                 1 
_struct_ref_seq.pdbx_seq_align_beg_ins_code   ? 
_struct_ref_seq.seq_align_end                 121 
_struct_ref_seq.pdbx_seq_align_end_ins_code   ? 
_struct_ref_seq.pdbx_db_accession             P59071 
_struct_ref_seq.db_align_beg                  1 
_struct_ref_seq.pdbx_db_align_beg_ins_code    ? 
_struct_ref_seq.db_align_end                  121 
_struct_ref_seq.pdbx_db_align_end_ins_code    ? 
_struct_ref_seq.pdbx_auth_seq_align_beg       1 
_struct_ref_seq.pdbx_auth_seq_align_end       133 
# 
_pdbx_struct_assembly.id                   1 
_pdbx_struct_assembly.details              author_defined_assembly 
_pdbx_struct_assembly.method_details       ? 
_pdbx_struct_assembly.oligomeric_details   monomeric 
_pdbx_struct_assembly.oligomeric_count     1 
# 
_pdbx_struct_assembly_gen.assembly_id       1 
_pdbx_struct_assembly_gen.oper_expression   1 
_pdbx_struct_assembly_gen.asym_id_list      A,B,C,D,E,F,G 
# 
_pdbx_struct_oper_list.id                   1 
_pdbx_struct_oper_list.type                 'identity operation' 
_pdbx_struct_oper_list.name                 1_555 
_pdbx_struct_oper_list.symmetry_operation   x,y,z 
_pdbx_struct_oper_list.matrix[1][1]         1.0000000000 
_pdbx_struct_oper_list.matrix[1][2]         0.0000000000 
_pdbx_struct_oper_list.matrix[1][3]         0.0000000000 
_pdbx_struct_oper_list.vector[1]            0.0000000000 
_pdbx_struct_oper_list.matrix[2][1]         0.0000000000 
_pdbx_struct_oper_list.matrix[2][2]         1.0000000000 
_pdbx_struct_oper_list.matrix[2][3]         0.0000000000 
_pdbx_struct_oper_list.vector[2]            0.0000000000 
_pdbx_struct_oper_list.matrix[3][1]         0.0000000000 
_pdbx_struct_oper_list.matrix[3][2]         0.0000000000 
_pdbx_struct_oper_list.matrix[3][3]         1.0000000000 
_pdbx_struct_oper_list.vector[3]            0.0000000000 
# 
loop_
_struct_conf.conf_type_id 
_struct_conf.id 
_struct_conf.pdbx_PDB_helix_id 
_struct_conf.beg_label_comp_id 
_struct_conf.beg_label_asym_id 
_struct_conf.beg_label_seq_id 
_struct_conf.pdbx_beg_PDB_ins_code 
_struct_conf.end_label_comp_id 
_struct_conf.end_label_asym_id 
_struct_conf.end_label_seq_id 
_struct_conf.pdbx_end_PDB_ins_code 
_struct_conf.beg_auth_comp_id 
_struct_conf.beg_auth_asym_id 
_struct_conf.beg_auth_seq_id 
_struct_conf.end_auth_comp_id 
_struct_conf.end_auth_asym_id 
_struct_conf.end_auth_seq_id 
_struct_conf.pdbx_PDB_helix_class 
_struct_conf.details 
_struct_conf.pdbx_PDB_helix_length 
HELX_P HELX_P1 1 SER A 1   ? GLY A 14  ? SER A 1   GLY A 14  1 ? 14 
HELX_P HELX_P2 2 LEU A 16  ? TYR A 21  ? LEU A 17  TYR A 22  1 ? 6  
HELX_P HELX_P3 3 ASP A 38  ? ASN A 53  ? ASP A 39  ASN A 54  1 ? 16 
HELX_P HELX_P4 4 THR A 79  ? ASN A 99  ? THR A 89  ASN A 109 1 ? 21 
HELX_P HELX_P5 5 LEU A 100 ? TYR A 103 ? LEU A 110 TYR A 113 5 ? 4  
HELX_P HELX_P6 6 SER A 104 ? MET A 108 ? SER A 114 MET A 118 5 ? 5  
HELX_P HELX_P7 7 PRO A 111 ? CYS A 115 ? PRO A 121 CYS A 126 5 ? 5  
# 
_struct_conf_type.id          HELX_P 
_struct_conf_type.criteria    ? 
_struct_conf_type.reference   ? 
# 
loop_
_struct_conn.id 
_struct_conn.conn_type_id 
_struct_conn.pdbx_leaving_atom_flag 
_struct_conn.pdbx_PDB_id 
_struct_conn.ptnr1_label_asym_id 
_struct_conn.ptnr1_label_comp_id 
_struct_conn.ptnr1_label_seq_id 
_struct_conn.ptnr1_label_atom_id 
_struct_conn.pdbx_ptnr1_label_alt_id 
_struct_conn.pdbx_ptnr1_PDB_ins_code 
_struct_conn.pdbx_ptnr1_standard_comp_id 
_struct_conn.ptnr1_symmetry 
_struct_conn.ptnr2_label_asym_id 
_struct_conn.ptnr2_label_comp_id 
_struct_conn.ptnr2_label_seq_id 
_struct_conn.ptnr2_label_atom_id 
_struct_conn.pdbx_ptnr2_label_alt_id 
_struct_conn.pdbx_ptnr2_PDB_ins_code 
_struct_conn.ptnr1_auth_asym_id 
_struct_conn.ptnr1_auth_comp_id 
_struct_conn.ptnr1_auth_seq_id 
_struct_conn.ptnr2_auth_asym_id 
_struct_conn.ptnr2_auth_comp_id 
_struct_conn.ptnr2_auth_seq_id 
_struct_conn.ptnr2_symmetry 
_struct_conn.pdbx_ptnr3_label_atom_id 
_struct_conn.pdbx_ptnr3_label_seq_id 
_struct_conn.pdbx_ptnr3_label_comp_id 
_struct_conn.pdbx_ptnr3_label_asym_id 
_struct_conn.pdbx_ptnr3_label_alt_id 
_struct_conn.pdbx_ptnr3_PDB_ins_code 
_struct_conn.details 
_struct_conn.pdbx_dist_value 
_struct_conn.pdbx_value_order 
_struct_conn.pdbx_role 
disulf1 disulf ? ? A CYS 26 SG ? ? ? 1_555 A CYS 115 SG ? ? A CYS 27 A CYS 126 1_555 ? ? ? ? ? ? ? 2.050 ? ? 
disulf2 disulf ? ? A CYS 28 SG ? ? ? 1_555 A CYS 44  SG ? ? A CYS 29 A CYS 45  1_555 ? ? ? ? ? ? ? 2.048 ? ? 
disulf3 disulf ? ? A CYS 43 SG ? ? ? 1_555 A CYS 95  SG ? ? A CYS 44 A CYS 105 1_555 ? ? ? ? ? ? ? 2.034 ? ? 
disulf4 disulf ? ? A CYS 49 SG ? ? ? 1_555 A CYS 121 SG ? ? A CYS 50 A CYS 133 1_555 ? ? ? ? ? ? ? 2.023 ? ? 
disulf5 disulf ? ? A CYS 50 SG ? ? ? 1_555 A CYS 88  SG ? ? A CYS 51 A CYS 98  1_555 ? ? ? ? ? ? ? 2.023 ? ? 
disulf6 disulf ? ? A CYS 57 SG ? ? ? 1_555 A CYS 81  SG ? ? A CYS 61 A CYS 91  1_555 ? ? ? ? ? ? ? 2.042 ? ? 
disulf7 disulf ? ? A CYS 75 SG ? ? ? 1_555 A CYS 86  SG ? ? A CYS 84 A CYS 96  1_555 ? ? ? ? ? ? ? 2.057 ? ? 
# 
_struct_conn_type.id          disulf 
_struct_conn_type.criteria    ? 
_struct_conn_type.reference   ? 
# 
loop_
_pdbx_modification_feature.ordinal 
_pdbx_modification_feature.label_comp_id 
_pdbx_modification_feature.label_asym_id 
_pdbx_modification_feature.label_seq_id 
_pdbx_modification_feature.label_alt_id 
_pdbx_modification_feature.modified_residue_label_comp_id 
_pdbx_modification_feature.modified_residue_label_asym_id 
_pdbx_modification_feature.modified_residue_label_seq_id 
_pdbx_modification_feature.modified_residue_label_alt_id 
_pdbx_modification_feature.auth_comp_id 
_pdbx_modification_feature.auth_asym_id 
_pdbx_modification_feature.auth_seq_id 
_pdbx_modification_feature.PDB_ins_code 
_pdbx_modification_feature.symmetry 
_pdbx_modification_feature.modified_residue_auth_comp_id 
_pdbx_modification_feature.modified_residue_auth_asym_id 
_pdbx_modification_feature.modified_residue_auth_seq_id 
_pdbx_modification_feature.modified_residue_PDB_ins_code 
_pdbx_modification_feature.modified_residue_symmetry 
_pdbx_modification_feature.comp_id_linking_atom 
_pdbx_modification_feature.modified_residue_id_linking_atom 
_pdbx_modification_feature.modified_residue_id 
_pdbx_modification_feature.ref_pcm_id 
_pdbx_modification_feature.ref_comp_id 
_pdbx_modification_feature.type 
_pdbx_modification_feature.category 
1 CYS A 26 ? CYS A 115 ? CYS A 27 ? 1_555 CYS A 126 ? 1_555 SG SG . . . None 'Disulfide bridge' 
2 CYS A 28 ? CYS A 44  ? CYS A 29 ? 1_555 CYS A 45  ? 1_555 SG SG . . . None 'Disulfide bridge' 
3 CYS A 43 ? CYS A 95  ? CYS A 44 ? 1_555 CYS A 105 ? 1_555 SG SG . . . None 'Disulfide bridge' 
4 CYS A 49 ? CYS A 121 ? CYS A 50 ? 1_555 CYS A 133 ? 1_555 SG SG . . . None 'Disulfide bridge' 
5 CYS A 50 ? CYS A 88  ? CYS A 51 ? 1_555 CYS A 98  ? 1_555 SG SG . . . None 'Disulfide bridge' 
6 CYS A 57 ? CYS A 81  ? CYS A 61 ? 1_555 CYS A 91  ? 1_555 SG SG . . . None 'Disulfide bridge' 
7 CYS A 75 ? CYS A 86  ? CYS A 84 ? 1_555 CYS A 96  ? 1_555 SG SG . . . None 'Disulfide bridge' 
# 
_struct_mon_prot_cis.pdbx_id                1 
_struct_mon_prot_cis.label_comp_id          ILE 
_struct_mon_prot_cis.label_seq_id           18 
_struct_mon_prot_cis.label_asym_id          A 
_struct_mon_prot_cis.label_alt_id           . 
_struct_mon_prot_cis.pdbx_PDB_ins_code      ? 
_struct_mon_prot_cis.auth_comp_id           ILE 
_struct_mon_prot_cis.auth_seq_id            19 
_struct_mon_prot_cis.auth_asym_id           A 
_struct_mon_prot_cis.pdbx_label_comp_id_2   PRO 
_struct_mon_prot_cis.pdbx_label_seq_id_2    19 
_struct_mon_prot_cis.pdbx_label_asym_id_2   A 
_struct_mon_prot_cis.pdbx_PDB_ins_code_2    ? 
_struct_mon_prot_cis.pdbx_auth_comp_id_2    PRO 
_struct_mon_prot_cis.pdbx_auth_seq_id_2     20 
_struct_mon_prot_cis.pdbx_auth_asym_id_2    A 
_struct_mon_prot_cis.pdbx_PDB_model_num     1 
_struct_mon_prot_cis.pdbx_omega_angle       8.75 
# 
_struct_sheet.id               A 
_struct_sheet.type             ? 
_struct_sheet.number_strands   2 
_struct_sheet.details          ? 
# 
_struct_sheet_order.sheet_id     A 
_struct_sheet_order.range_id_1   1 
_struct_sheet_order.range_id_2   2 
_struct_sheet_order.offset       ? 
_struct_sheet_order.sense        anti-parallel 
# 
loop_
_struct_sheet_range.sheet_id 
_struct_sheet_range.id 
_struct_sheet_range.beg_label_comp_id 
_struct_sheet_range.beg_label_asym_id 
_struct_sheet_range.beg_label_seq_id 
_struct_sheet_range.pdbx_beg_PDB_ins_code 
_struct_sheet_range.end_label_comp_id 
_struct_sheet_range.end_label_asym_id 
_struct_sheet_range.end_label_seq_id 
_struct_sheet_range.pdbx_end_PDB_ins_code 
_struct_sheet_range.beg_auth_comp_id 
_struct_sheet_range.beg_auth_asym_id 
_struct_sheet_range.beg_auth_seq_id 
_struct_sheet_range.end_auth_comp_id 
_struct_sheet_range.end_auth_asym_id 
_struct_sheet_range.end_auth_seq_id 
A 1 TYR A 66 ? VAL A 69 ? TYR A 75 VAL A 78 
A 2 ALA A 72 ? CYS A 75 ? ALA A 81 CYS A 84 
# 
_pdbx_struct_sheet_hbond.sheet_id                A 
_pdbx_struct_sheet_hbond.range_id_1              1 
_pdbx_struct_sheet_hbond.range_id_2              2 
_pdbx_struct_sheet_hbond.range_1_label_atom_id   N 
_pdbx_struct_sheet_hbond.range_1_label_comp_id   LYS 
_pdbx_struct_sheet_hbond.range_1_label_asym_id   A 
_pdbx_struct_sheet_hbond.range_1_label_seq_id    67 
_pdbx_struct_sheet_hbond.range_1_PDB_ins_code    ? 
_pdbx_struct_sheet_hbond.range_1_auth_atom_id    N 
_pdbx_struct_sheet_hbond.range_1_auth_comp_id    LYS 
_pdbx_struct_sheet_hbond.range_1_auth_asym_id    A 
_pdbx_struct_sheet_hbond.range_1_auth_seq_id     76 
_pdbx_struct_sheet_hbond.range_2_label_atom_id   O 
_pdbx_struct_sheet_hbond.range_2_label_comp_id   VAL 
_pdbx_struct_sheet_hbond.range_2_label_asym_id   A 
_pdbx_struct_sheet_hbond.range_2_label_seq_id    74 
_pdbx_struct_sheet_hbond.range_2_PDB_ins_code    ? 
_pdbx_struct_sheet_hbond.range_2_auth_atom_id    O 
_pdbx_struct_sheet_hbond.range_2_auth_comp_id    VAL 
_pdbx_struct_sheet_hbond.range_2_auth_asym_id    A 
_pdbx_struct_sheet_hbond.range_2_auth_seq_id     83 
# 
loop_
_struct_site.id 
_struct_site.pdbx_evidence_code 
_struct_site.pdbx_auth_asym_id 
_struct_site.pdbx_auth_comp_id 
_struct_site.pdbx_auth_seq_id 
_struct_site.pdbx_auth_ins_code 
_struct_site.pdbx_num_residues 
_struct_site.details 
AC1 Software A SO4 301 ? 7 'BINDING SITE FOR RESIDUE SO4 A 301' 
AC2 Software A SO4 302 ? 6 'BINDING SITE FOR RESIDUE SO4 A 302' 
AC3 Software A SO4 303 ? 8 'BINDING SITE FOR RESIDUE SO4 A 303' 
AC4 Software A SO4 304 ? 5 'BINDING SITE FOR RESIDUE SO4 A 304' 
AC5 Software A POL 401 ? 2 'BINDING SITE FOR RESIDUE POL A 401' 
# 
loop_
_struct_site_gen.id 
_struct_site_gen.site_id 
_struct_site_gen.pdbx_num_res 
_struct_site_gen.label_comp_id 
_struct_site_gen.label_asym_id 
_struct_site_gen.label_seq_id 
_struct_site_gen.pdbx_auth_ins_code 
_struct_site_gen.auth_comp_id 
_struct_site_gen.auth_asym_id 
_struct_site_gen.auth_seq_id 
_struct_site_gen.label_atom_id 
_struct_site_gen.label_alt_id 
_struct_site_gen.symmetry 
_struct_site_gen.details 
1  AC1 7 SER A 1   ? SER A 1   . ? 1_555 ? 
2  AC1 7 LEU A 3   ? LEU A 3   . ? 1_555 ? 
3  AC1 7 ARG A 63  ? ARG A 72  . ? 1_555 ? 
4  AC1 7 HOH G .   ? HOH A 453 . ? 1_555 ? 
5  AC1 7 HOH G .   ? HOH A 464 . ? 1_555 ? 
6  AC1 7 HOH G .   ? HOH A 467 . ? 1_555 ? 
7  AC1 7 HOH G .   ? HOH A 599 . ? 1_555 ? 
8  AC2 6 LYS A 37  ? LYS A 38  . ? 1_555 ? 
9  AC2 6 ASP A 38  ? ASP A 39  . ? 1_555 ? 
10 AC2 6 ARG A 42  ? ARG A 43  . ? 1_555 ? 
11 AC2 6 HOH G .   ? HOH A 420 . ? 1_555 ? 
12 AC2 6 HOH G .   ? HOH A 523 . ? 1_555 ? 
13 AC2 6 HOH G .   ? HOH A 574 . ? 1_555 ? 
14 AC3 8 GLU A 4   ? GLU A 4   . ? 1_555 ? 
15 AC3 8 ARG A 63  ? ARG A 72  . ? 1_555 ? 
16 AC3 8 LYS A 65  ? LYS A 74  . ? 1_555 ? 
17 AC3 8 HOH G .   ? HOH A 457 . ? 1_555 ? 
18 AC3 8 HOH G .   ? HOH A 464 . ? 1_555 ? 
19 AC3 8 HOH G .   ? HOH A 468 . ? 1_555 ? 
20 AC3 8 HOH G .   ? HOH A 533 . ? 1_555 ? 
21 AC3 8 HOH G .   ? HOH A 576 . ? 1_555 ? 
22 AC4 5 TYR A 103 ? TYR A 113 . ? 1_555 ? 
23 AC4 5 SER A 104 ? SER A 114 . ? 1_555 ? 
24 AC4 5 LYS A 105 ? LYS A 115 . ? 1_555 ? 
25 AC4 5 LYS A 120 ? LYS A 131 . ? 4_655 ? 
26 AC4 5 HOH G .   ? HOH A 567 . ? 1_555 ? 
27 AC5 2 LEU A 3   ? LEU A 3   . ? 1_555 ? 
28 AC5 2 ILE A 18  ? ILE A 19  . ? 1_555 ? 
# 
_pdbx_entry_details.entry_id                   2Q1P 
_pdbx_entry_details.compound_details           ? 
_pdbx_entry_details.source_details             ? 
_pdbx_entry_details.nonpolymer_details         ? 
_pdbx_entry_details.sequence_details           ? 
_pdbx_entry_details.has_ligand_of_interest     ? 
_pdbx_entry_details.has_protein_modification   Y 
# 
loop_
_pdbx_validate_rmsd_bond.id 
_pdbx_validate_rmsd_bond.PDB_model_num 
_pdbx_validate_rmsd_bond.auth_atom_id_1 
_pdbx_validate_rmsd_bond.auth_asym_id_1 
_pdbx_validate_rmsd_bond.auth_comp_id_1 
_pdbx_validate_rmsd_bond.auth_seq_id_1 
_pdbx_validate_rmsd_bond.PDB_ins_code_1 
_pdbx_validate_rmsd_bond.label_alt_id_1 
_pdbx_validate_rmsd_bond.auth_atom_id_2 
_pdbx_validate_rmsd_bond.auth_asym_id_2 
_pdbx_validate_rmsd_bond.auth_comp_id_2 
_pdbx_validate_rmsd_bond.auth_seq_id_2 
_pdbx_validate_rmsd_bond.PDB_ins_code_2 
_pdbx_validate_rmsd_bond.label_alt_id_2 
_pdbx_validate_rmsd_bond.bond_value 
_pdbx_validate_rmsd_bond.bond_target_value 
_pdbx_validate_rmsd_bond.bond_deviation 
_pdbx_validate_rmsd_bond.bond_standard_deviation 
_pdbx_validate_rmsd_bond.linker_flag 
1 1 C A PRO 56  ? ? N A ASP 59  ? ? 1.478 1.336 0.142 0.023 Y 
2 1 C A LYS 131 ? ? N A CYS 133 ? ? 1.491 1.336 0.155 0.023 Y 
# 
loop_
_pdbx_validate_rmsd_angle.id 
_pdbx_validate_rmsd_angle.PDB_model_num 
_pdbx_validate_rmsd_angle.auth_atom_id_1 
_pdbx_validate_rmsd_angle.auth_asym_id_1 
_pdbx_validate_rmsd_angle.auth_comp_id_1 
_pdbx_validate_rmsd_angle.auth_seq_id_1 
_pdbx_validate_rmsd_angle.PDB_ins_code_1 
_pdbx_validate_rmsd_angle.label_alt_id_1 
_pdbx_validate_rmsd_angle.auth_atom_id_2 
_pdbx_validate_rmsd_angle.auth_asym_id_2 
_pdbx_validate_rmsd_angle.auth_comp_id_2 
_pdbx_validate_rmsd_angle.auth_seq_id_2 
_pdbx_validate_rmsd_angle.PDB_ins_code_2 
_pdbx_validate_rmsd_angle.label_alt_id_2 
_pdbx_validate_rmsd_angle.auth_atom_id_3 
_pdbx_validate_rmsd_angle.auth_asym_id_3 
_pdbx_validate_rmsd_angle.auth_comp_id_3 
_pdbx_validate_rmsd_angle.auth_seq_id_3 
_pdbx_validate_rmsd_angle.PDB_ins_code_3 
_pdbx_validate_rmsd_angle.label_alt_id_3 
_pdbx_validate_rmsd_angle.angle_value 
_pdbx_validate_rmsd_angle.angle_target_value 
_pdbx_validate_rmsd_angle.angle_deviation 
_pdbx_validate_rmsd_angle.angle_standard_deviation 
_pdbx_validate_rmsd_angle.linker_flag 
1 1 N A GLY 80  ? ? CA A GLY 80  ? ? C A GLY 80  ? ? 133.66 113.10 20.56  2.50 N 
2 1 N A TYR 113 ? ? CA A TYR 113 ? ? C A TYR 113 ? ? 93.00  111.00 -18.00 2.70 N 
# 
loop_
_pdbx_validate_torsion.id 
_pdbx_validate_torsion.PDB_model_num 
_pdbx_validate_torsion.auth_comp_id 
_pdbx_validate_torsion.auth_asym_id 
_pdbx_validate_torsion.auth_seq_id 
_pdbx_validate_torsion.PDB_ins_code 
_pdbx_validate_torsion.label_alt_id 
_pdbx_validate_torsion.phi 
_pdbx_validate_torsion.psi 
1 1 SER A 24 ? ? -146.40 34.79   
2 1 TRP A 31 ? ? -148.78 -12.90  
3 1 ASN A 79 ? ? 59.20   -140.65 
# 
_pdbx_validate_peptide_omega.id               1 
_pdbx_validate_peptide_omega.PDB_model_num    1 
_pdbx_validate_peptide_omega.auth_comp_id_1   ASN 
_pdbx_validate_peptide_omega.auth_asym_id_1   A 
_pdbx_validate_peptide_omega.auth_seq_id_1    79 
_pdbx_validate_peptide_omega.PDB_ins_code_1   ? 
_pdbx_validate_peptide_omega.label_alt_id_1   ? 
_pdbx_validate_peptide_omega.auth_comp_id_2   GLY 
_pdbx_validate_peptide_omega.auth_asym_id_2   A 
_pdbx_validate_peptide_omega.auth_seq_id_2    80 
_pdbx_validate_peptide_omega.PDB_ins_code_2   ? 
_pdbx_validate_peptide_omega.label_alt_id_2   ? 
_pdbx_validate_peptide_omega.omega            145.49 
# 
loop_
_chem_comp_atom.comp_id 
_chem_comp_atom.atom_id 
_chem_comp_atom.type_symbol 
_chem_comp_atom.pdbx_aromatic_flag 
_chem_comp_atom.pdbx_stereo_config 
_chem_comp_atom.pdbx_ordinal 
ALA N    N N N 1   
ALA CA   C N S 2   
ALA C    C N N 3   
ALA O    O N N 4   
ALA CB   C N N 5   
ALA OXT  O N N 6   
ALA H    H N N 7   
ALA H2   H N N 8   
ALA HA   H N N 9   
ALA HB1  H N N 10  
ALA HB2  H N N 11  
ALA HB3  H N N 12  
ALA HXT  H N N 13  
ARG N    N N N 14  
ARG CA   C N S 15  
ARG C    C N N 16  
ARG O    O N N 17  
ARG CB   C N N 18  
ARG CG   C N N 19  
ARG CD   C N N 20  
ARG NE   N N N 21  
ARG CZ   C N N 22  
ARG NH1  N N N 23  
ARG NH2  N N N 24  
ARG OXT  O N N 25  
ARG H    H N N 26  
ARG H2   H N N 27  
ARG HA   H N N 28  
ARG HB2  H N N 29  
ARG HB3  H N N 30  
ARG HG2  H N N 31  
ARG HG3  H N N 32  
ARG HD2  H N N 33  
ARG HD3  H N N 34  
ARG HE   H N N 35  
ARG HH11 H N N 36  
ARG HH12 H N N 37  
ARG HH21 H N N 38  
ARG HH22 H N N 39  
ARG HXT  H N N 40  
ASN N    N N N 41  
ASN CA   C N S 42  
ASN C    C N N 43  
ASN O    O N N 44  
ASN CB   C N N 45  
ASN CG   C N N 46  
ASN OD1  O N N 47  
ASN ND2  N N N 48  
ASN OXT  O N N 49  
ASN H    H N N 50  
ASN H2   H N N 51  
ASN HA   H N N 52  
ASN HB2  H N N 53  
ASN HB3  H N N 54  
ASN HD21 H N N 55  
ASN HD22 H N N 56  
ASN HXT  H N N 57  
ASP N    N N N 58  
ASP CA   C N S 59  
ASP C    C N N 60  
ASP O    O N N 61  
ASP CB   C N N 62  
ASP CG   C N N 63  
ASP OD1  O N N 64  
ASP OD2  O N N 65  
ASP OXT  O N N 66  
ASP H    H N N 67  
ASP H2   H N N 68  
ASP HA   H N N 69  
ASP HB2  H N N 70  
ASP HB3  H N N 71  
ASP HD2  H N N 72  
ASP HXT  H N N 73  
CYS N    N N N 74  
CYS CA   C N R 75  
CYS C    C N N 76  
CYS O    O N N 77  
CYS CB   C N N 78  
CYS SG   S N N 79  
CYS OXT  O N N 80  
CYS H    H N N 81  
CYS H2   H N N 82  
CYS HA   H N N 83  
CYS HB2  H N N 84  
CYS HB3  H N N 85  
CYS HG   H N N 86  
CYS HXT  H N N 87  
GLN N    N N N 88  
GLN CA   C N S 89  
GLN C    C N N 90  
GLN O    O N N 91  
GLN CB   C N N 92  
GLN CG   C N N 93  
GLN CD   C N N 94  
GLN OE1  O N N 95  
GLN NE2  N N N 96  
GLN OXT  O N N 97  
GLN H    H N N 98  
GLN H2   H N N 99  
GLN HA   H N N 100 
GLN HB2  H N N 101 
GLN HB3  H N N 102 
GLN HG2  H N N 103 
GLN HG3  H N N 104 
GLN HE21 H N N 105 
GLN HE22 H N N 106 
GLN HXT  H N N 107 
GLU N    N N N 108 
GLU CA   C N S 109 
GLU C    C N N 110 
GLU O    O N N 111 
GLU CB   C N N 112 
GLU CG   C N N 113 
GLU CD   C N N 114 
GLU OE1  O N N 115 
GLU OE2  O N N 116 
GLU OXT  O N N 117 
GLU H    H N N 118 
GLU H2   H N N 119 
GLU HA   H N N 120 
GLU HB2  H N N 121 
GLU HB3  H N N 122 
GLU HG2  H N N 123 
GLU HG3  H N N 124 
GLU HE2  H N N 125 
GLU HXT  H N N 126 
GLY N    N N N 127 
GLY CA   C N N 128 
GLY C    C N N 129 
GLY O    O N N 130 
GLY OXT  O N N 131 
GLY H    H N N 132 
GLY H2   H N N 133 
GLY HA2  H N N 134 
GLY HA3  H N N 135 
GLY HXT  H N N 136 
HIS N    N N N 137 
HIS CA   C N S 138 
HIS C    C N N 139 
HIS O    O N N 140 
HIS CB   C N N 141 
HIS CG   C Y N 142 
HIS ND1  N Y N 143 
HIS CD2  C Y N 144 
HIS CE1  C Y N 145 
HIS NE2  N Y N 146 
HIS OXT  O N N 147 
HIS H    H N N 148 
HIS H2   H N N 149 
HIS HA   H N N 150 
HIS HB2  H N N 151 
HIS HB3  H N N 152 
HIS HD1  H N N 153 
HIS HD2  H N N 154 
HIS HE1  H N N 155 
HIS HE2  H N N 156 
HIS HXT  H N N 157 
HOH O    O N N 158 
HOH H1   H N N 159 
HOH H2   H N N 160 
ILE N    N N N 161 
ILE CA   C N S 162 
ILE C    C N N 163 
ILE O    O N N 164 
ILE CB   C N S 165 
ILE CG1  C N N 166 
ILE CG2  C N N 167 
ILE CD1  C N N 168 
ILE OXT  O N N 169 
ILE H    H N N 170 
ILE H2   H N N 171 
ILE HA   H N N 172 
ILE HB   H N N 173 
ILE HG12 H N N 174 
ILE HG13 H N N 175 
ILE HG21 H N N 176 
ILE HG22 H N N 177 
ILE HG23 H N N 178 
ILE HD11 H N N 179 
ILE HD12 H N N 180 
ILE HD13 H N N 181 
ILE HXT  H N N 182 
LEU N    N N N 183 
LEU CA   C N S 184 
LEU C    C N N 185 
LEU O    O N N 186 
LEU CB   C N N 187 
LEU CG   C N N 188 
LEU CD1  C N N 189 
LEU CD2  C N N 190 
LEU OXT  O N N 191 
LEU H    H N N 192 
LEU H2   H N N 193 
LEU HA   H N N 194 
LEU HB2  H N N 195 
LEU HB3  H N N 196 
LEU HG   H N N 197 
LEU HD11 H N N 198 
LEU HD12 H N N 199 
LEU HD13 H N N 200 
LEU HD21 H N N 201 
LEU HD22 H N N 202 
LEU HD23 H N N 203 
LEU HXT  H N N 204 
LYS N    N N N 205 
LYS CA   C N S 206 
LYS C    C N N 207 
LYS O    O N N 208 
LYS CB   C N N 209 
LYS CG   C N N 210 
LYS CD   C N N 211 
LYS CE   C N N 212 
LYS NZ   N N N 213 
LYS OXT  O N N 214 
LYS H    H N N 215 
LYS H2   H N N 216 
LYS HA   H N N 217 
LYS HB2  H N N 218 
LYS HB3  H N N 219 
LYS HG2  H N N 220 
LYS HG3  H N N 221 
LYS HD2  H N N 222 
LYS HD3  H N N 223 
LYS HE2  H N N 224 
LYS HE3  H N N 225 
LYS HZ1  H N N 226 
LYS HZ2  H N N 227 
LYS HZ3  H N N 228 
LYS HXT  H N N 229 
MET N    N N N 230 
MET CA   C N S 231 
MET C    C N N 232 
MET O    O N N 233 
MET CB   C N N 234 
MET CG   C N N 235 
MET SD   S N N 236 
MET CE   C N N 237 
MET OXT  O N N 238 
MET H    H N N 239 
MET H2   H N N 240 
MET HA   H N N 241 
MET HB2  H N N 242 
MET HB3  H N N 243 
MET HG2  H N N 244 
MET HG3  H N N 245 
MET HE1  H N N 246 
MET HE2  H N N 247 
MET HE3  H N N 248 
MET HXT  H N N 249 
PHE N    N N N 250 
PHE CA   C N S 251 
PHE C    C N N 252 
PHE O    O N N 253 
PHE CB   C N N 254 
PHE CG   C Y N 255 
PHE CD1  C Y N 256 
PHE CD2  C Y N 257 
PHE CE1  C Y N 258 
PHE CE2  C Y N 259 
PHE CZ   C Y N 260 
PHE OXT  O N N 261 
PHE H    H N N 262 
PHE H2   H N N 263 
PHE HA   H N N 264 
PHE HB2  H N N 265 
PHE HB3  H N N 266 
PHE HD1  H N N 267 
PHE HD2  H N N 268 
PHE HE1  H N N 269 
PHE HE2  H N N 270 
PHE HZ   H N N 271 
PHE HXT  H N N 272 
POL O    O N N 273 
POL C1   C N N 274 
POL C2   C N N 275 
POL C3   C N N 276 
POL HO   H N N 277 
POL H11  H N N 278 
POL H12  H N N 279 
POL H21  H N N 280 
POL H22  H N N 281 
POL H31  H N N 282 
POL H32  H N N 283 
POL H33  H N N 284 
PRO N    N N N 285 
PRO CA   C N S 286 
PRO C    C N N 287 
PRO O    O N N 288 
PRO CB   C N N 289 
PRO CG   C N N 290 
PRO CD   C N N 291 
PRO OXT  O N N 292 
PRO H    H N N 293 
PRO HA   H N N 294 
PRO HB2  H N N 295 
PRO HB3  H N N 296 
PRO HG2  H N N 297 
PRO HG3  H N N 298 
PRO HD2  H N N 299 
PRO HD3  H N N 300 
PRO HXT  H N N 301 
SER N    N N N 302 
SER CA   C N S 303 
SER C    C N N 304 
SER O    O N N 305 
SER CB   C N N 306 
SER OG   O N N 307 
SER OXT  O N N 308 
SER H    H N N 309 
SER H2   H N N 310 
SER HA   H N N 311 
SER HB2  H N N 312 
SER HB3  H N N 313 
SER HG   H N N 314 
SER HXT  H N N 315 
SO4 S    S N N 316 
SO4 O1   O N N 317 
SO4 O2   O N N 318 
SO4 O3   O N N 319 
SO4 O4   O N N 320 
THR N    N N N 321 
THR CA   C N S 322 
THR C    C N N 323 
THR O    O N N 324 
THR CB   C N R 325 
THR OG1  O N N 326 
THR CG2  C N N 327 
THR OXT  O N N 328 
THR H    H N N 329 
THR H2   H N N 330 
THR HA   H N N 331 
THR HB   H N N 332 
THR HG1  H N N 333 
THR HG21 H N N 334 
THR HG22 H N N 335 
THR HG23 H N N 336 
THR HXT  H N N 337 
TRP N    N N N 338 
TRP CA   C N S 339 
TRP C    C N N 340 
TRP O    O N N 341 
TRP CB   C N N 342 
TRP CG   C Y N 343 
TRP CD1  C Y N 344 
TRP CD2  C Y N 345 
TRP NE1  N Y N 346 
TRP CE2  C Y N 347 
TRP CE3  C Y N 348 
TRP CZ2  C Y N 349 
TRP CZ3  C Y N 350 
TRP CH2  C Y N 351 
TRP OXT  O N N 352 
TRP H    H N N 353 
TRP H2   H N N 354 
TRP HA   H N N 355 
TRP HB2  H N N 356 
TRP HB3  H N N 357 
TRP HD1  H N N 358 
TRP HE1  H N N 359 
TRP HE3  H N N 360 
TRP HZ2  H N N 361 
TRP HZ3  H N N 362 
TRP HH2  H N N 363 
TRP HXT  H N N 364 
TYR N    N N N 365 
TYR CA   C N S 366 
TYR C    C N N 367 
TYR O    O N N 368 
TYR CB   C N N 369 
TYR CG   C Y N 370 
TYR CD1  C Y N 371 
TYR CD2  C Y N 372 
TYR CE1  C Y N 373 
TYR CE2  C Y N 374 
TYR CZ   C Y N 375 
TYR OH   O N N 376 
TYR OXT  O N N 377 
TYR H    H N N 378 
TYR H2   H N N 379 
TYR HA   H N N 380 
TYR HB2  H N N 381 
TYR HB3  H N N 382 
TYR HD1  H N N 383 
TYR HD2  H N N 384 
TYR HE1  H N N 385 
TYR HE2  H N N 386 
TYR HH   H N N 387 
TYR HXT  H N N 388 
VAL N    N N N 389 
VAL CA   C N S 390 
VAL C    C N N 391 
VAL O    O N N 392 
VAL CB   C N N 393 
VAL CG1  C N N 394 
VAL CG2  C N N 395 
VAL OXT  O N N 396 
VAL H    H N N 397 
VAL H2   H N N 398 
VAL HA   H N N 399 
VAL HB   H N N 400 
VAL HG11 H N N 401 
VAL HG12 H N N 402 
VAL HG13 H N N 403 
VAL HG21 H N N 404 
VAL HG22 H N N 405 
VAL HG23 H N N 406 
VAL HXT  H N N 407 
# 
loop_
_chem_comp_bond.comp_id 
_chem_comp_bond.atom_id_1 
_chem_comp_bond.atom_id_2 
_chem_comp_bond.value_order 
_chem_comp_bond.pdbx_aromatic_flag 
_chem_comp_bond.pdbx_stereo_config 
_chem_comp_bond.pdbx_ordinal 
ALA N   CA   sing N N 1   
ALA N   H    sing N N 2   
ALA N   H2   sing N N 3   
ALA CA  C    sing N N 4   
ALA CA  CB   sing N N 5   
ALA CA  HA   sing N N 6   
ALA C   O    doub N N 7   
ALA C   OXT  sing N N 8   
ALA CB  HB1  sing N N 9   
ALA CB  HB2  sing N N 10  
ALA CB  HB3  sing N N 11  
ALA OXT HXT  sing N N 12  
ARG N   CA   sing N N 13  
ARG N   H    sing N N 14  
ARG N   H2   sing N N 15  
ARG CA  C    sing N N 16  
ARG CA  CB   sing N N 17  
ARG CA  HA   sing N N 18  
ARG C   O    doub N N 19  
ARG C   OXT  sing N N 20  
ARG CB  CG   sing N N 21  
ARG CB  HB2  sing N N 22  
ARG CB  HB3  sing N N 23  
ARG CG  CD   sing N N 24  
ARG CG  HG2  sing N N 25  
ARG CG  HG3  sing N N 26  
ARG CD  NE   sing N N 27  
ARG CD  HD2  sing N N 28  
ARG CD  HD3  sing N N 29  
ARG NE  CZ   sing N N 30  
ARG NE  HE   sing N N 31  
ARG CZ  NH1  sing N N 32  
ARG CZ  NH2  doub N N 33  
ARG NH1 HH11 sing N N 34  
ARG NH1 HH12 sing N N 35  
ARG NH2 HH21 sing N N 36  
ARG NH2 HH22 sing N N 37  
ARG OXT HXT  sing N N 38  
ASN N   CA   sing N N 39  
ASN N   H    sing N N 40  
ASN N   H2   sing N N 41  
ASN CA  C    sing N N 42  
ASN CA  CB   sing N N 43  
ASN CA  HA   sing N N 44  
ASN C   O    doub N N 45  
ASN C   OXT  sing N N 46  
ASN CB  CG   sing N N 47  
ASN CB  HB2  sing N N 48  
ASN CB  HB3  sing N N 49  
ASN CG  OD1  doub N N 50  
ASN CG  ND2  sing N N 51  
ASN ND2 HD21 sing N N 52  
ASN ND2 HD22 sing N N 53  
ASN OXT HXT  sing N N 54  
ASP N   CA   sing N N 55  
ASP N   H    sing N N 56  
ASP N   H2   sing N N 57  
ASP CA  C    sing N N 58  
ASP CA  CB   sing N N 59  
ASP CA  HA   sing N N 60  
ASP C   O    doub N N 61  
ASP C   OXT  sing N N 62  
ASP CB  CG   sing N N 63  
ASP CB  HB2  sing N N 64  
ASP CB  HB3  sing N N 65  
ASP CG  OD1  doub N N 66  
ASP CG  OD2  sing N N 67  
ASP OD2 HD2  sing N N 68  
ASP OXT HXT  sing N N 69  
CYS N   CA   sing N N 70  
CYS N   H    sing N N 71  
CYS N   H2   sing N N 72  
CYS CA  C    sing N N 73  
CYS CA  CB   sing N N 74  
CYS CA  HA   sing N N 75  
CYS C   O    doub N N 76  
CYS C   OXT  sing N N 77  
CYS CB  SG   sing N N 78  
CYS CB  HB2  sing N N 79  
CYS CB  HB3  sing N N 80  
CYS SG  HG   sing N N 81  
CYS OXT HXT  sing N N 82  
GLN N   CA   sing N N 83  
GLN N   H    sing N N 84  
GLN N   H2   sing N N 85  
GLN CA  C    sing N N 86  
GLN CA  CB   sing N N 87  
GLN CA  HA   sing N N 88  
GLN C   O    doub N N 89  
GLN C   OXT  sing N N 90  
GLN CB  CG   sing N N 91  
GLN CB  HB2  sing N N 92  
GLN CB  HB3  sing N N 93  
GLN CG  CD   sing N N 94  
GLN CG  HG2  sing N N 95  
GLN CG  HG3  sing N N 96  
GLN CD  OE1  doub N N 97  
GLN CD  NE2  sing N N 98  
GLN NE2 HE21 sing N N 99  
GLN NE2 HE22 sing N N 100 
GLN OXT HXT  sing N N 101 
GLU N   CA   sing N N 102 
GLU N   H    sing N N 103 
GLU N   H2   sing N N 104 
GLU CA  C    sing N N 105 
GLU CA  CB   sing N N 106 
GLU CA  HA   sing N N 107 
GLU C   O    doub N N 108 
GLU C   OXT  sing N N 109 
GLU CB  CG   sing N N 110 
GLU CB  HB2  sing N N 111 
GLU CB  HB3  sing N N 112 
GLU CG  CD   sing N N 113 
GLU CG  HG2  sing N N 114 
GLU CG  HG3  sing N N 115 
GLU CD  OE1  doub N N 116 
GLU CD  OE2  sing N N 117 
GLU OE2 HE2  sing N N 118 
GLU OXT HXT  sing N N 119 
GLY N   CA   sing N N 120 
GLY N   H    sing N N 121 
GLY N   H2   sing N N 122 
GLY CA  C    sing N N 123 
GLY CA  HA2  sing N N 124 
GLY CA  HA3  sing N N 125 
GLY C   O    doub N N 126 
GLY C   OXT  sing N N 127 
GLY OXT HXT  sing N N 128 
HIS N   CA   sing N N 129 
HIS N   H    sing N N 130 
HIS N   H2   sing N N 131 
HIS CA  C    sing N N 132 
HIS CA  CB   sing N N 133 
HIS CA  HA   sing N N 134 
HIS C   O    doub N N 135 
HIS C   OXT  sing N N 136 
HIS CB  CG   sing N N 137 
HIS CB  HB2  sing N N 138 
HIS CB  HB3  sing N N 139 
HIS CG  ND1  sing Y N 140 
HIS CG  CD2  doub Y N 141 
HIS ND1 CE1  doub Y N 142 
HIS ND1 HD1  sing N N 143 
HIS CD2 NE2  sing Y N 144 
HIS CD2 HD2  sing N N 145 
HIS CE1 NE2  sing Y N 146 
HIS CE1 HE1  sing N N 147 
HIS NE2 HE2  sing N N 148 
HIS OXT HXT  sing N N 149 
HOH O   H1   sing N N 150 
HOH O   H2   sing N N 151 
ILE N   CA   sing N N 152 
ILE N   H    sing N N 153 
ILE N   H2   sing N N 154 
ILE CA  C    sing N N 155 
ILE CA  CB   sing N N 156 
ILE CA  HA   sing N N 157 
ILE C   O    doub N N 158 
ILE C   OXT  sing N N 159 
ILE CB  CG1  sing N N 160 
ILE CB  CG2  sing N N 161 
ILE CB  HB   sing N N 162 
ILE CG1 CD1  sing N N 163 
ILE CG1 HG12 sing N N 164 
ILE CG1 HG13 sing N N 165 
ILE CG2 HG21 sing N N 166 
ILE CG2 HG22 sing N N 167 
ILE CG2 HG23 sing N N 168 
ILE CD1 HD11 sing N N 169 
ILE CD1 HD12 sing N N 170 
ILE CD1 HD13 sing N N 171 
ILE OXT HXT  sing N N 172 
LEU N   CA   sing N N 173 
LEU N   H    sing N N 174 
LEU N   H2   sing N N 175 
LEU CA  C    sing N N 176 
LEU CA  CB   sing N N 177 
LEU CA  HA   sing N N 178 
LEU C   O    doub N N 179 
LEU C   OXT  sing N N 180 
LEU CB  CG   sing N N 181 
LEU CB  HB2  sing N N 182 
LEU CB  HB3  sing N N 183 
LEU CG  CD1  sing N N 184 
LEU CG  CD2  sing N N 185 
LEU CG  HG   sing N N 186 
LEU CD1 HD11 sing N N 187 
LEU CD1 HD12 sing N N 188 
LEU CD1 HD13 sing N N 189 
LEU CD2 HD21 sing N N 190 
LEU CD2 HD22 sing N N 191 
LEU CD2 HD23 sing N N 192 
LEU OXT HXT  sing N N 193 
LYS N   CA   sing N N 194 
LYS N   H    sing N N 195 
LYS N   H2   sing N N 196 
LYS CA  C    sing N N 197 
LYS CA  CB   sing N N 198 
LYS CA  HA   sing N N 199 
LYS C   O    doub N N 200 
LYS C   OXT  sing N N 201 
LYS CB  CG   sing N N 202 
LYS CB  HB2  sing N N 203 
LYS CB  HB3  sing N N 204 
LYS CG  CD   sing N N 205 
LYS CG  HG2  sing N N 206 
LYS CG  HG3  sing N N 207 
LYS CD  CE   sing N N 208 
LYS CD  HD2  sing N N 209 
LYS CD  HD3  sing N N 210 
LYS CE  NZ   sing N N 211 
LYS CE  HE2  sing N N 212 
LYS CE  HE3  sing N N 213 
LYS NZ  HZ1  sing N N 214 
LYS NZ  HZ2  sing N N 215 
LYS NZ  HZ3  sing N N 216 
LYS OXT HXT  sing N N 217 
MET N   CA   sing N N 218 
MET N   H    sing N N 219 
MET N   H2   sing N N 220 
MET CA  C    sing N N 221 
MET CA  CB   sing N N 222 
MET CA  HA   sing N N 223 
MET C   O    doub N N 224 
MET C   OXT  sing N N 225 
MET CB  CG   sing N N 226 
MET CB  HB2  sing N N 227 
MET CB  HB3  sing N N 228 
MET CG  SD   sing N N 229 
MET CG  HG2  sing N N 230 
MET CG  HG3  sing N N 231 
MET SD  CE   sing N N 232 
MET CE  HE1  sing N N 233 
MET CE  HE2  sing N N 234 
MET CE  HE3  sing N N 235 
MET OXT HXT  sing N N 236 
PHE N   CA   sing N N 237 
PHE N   H    sing N N 238 
PHE N   H2   sing N N 239 
PHE CA  C    sing N N 240 
PHE CA  CB   sing N N 241 
PHE CA  HA   sing N N 242 
PHE C   O    doub N N 243 
PHE C   OXT  sing N N 244 
PHE CB  CG   sing N N 245 
PHE CB  HB2  sing N N 246 
PHE CB  HB3  sing N N 247 
PHE CG  CD1  doub Y N 248 
PHE CG  CD2  sing Y N 249 
PHE CD1 CE1  sing Y N 250 
PHE CD1 HD1  sing N N 251 
PHE CD2 CE2  doub Y N 252 
PHE CD2 HD2  sing N N 253 
PHE CE1 CZ   doub Y N 254 
PHE CE1 HE1  sing N N 255 
PHE CE2 CZ   sing Y N 256 
PHE CE2 HE2  sing N N 257 
PHE CZ  HZ   sing N N 258 
PHE OXT HXT  sing N N 259 
POL O   C1   sing N N 260 
POL O   HO   sing N N 261 
POL C1  C2   sing N N 262 
POL C1  H11  sing N N 263 
POL C1  H12  sing N N 264 
POL C2  C3   sing N N 265 
POL C2  H21  sing N N 266 
POL C2  H22  sing N N 267 
POL C3  H31  sing N N 268 
POL C3  H32  sing N N 269 
POL C3  H33  sing N N 270 
PRO N   CA   sing N N 271 
PRO N   CD   sing N N 272 
PRO N   H    sing N N 273 
PRO CA  C    sing N N 274 
PRO CA  CB   sing N N 275 
PRO CA  HA   sing N N 276 
PRO C   O    doub N N 277 
PRO C   OXT  sing N N 278 
PRO CB  CG   sing N N 279 
PRO CB  HB2  sing N N 280 
PRO CB  HB3  sing N N 281 
PRO CG  CD   sing N N 282 
PRO CG  HG2  sing N N 283 
PRO CG  HG3  sing N N 284 
PRO CD  HD2  sing N N 285 
PRO CD  HD3  sing N N 286 
PRO OXT HXT  sing N N 287 
SER N   CA   sing N N 288 
SER N   H    sing N N 289 
SER N   H2   sing N N 290 
SER CA  C    sing N N 291 
SER CA  CB   sing N N 292 
SER CA  HA   sing N N 293 
SER C   O    doub N N 294 
SER C   OXT  sing N N 295 
SER CB  OG   sing N N 296 
SER CB  HB2  sing N N 297 
SER CB  HB3  sing N N 298 
SER OG  HG   sing N N 299 
SER OXT HXT  sing N N 300 
SO4 S   O1   doub N N 301 
SO4 S   O2   doub N N 302 
SO4 S   O3   sing N N 303 
SO4 S   O4   sing N N 304 
THR N   CA   sing N N 305 
THR N   H    sing N N 306 
THR N   H2   sing N N 307 
THR CA  C    sing N N 308 
THR CA  CB   sing N N 309 
THR CA  HA   sing N N 310 
THR C   O    doub N N 311 
THR C   OXT  sing N N 312 
THR CB  OG1  sing N N 313 
THR CB  CG2  sing N N 314 
THR CB  HB   sing N N 315 
THR OG1 HG1  sing N N 316 
THR CG2 HG21 sing N N 317 
THR CG2 HG22 sing N N 318 
THR CG2 HG23 sing N N 319 
THR OXT HXT  sing N N 320 
TRP N   CA   sing N N 321 
TRP N   H    sing N N 322 
TRP N   H2   sing N N 323 
TRP CA  C    sing N N 324 
TRP CA  CB   sing N N 325 
TRP CA  HA   sing N N 326 
TRP C   O    doub N N 327 
TRP C   OXT  sing N N 328 
TRP CB  CG   sing N N 329 
TRP CB  HB2  sing N N 330 
TRP CB  HB3  sing N N 331 
TRP CG  CD1  doub Y N 332 
TRP CG  CD2  sing Y N 333 
TRP CD1 NE1  sing Y N 334 
TRP CD1 HD1  sing N N 335 
TRP CD2 CE2  doub Y N 336 
TRP CD2 CE3  sing Y N 337 
TRP NE1 CE2  sing Y N 338 
TRP NE1 HE1  sing N N 339 
TRP CE2 CZ2  sing Y N 340 
TRP CE3 CZ3  doub Y N 341 
TRP CE3 HE3  sing N N 342 
TRP CZ2 CH2  doub Y N 343 
TRP CZ2 HZ2  sing N N 344 
TRP CZ3 CH2  sing Y N 345 
TRP CZ3 HZ3  sing N N 346 
TRP CH2 HH2  sing N N 347 
TRP OXT HXT  sing N N 348 
TYR N   CA   sing N N 349 
TYR N   H    sing N N 350 
TYR N   H2   sing N N 351 
TYR CA  C    sing N N 352 
TYR CA  CB   sing N N 353 
TYR CA  HA   sing N N 354 
TYR C   O    doub N N 355 
TYR C   OXT  sing N N 356 
TYR CB  CG   sing N N 357 
TYR CB  HB2  sing N N 358 
TYR CB  HB3  sing N N 359 
TYR CG  CD1  doub Y N 360 
TYR CG  CD2  sing Y N 361 
TYR CD1 CE1  sing Y N 362 
TYR CD1 HD1  sing N N 363 
TYR CD2 CE2  doub Y N 364 
TYR CD2 HD2  sing N N 365 
TYR CE1 CZ   doub Y N 366 
TYR CE1 HE1  sing N N 367 
TYR CE2 CZ   sing Y N 368 
TYR CE2 HE2  sing N N 369 
TYR CZ  OH   sing N N 370 
TYR OH  HH   sing N N 371 
TYR OXT HXT  sing N N 372 
VAL N   CA   sing N N 373 
VAL N   H    sing N N 374 
VAL N   H2   sing N N 375 
VAL CA  C    sing N N 376 
VAL CA  CB   sing N N 377 
VAL CA  HA   sing N N 378 
VAL C   O    doub N N 379 
VAL C   OXT  sing N N 380 
VAL CB  CG1  sing N N 381 
VAL CB  CG2  sing N N 382 
VAL CB  HB   sing N N 383 
VAL CG1 HG11 sing N N 384 
VAL CG1 HG12 sing N N 385 
VAL CG1 HG13 sing N N 386 
VAL CG2 HG21 sing N N 387 
VAL CG2 HG22 sing N N 388 
VAL CG2 HG23 sing N N 389 
VAL OXT HXT  sing N N 390 
# 
_pdbx_initial_refinement_model.id               1 
_pdbx_initial_refinement_model.entity_id_list   ? 
_pdbx_initial_refinement_model.type             'experimental model' 
_pdbx_initial_refinement_model.source_name      PDB 
_pdbx_initial_refinement_model.accession_code   2OYF 
_pdbx_initial_refinement_model.details          ? 
# 
_atom_sites.entry_id                    2Q1P 
_atom_sites.fract_transf_matrix[1][1]   0.00473350 
_atom_sites.fract_transf_matrix[1][2]   0.00957540 
_atom_sites.fract_transf_matrix[1][3]   -0.01592440 
_atom_sites.fract_transf_matrix[2][1]   -0.01481749 
_atom_sites.fract_transf_matrix[2][2]   0.01186099 
_atom_sites.fract_transf_matrix[2][3]   0.00272758 
_atom_sites.fract_transf_matrix[3][1]   0.01228183 
_atom_sites.fract_transf_matrix[3][2]   0.01274180 
_atom_sites.fract_transf_matrix[3][3]   0.01131244 
_atom_sites.fract_transf_vector[1]      0.338665 
_atom_sites.fract_transf_vector[2]      0.026725 
_atom_sites.fract_transf_vector[3]      -0.016037 
# 
loop_
_atom_type.symbol 
C 
N 
O 
S 
# 
loop_
_atom_site.group_PDB 
_atom_site.id 
_atom_site.type_symbol 
_atom_site.label_atom_id 
_atom_site.label_alt_id 
_atom_site.label_comp_id 
_atom_site.label_asym_id 
_atom_site.label_entity_id 
_atom_site.label_seq_id 
_atom_site.pdbx_PDB_ins_code 
_atom_site.Cartn_x 
_atom_site.Cartn_y 
_atom_site.Cartn_z 
_atom_site.occupancy 
_atom_site.B_iso_or_equiv 
_atom_site.pdbx_formal_charge 
_atom_site.auth_seq_id 
_atom_site.auth_comp_id 
_atom_site.auth_asym_id 
_atom_site.auth_atom_id 
_atom_site.pdbx_PDB_model_num 
ATOM   1    N N   . SER A 1 1   ? -10.649 1.369   3.653   1.00 19.05 ? 1   SER A N   1 
ATOM   2    C CA  . SER A 1 1   ? -11.118 0.939   2.311   1.00 19.85 ? 1   SER A CA  1 
ATOM   3    C C   . SER A 1 1   ? -10.124 1.344   1.239   1.00 19.98 ? 1   SER A C   1 
ATOM   4    O O   . SER A 1 1   ? -9.262  2.201   1.493   1.00 20.15 ? 1   SER A O   1 
ATOM   5    C CB  . SER A 1 1   ? -12.458 1.577   2.005   1.00 19.68 ? 1   SER A CB  1 
ATOM   6    O OG  . SER A 1 1   ? -12.299 2.978   1.830   1.00 21.59 ? 1   SER A OG  1 
ATOM   7    N N   . LEU A 1 2   ? -10.242 0.752   0.051   1.00 21.69 ? 2   LEU A N   1 
ATOM   8    C CA  . LEU A 1 2   ? -9.324  1.055   -1.045  1.00 23.09 ? 2   LEU A CA  1 
ATOM   9    C C   . LEU A 1 2   ? -9.350  2.537   -1.439  1.00 23.17 ? 2   LEU A C   1 
ATOM   10   O O   . LEU A 1 2   ? -8.302  3.136   -1.692  1.00 22.89 ? 2   LEU A O   1 
ATOM   11   C CB  . LEU A 1 2   ? -9.637  0.163   -2.248  1.00 23.70 ? 2   LEU A CB  1 
ATOM   12   C CG  . LEU A 1 2   ? -8.695  0.274   -3.448  1.00 26.35 ? 2   LEU A CG  1 
ATOM   13   C CD1 . LEU A 1 2   ? -7.237  -0.129  -3.139  1.00 28.35 ? 2   LEU A CD1 1 
ATOM   14   C CD2 . LEU A 1 2   ? -9.269  -0.621  -4.532  1.00 27.47 ? 2   LEU A CD2 1 
ATOM   15   N N   . LEU A 1 3   ? -10.530 3.139   -1.468  1.00 23.59 ? 3   LEU A N   1 
ATOM   16   C CA  . LEU A 1 3   ? -10.614 4.566   -1.805  1.00 23.88 ? 3   LEU A CA  1 
ATOM   17   C C   . LEU A 1 3   ? -9.941  5.452   -0.759  1.00 23.57 ? 3   LEU A C   1 
ATOM   18   O O   . LEU A 1 3   ? -9.274  6.427   -1.094  1.00 23.26 ? 3   LEU A O   1 
ATOM   19   C CB  . LEU A 1 3   ? -12.056 5.017   -2.051  1.00 25.24 ? 3   LEU A CB  1 
ATOM   20   C CG  . LEU A 1 3   ? -12.646 4.680   -3.417  1.00 28.63 ? 3   LEU A CG  1 
ATOM   21   C CD1 . LEU A 1 3   ? -13.993 5.355   -3.495  1.00 32.72 ? 3   LEU A CD1 1 
ATOM   22   C CD2 . LEU A 1 3   ? -11.771 5.161   -4.564  1.00 32.10 ? 3   LEU A CD2 1 
ATOM   23   N N   . GLU A 1 4   ? -10.094 5.109   0.521   1.00 22.24 ? 4   GLU A N   1 
ATOM   24   C CA  . GLU A 1 4   ? -9.448  5.883   1.579   1.00 22.38 ? 4   GLU A CA  1 
ATOM   25   C C   . GLU A 1 4   ? -7.945  5.745   1.501   1.00 21.08 ? 4   GLU A C   1 
ATOM   26   O O   . GLU A 1 4   ? -7.224  6.700   1.707   1.00 21.73 ? 4   GLU A O   1 
ATOM   27   C CB  . GLU A 1 4   ? -9.897  5.407   2.958   1.00 23.01 ? 4   GLU A CB  1 
ATOM   28   C CG  . GLU A 1 4   ? -11.342 5.670   3.191   1.00 24.06 ? 4   GLU A CG  1 
ATOM   29   C CD  . GLU A 1 4   ? -11.889 4.973   4.411   1.00 24.54 ? 4   GLU A CD  1 
ATOM   30   O OE1 . GLU A 1 4   ? -11.201 4.070   4.979   1.00 21.98 ? 4   GLU A OE1 1 
ATOM   31   O OE2 . GLU A 1 4   ? -13.014 5.354   4.813   1.00 26.28 ? 4   GLU A OE2 1 
ATOM   32   N N   . PHE A 1 5   ? -7.482  4.536   1.250   1.00 19.81 ? 5   PHE A N   1 
ATOM   33   C CA  . PHE A 1 5   ? -6.073  4.286   1.049   1.00 18.11 ? 5   PHE A CA  1 
ATOM   34   C C   . PHE A 1 5   ? -5.555  5.141   -0.116  1.00 18.73 ? 5   PHE A C   1 
ATOM   35   O O   . PHE A 1 5   ? -4.480  5.738   0.019   1.00 18.71 ? 5   PHE A O   1 
ATOM   36   C CB  . PHE A 1 5   ? -5.838  2.782   0.802   1.00 18.51 ? 5   PHE A CB  1 
ATOM   37   C CG  . PHE A 1 5   ? -4.378  2.387   0.649   1.00 18.17 ? 5   PHE A CG  1 
ATOM   38   C CD1 . PHE A 1 5   ? -3.363  2.981   1.438   1.00 18.74 ? 5   PHE A CD1 1 
ATOM   39   C CD2 . PHE A 1 5   ? -4.019  1.386   -0.249  1.00 18.72 ? 5   PHE A CD2 1 
ATOM   40   C CE1 . PHE A 1 5   ? -2.020  2.582   1.281   1.00 17.88 ? 5   PHE A CE1 1 
ATOM   41   C CE2 . PHE A 1 5   ? -2.686  0.983   -0.411  1.00 20.86 ? 5   PHE A CE2 1 
ATOM   42   C CZ  . PHE A 1 5   ? -1.687  1.585   0.366   1.00 19.02 ? 5   PHE A CZ  1 
ATOM   43   N N   . GLY A 1 6   ? -6.333  5.223   -1.202  1.00 19.45 ? 6   GLY A N   1 
ATOM   44   C CA  . GLY A 1 6   ? -5.949  6.029   -2.370  1.00 20.07 ? 6   GLY A CA  1 
ATOM   45   C C   . GLY A 1 6   ? -5.821  7.492   -1.982  1.00 20.43 ? 6   GLY A C   1 
ATOM   46   O O   . GLY A 1 6   ? -4.870  8.182   -2.406  1.00 20.28 ? 6   GLY A O   1 
ATOM   47   N N   . LYS A 1 7   ? -6.722  7.977   -1.150  1.00 20.90 ? 7   LYS A N   1 
ATOM   48   C CA  . LYS A 1 7   ? -6.687  9.361   -0.729  1.00 22.37 ? 7   LYS A CA  1 
ATOM   49   C C   . LYS A 1 7   ? -5.487  9.604   0.176   1.00 22.06 ? 7   LYS A C   1 
ATOM   50   O O   . LYS A 1 7   ? -4.771  10.600  0.027   1.00 21.53 ? 7   LYS A O   1 
ATOM   51   C CB  . LYS A 1 7   ? -8.028  9.744   -0.083  1.00 23.12 ? 7   LYS A CB  1 
ATOM   52   C CG  . LYS A 1 7   ? -8.021  11.091  0.607   1.00 26.25 ? 7   LYS A CG  1 
ATOM   53   C CD  . LYS A 1 7   ? -9.423  11.435  1.110   1.00 27.76 ? 7   LYS A CD  1 
ATOM   54   C CE  . LYS A 1 7   ? -9.400  12.650  2.045   1.00 31.71 ? 7   LYS A CE  1 
ATOM   55   N NZ  . LYS A 1 7   ? -9.063  12.292  3.471   1.00 36.28 ? 7   LYS A NZ  1 
ATOM   56   N N   . MET A 1 8   ? -5.209  8.669   1.087   1.00 21.27 ? 8   MET A N   1 
ATOM   57   C CA  . MET A 1 8   ? -4.036  8.770   1.944   1.00 20.79 ? 8   MET A CA  1 
ATOM   58   C C   . MET A 1 8   ? -2.737  8.804   1.131   1.00 20.17 ? 8   MET A C   1 
ATOM   59   O O   . MET A 1 8   ? -1.838  9.602   1.414   1.00 20.52 ? 8   MET A O   1 
ATOM   60   C CB  . MET A 1 8   ? -4.030  7.570   2.890   1.00 21.61 ? 8   MET A CB  1 
ATOM   61   C CG  . MET A 1 8   ? -3.115  7.695   4.039   1.00 21.58 ? 8   MET A CG  1 
ATOM   62   S SD  . MET A 1 8   ? -3.059  6.162   5.008   1.00 19.02 ? 8   MET A SD  1 
ATOM   63   C CE  . MET A 1 8   ? -4.473  6.298   6.068   1.00 21.09 ? 8   MET A CE  1 
ATOM   64   N N   . ILE A 1 9   ? -2.661  7.964   0.112   1.00 18.91 ? 9   ILE A N   1 
ATOM   65   C CA  . ILE A 1 9   ? -1.524  7.948   -0.826  1.00 18.66 ? 9   ILE A CA  1 
ATOM   66   C C   . ILE A 1 9   ? -1.344  9.321   -1.506  1.00 19.72 ? 9   ILE A C   1 
ATOM   67   O O   . ILE A 1 9   ? -0.237  9.871   -1.554  1.00 19.96 ? 9   ILE A O   1 
ATOM   68   C CB  . ILE A 1 9   ? -1.679  6.834   -1.891  1.00 18.49 ? 9   ILE A CB  1 
ATOM   69   C CG1 . ILE A 1 9   ? -1.529  5.445   -1.232  1.00 18.58 ? 9   ILE A CG1 1 
ATOM   70   C CG2 . ILE A 1 9   ? -0.618  7.004   -2.986  1.00 20.30 ? 9   ILE A CG2 1 
ATOM   71   C CD1 . ILE A 1 9   ? -1.964  4.297   -2.126  1.00 19.49 ? 9   ILE A CD1 1 
ATOM   72   N N   . LEU A 1 10  ? -2.437  9.865   -2.024  1.00 21.00 ? 10  LEU A N   1 
ATOM   73   C CA  . LEU A 1 10  ? -2.356  11.164  -2.707  1.00 22.00 ? 10  LEU A CA  1 
ATOM   74   C C   . LEU A 1 10  ? -1.927  12.240  -1.723  1.00 22.66 ? 10  LEU A C   1 
ATOM   75   O O   . LEU A 1 10  ? -1.030  13.044  -2.011  1.00 22.46 ? 10  LEU A O   1 
ATOM   76   C CB  . LEU A 1 10  ? -3.686  11.511  -3.379  1.00 23.29 ? 10  LEU A CB  1 
ATOM   77   C CG  . LEU A 1 10  ? -3.745  12.910  -4.032  1.00 23.02 ? 10  LEU A CG  1 
ATOM   78   C CD1 . LEU A 1 10  ? -2.836  13.019  -5.228  1.00 25.74 ? 10  LEU A CD1 1 
ATOM   79   C CD2 . LEU A 1 10  ? -5.169  13.183  -4.438  1.00 26.24 ? 10  LEU A CD2 1 
ATOM   80   N N   . GLU A 1 11  ? -2.528  12.260  -0.543  1.00 23.44 ? 11  GLU A N   1 
ATOM   81   C CA  . GLU A 1 11  ? -2.141  13.222  0.486   1.00 23.69 ? 11  GLU A CA  1 
ATOM   82   C C   . GLU A 1 11  ? -0.670  13.147  0.821   1.00 22.74 ? 11  GLU A C   1 
ATOM   83   O O   . GLU A 1 11  ? -0.020  14.170  0.977   1.00 22.42 ? 11  GLU A O   1 
ATOM   84   C CB  . GLU A 1 11  ? -2.878  12.970  1.787   1.00 24.73 ? 11  GLU A CB  1 
ATOM   85   C CG  . GLU A 1 11  ? -4.342  13.153  1.738   1.00 27.62 ? 11  GLU A CG  1 
ATOM   86   C CD  . GLU A 1 11  ? -4.999  12.843  3.066   1.00 29.83 ? 11  GLU A CD  1 
ATOM   87   O OE1 . GLU A 1 11  ? -4.503  11.989  3.851   1.00 28.05 ? 11  GLU A OE1 1 
ATOM   88   O OE2 . GLU A 1 11  ? -6.026  13.480  3.335   1.00 32.59 ? 11  GLU A OE2 1 
ATOM   89   N N   . GLU A 1 12  ? -0.145  11.933  0.940   1.00 22.39 ? 12  GLU A N   1 
ATOM   90   C CA  . GLU A 1 12  ? 1.212   11.713  1.387   1.00 22.89 ? 12  GLU A CA  1 
ATOM   91   C C   . GLU A 1 12  ? 2.219   12.057  0.284   1.00 22.17 ? 12  GLU A C   1 
ATOM   92   O O   . GLU A 1 12  ? 3.222   12.755  0.525   1.00 22.05 ? 12  GLU A O   1 
ATOM   93   C CB  . GLU A 1 12  ? 1.334   10.255  1.848   1.00 22.94 ? 12  GLU A CB  1 
ATOM   94   C CG  . GLU A 1 12  ? 2.416   9.993   2.817   1.00 26.55 ? 12  GLU A CG  1 
ATOM   95   C CD  . GLU A 1 12  ? 2.206   10.614  4.190   1.00 24.15 ? 12  GLU A CD  1 
ATOM   96   O OE1 . GLU A 1 12  ? 3.156   10.544  4.964   1.00 31.13 ? 12  GLU A OE1 1 
ATOM   97   O OE2 . GLU A 1 12  ? 1.129   11.148  4.552   1.00 25.13 ? 12  GLU A OE2 1 
ATOM   98   N N   . THR A 1 13  ? 1.939   11.564  -0.926  1.00 21.56 ? 13  THR A N   1 
ATOM   99   C CA  . THR A 1 13  ? 2.922   11.570  -2.014  1.00 22.28 ? 13  THR A CA  1 
ATOM   100  C C   . THR A 1 13  ? 2.663   12.597  -3.101  1.00 22.94 ? 13  THR A C   1 
ATOM   101  O O   . THR A 1 13  ? 3.596   12.925  -3.850  1.00 24.23 ? 13  THR A O   1 
ATOM   102  C CB  . THR A 1 13  ? 3.015   10.199  -2.721  1.00 22.75 ? 13  THR A CB  1 
ATOM   103  O OG1 . THR A 1 13  ? 1.813   9.966   -3.465  1.00 21.17 ? 13  THR A OG1 1 
ATOM   104  C CG2 . THR A 1 13  ? 3.227   9.058   -1.729  1.00 23.35 ? 13  THR A CG2 1 
ATOM   105  N N   . GLY A 1 14  ? 1.420   13.060  -3.227  1.00 23.42 ? 14  GLY A N   1 
ATOM   106  C CA  . GLY A 1 14  ? 1.064   13.991  -4.311  1.00 24.00 ? 14  GLY A CA  1 
ATOM   107  C C   . GLY A 1 14  ? 0.858   13.231  -5.604  1.00 25.35 ? 14  GLY A C   1 
ATOM   108  O O   . GLY A 1 14  ? 0.578   13.795  -6.690  1.00 26.85 ? 14  GLY A O   1 
ATOM   109  N N   . LYS A 1 15  ? 1.063   11.811  -5.680  1.00 24.05 ? 16  LYS A N   1 
ATOM   110  C CA  . LYS A 1 15  ? 0.725   10.961  -6.803  1.00 24.64 ? 16  LYS A CA  1 
ATOM   111  C C   . LYS A 1 15  ? -0.660  10.358  -6.620  1.00 25.32 ? 16  LYS A C   1 
ATOM   112  O O   . LYS A 1 15  ? -1.075  10.038  -5.502  1.00 25.67 ? 16  LYS A O   1 
ATOM   113  C CB  . LYS A 1 15  ? 1.770   9.860   -6.957  1.00 24.65 ? 16  LYS A CB  1 
ATOM   114  C CG  . LYS A 1 15  ? 3.172   10.348  -7.276  1.00 25.48 ? 16  LYS A CG  1 
ATOM   115  C CD  . LYS A 1 15  ? 4.107   9.158   -7.471  1.00 26.81 ? 16  LYS A CD  1 
ATOM   116  C CE  . LYS A 1 15  ? 5.447   9.576   -8.064  1.00 30.21 ? 16  LYS A CE  1 
ATOM   117  N NZ  . LYS A 1 15  ? 5.290   10.051  -9.478  1.00 31.20 ? 16  LYS A NZ  1 
ATOM   118  N N   . LEU A 1 16  ? -1.374  10.214  -7.729  1.00 24.76 ? 17  LEU A N   1 
ATOM   119  C CA  . LEU A 1 16  ? -2.648  9.526   -7.743  1.00 24.98 ? 17  LEU A CA  1 
ATOM   120  C C   . LEU A 1 16  ? -2.409  8.037   -7.561  1.00 24.35 ? 17  LEU A C   1 
ATOM   121  O O   . LEU A 1 16  ? -1.590  7.438   -8.260  1.00 23.66 ? 17  LEU A O   1 
ATOM   122  C CB  . LEU A 1 16  ? -3.383  9.807   -9.058  1.00 25.62 ? 17  LEU A CB  1 
ATOM   123  C CG  . LEU A 1 16  ? -3.851  11.254  -9.202  1.00 27.05 ? 17  LEU A CG  1 
ATOM   124  C CD1 . LEU A 1 16  ? -4.231  11.538  -10.653 1.00 30.24 ? 17  LEU A CD1 1 
ATOM   125  C CD2 . LEU A 1 16  ? -5.036  11.510  -8.275  1.00 28.90 ? 17  LEU A CD2 1 
ATOM   126  N N   . ALA A 1 17  ? -3.162  7.416   -6.650  1.00 23.57 ? 18  ALA A N   1 
ATOM   127  C CA  . ALA A 1 17  ? -2.999  5.982   -6.409  1.00 24.32 ? 18  ALA A CA  1 
ATOM   128  C C   . ALA A 1 17  ? -3.174  5.170   -7.681  1.00 25.08 ? 18  ALA A C   1 
ATOM   129  O O   . ALA A 1 17  ? -2.405  4.261   -7.944  1.00 24.63 ? 18  ALA A O   1 
ATOM   130  C CB  . ALA A 1 17  ? -3.956  5.493   -5.340  1.00 24.77 ? 18  ALA A CB  1 
ATOM   131  N N   . ILE A 1 18  ? -4.203  5.513   -8.460  1.00 26.36 ? 19  ILE A N   1 
ATOM   132  C CA  . ILE A 1 18  ? -4.350  5.030   -9.843  1.00 27.38 ? 19  ILE A CA  1 
ATOM   133  C C   . ILE A 1 18  ? -3.967  6.230   -10.714 1.00 27.03 ? 19  ILE A C   1 
ATOM   134  O O   . ILE A 1 18  ? -4.613  7.275   -10.629 1.00 28.00 ? 19  ILE A O   1 
ATOM   135  C CB  . ILE A 1 18  ? -5.829  4.654   -10.133 1.00 27.01 ? 19  ILE A CB  1 
ATOM   136  C CG1 . ILE A 1 18  ? -6.338  3.620   -9.131  1.00 29.29 ? 19  ILE A CG1 1 
ATOM   137  C CG2 . ILE A 1 18  ? -5.998  4.127   -11.576 1.00 27.53 ? 19  ILE A CG2 1 
ATOM   138  C CD1 . ILE A 1 18  ? -7.805  3.289   -9.320  1.00 32.97 ? 19  ILE A CD1 1 
ATOM   139  N N   . PRO A 1 19  ? -2.943  6.108   -11.572 1.00 26.94 ? 20  PRO A N   1 
ATOM   140  C CA  . PRO A 1 19  ? -2.138  5.000   -12.023 1.00 27.31 ? 20  PRO A CA  1 
ATOM   141  C C   . PRO A 1 19  ? -0.778  4.811   -11.356 1.00 26.71 ? 20  PRO A C   1 
ATOM   142  O O   . PRO A 1 19  ? -0.040  3.907   -11.767 1.00 28.17 ? 20  PRO A O   1 
ATOM   143  C CB  . PRO A 1 19  ? -1.860  5.402   -13.465 1.00 27.37 ? 20  PRO A CB  1 
ATOM   144  C CG  . PRO A 1 19  ? -1.576  6.877   -13.321 1.00 27.70 ? 20  PRO A CG  1 
ATOM   145  C CD  . PRO A 1 19  ? -2.586  7.348   -12.305 1.00 26.66 ? 20  PRO A CD  1 
ATOM   146  N N   . SER A 1 20  ? -0.417  5.635   -10.372 1.00 25.36 ? 21  SER A N   1 
ATOM   147  C CA  . SER A 1 20  ? 0.954   5.551   -9.853  1.00 25.03 ? 21  SER A CA  1 
ATOM   148  C C   . SER A 1 20  ? 1.293   4.322   -9.021  1.00 24.71 ? 21  SER A C   1 
ATOM   149  O O   . SER A 1 20  ? 2.442   3.880   -9.032  1.00 24.32 ? 21  SER A O   1 
ATOM   150  C CB  . SER A 1 20  ? 1.321   6.807   -9.063  1.00 25.10 ? 21  SER A CB  1 
ATOM   151  O OG  . SER A 1 20  ? 1.366   7.921   -9.947  1.00 25.66 ? 21  SER A OG  1 
ATOM   152  N N   . TYR A 1 21  ? 0.306   3.783   -8.298  1.00 24.08 ? 22  TYR A N   1 
ATOM   153  C CA  . TYR A 1 21  ? 0.552   2.656   -7.383  1.00 24.62 ? 22  TYR A CA  1 
ATOM   154  C C   . TYR A 1 21  ? -0.429  1.484   -7.552  1.00 25.03 ? 22  TYR A C   1 
ATOM   155  O O   . TYR A 1 21  ? -0.510  0.588   -6.693  1.00 26.22 ? 22  TYR A O   1 
ATOM   156  C CB  . TYR A 1 21  ? 0.508   3.143   -5.943  1.00 23.42 ? 22  TYR A CB  1 
ATOM   157  C CG  . TYR A 1 21  ? 1.584   4.149   -5.591  1.00 23.13 ? 22  TYR A CG  1 
ATOM   158  C CD1 . TYR A 1 21  ? 2.888   3.736   -5.314  1.00 23.85 ? 22  TYR A CD1 1 
ATOM   159  C CD2 . TYR A 1 21  ? 1.296   5.504   -5.522  1.00 20.96 ? 22  TYR A CD2 1 
ATOM   160  C CE1 . TYR A 1 21  ? 3.883   4.655   -4.982  1.00 20.73 ? 22  TYR A CE1 1 
ATOM   161  C CE2 . TYR A 1 21  ? 2.266   6.428   -5.171  1.00 20.94 ? 22  TYR A CE2 1 
ATOM   162  C CZ  . TYR A 1 21  ? 3.567   5.999   -4.893  1.00 19.01 ? 22  TYR A CZ  1 
ATOM   163  O OH  . TYR A 1 21  ? 4.554   6.906   -4.574  1.00 22.29 ? 22  TYR A OH  1 
ATOM   164  N N   . SER A 1 22  ? -1.192  1.492   -8.644  1.00 25.15 ? 23  SER A N   1 
ATOM   165  C CA  . SER A 1 22  ? -2.206  0.452   -8.888  1.00 25.82 ? 23  SER A CA  1 
ATOM   166  C C   . SER A 1 22  ? -1.703  -0.709  -9.749  1.00 25.66 ? 23  SER A C   1 
ATOM   167  O O   . SER A 1 22  ? -2.333  -1.761  -9.803  1.00 25.31 ? 23  SER A O   1 
ATOM   168  C CB  . SER A 1 22  ? -3.455  1.060   -9.544  1.00 26.19 ? 23  SER A CB  1 
ATOM   169  O OG  . SER A 1 22  ? -3.121  1.703   -10.771 1.00 28.97 ? 23  SER A OG  1 
ATOM   170  N N   . SER A 1 23  ? -0.595  -0.509  -10.453 1.00 25.80 ? 24  SER A N   1 
ATOM   171  C CA  . SER A 1 23  ? -0.025  -1.542  -11.311 1.00 25.66 ? 24  SER A CA  1 
ATOM   172  C C   . SER A 1 23  ? 1.506   -1.458  -11.336 1.00 25.92 ? 24  SER A C   1 
ATOM   173  O O   . SER A 1 23  ? 2.163   -1.745  -12.356 1.00 26.86 ? 24  SER A O   1 
ATOM   174  C CB  . SER A 1 23  ? -0.566  -1.401  -12.736 1.00 26.16 ? 24  SER A CB  1 
ATOM   175  O OG  . SER A 1 23  ? -0.092  -0.205  -13.330 1.00 28.48 ? 24  SER A OG  1 
ATOM   176  N N   . TYR A 1 24  ? 2.079   -1.085  -10.200 1.00 22.96 ? 25  TYR A N   1 
ATOM   177  C CA  . TYR A 1 24  ? 3.500   -0.827  -10.136 1.00 21.86 ? 25  TYR A CA  1 
ATOM   178  C C   . TYR A 1 24  ? 4.260   -2.059  -9.663  1.00 21.21 ? 25  TYR A C   1 
ATOM   179  O O   . TYR A 1 24  ? 3.886   -2.713  -8.685  1.00 21.82 ? 25  TYR A O   1 
ATOM   180  C CB  . TYR A 1 24  ? 3.732   0.347   -9.205  1.00 21.48 ? 25  TYR A CB  1 
ATOM   181  C CG  . TYR A 1 24  ? 5.145   0.836   -9.115  1.00 19.60 ? 25  TYR A CG  1 
ATOM   182  C CD1 . TYR A 1 24  ? 6.070   0.176   -8.299  1.00 19.32 ? 25  TYR A CD1 1 
ATOM   183  C CD2 . TYR A 1 24  ? 5.529   2.009   -9.768  1.00 21.69 ? 25  TYR A CD2 1 
ATOM   184  C CE1 . TYR A 1 24  ? 7.376   0.659   -8.178  1.00 19.77 ? 25  TYR A CE1 1 
ATOM   185  C CE2 . TYR A 1 24  ? 6.818   2.501   -9.645  1.00 21.02 ? 25  TYR A CE2 1 
ATOM   186  C CZ  . TYR A 1 24  ? 7.728   1.820   -8.850  1.00 18.48 ? 25  TYR A CZ  1 
ATOM   187  O OH  . TYR A 1 24  ? 9.000   2.301   -8.723  1.00 21.53 ? 25  TYR A OH  1 
ATOM   188  N N   . GLY A 1 25  ? 5.319   -2.399  -10.388 1.00 21.25 ? 26  GLY A N   1 
ATOM   189  C CA  . GLY A 1 25  ? 6.125   -3.556  -10.054 1.00 20.59 ? 26  GLY A CA  1 
ATOM   190  C C   . GLY A 1 25  ? 5.347   -4.856  -9.895  1.00 20.18 ? 26  GLY A C   1 
ATOM   191  O O   . GLY A 1 25  ? 4.347   -5.084  -10.596 1.00 21.06 ? 26  GLY A O   1 
ATOM   192  N N   . CYS A 1 26  ? 5.789   -5.695  -8.960  1.00 21.48 ? 27  CYS A N   1 
ATOM   193  C CA  . CYS A 1 26  ? 5.208   -7.011  -8.762  1.00 21.50 ? 27  CYS A CA  1 
ATOM   194  C C   . CYS A 1 26  ? 4.111   -7.079  -7.718  1.00 21.30 ? 27  CYS A C   1 
ATOM   195  O O   . CYS A 1 26  ? 3.298   -8.007  -7.721  1.00 22.19 ? 27  CYS A O   1 
ATOM   196  C CB  . CYS A 1 26  ? 6.298   -8.039  -8.434  1.00 22.52 ? 27  CYS A CB  1 
ATOM   197  S SG  . CYS A 1 26  ? 7.410   -8.259  -9.841  1.00 24.02 ? 27  CYS A SG  1 
ATOM   198  N N   . TYR A 1 27  ? 4.073   -6.091  -6.837  1.00 21.21 ? 28  TYR A N   1 
ATOM   199  C CA  . TYR A 1 27  ? 3.182   -6.176  -5.677  1.00 22.08 ? 28  TYR A CA  1 
ATOM   200  C C   . TYR A 1 27  ? 2.189   -5.049  -5.515  1.00 22.89 ? 28  TYR A C   1 
ATOM   201  O O   . TYR A 1 27  ? 1.276   -5.176  -4.691  1.00 23.63 ? 28  TYR A O   1 
ATOM   202  C CB  . TYR A 1 27  ? 3.995   -6.377  -4.384  1.00 22.30 ? 28  TYR A CB  1 
ATOM   203  C CG  . TYR A 1 27  ? 4.629   -7.733  -4.353  1.00 21.23 ? 28  TYR A CG  1 
ATOM   204  C CD1 . TYR A 1 27  ? 5.921   -7.925  -4.826  1.00 21.81 ? 28  TYR A CD1 1 
ATOM   205  C CD2 . TYR A 1 27  ? 3.910   -8.847  -3.915  1.00 22.88 ? 28  TYR A CD2 1 
ATOM   206  C CE1 . TYR A 1 27  ? 6.498   -9.172  -4.841  1.00 23.37 ? 28  TYR A CE1 1 
ATOM   207  C CE2 . TYR A 1 27  ? 4.481   -10.109 -3.930  1.00 23.20 ? 28  TYR A CE2 1 
ATOM   208  C CZ  . TYR A 1 27  ? 5.781   -10.263 -4.391  1.00 22.86 ? 28  TYR A CZ  1 
ATOM   209  O OH  . TYR A 1 27  ? 6.345   -11.533 -4.381  1.00 25.29 ? 28  TYR A OH  1 
ATOM   210  N N   . CYS A 1 28  ? 2.354   -3.955  -6.252  1.00 23.61 ? 29  CYS A N   1 
ATOM   211  C CA  . CYS A 1 28  ? 1.450   -2.813  -6.119  1.00 25.09 ? 29  CYS A CA  1 
ATOM   212  C C   . CYS A 1 28  ? 0.232   -2.982  -6.967  1.00 28.84 ? 29  CYS A C   1 
ATOM   213  O O   . CYS A 1 28  ? 0.314   -2.959  -8.199  1.00 30.00 ? 29  CYS A O   1 
ATOM   214  C CB  . CYS A 1 28  ? 2.124   -1.504  -6.503  1.00 24.53 ? 29  CYS A CB  1 
ATOM   215  S SG  . CYS A 1 28  ? 3.551   -1.093  -5.487  1.00 21.66 ? 29  CYS A SG  1 
ATOM   216  N N   . GLY A 1 29  ? -0.898  -3.119  -6.298  1.00 31.50 ? 30  GLY A N   1 
ATOM   217  C CA  . GLY A 1 29  ? -2.183  -2.964  -6.963  1.00 36.08 ? 30  GLY A CA  1 
ATOM   218  C C   . GLY A 1 29  ? -2.814  -4.276  -7.334  1.00 38.73 ? 30  GLY A C   1 
ATOM   219  O O   . GLY A 1 29  ? -4.035  -4.343  -7.509  1.00 39.75 ? 30  GLY A O   1 
ATOM   220  N N   . TRP A 1 30  ? -1.995  -5.318  -7.464  1.00 41.20 ? 31  TRP A N   1 
ATOM   221  C CA  . TRP A 1 30  ? -2.519  -6.626  -7.845  1.00 43.43 ? 31  TRP A CA  1 
ATOM   222  C C   . TRP A 1 30  ? -1.733  -7.792  -7.258  1.00 43.93 ? 31  TRP A C   1 
ATOM   223  O O   . TRP A 1 30  ? -2.201  -8.929  -7.308  1.00 44.31 ? 31  TRP A O   1 
ATOM   224  C CB  . TRP A 1 30  ? -2.623  -6.750  -9.373  1.00 44.52 ? 31  TRP A CB  1 
ATOM   225  C CG  . TRP A 1 30  ? -3.597  -7.801  -9.839  1.00 46.18 ? 31  TRP A CG  1 
ATOM   226  C CD1 . TRP A 1 30  ? -4.963  -7.764  -9.732  1.00 47.16 ? 31  TRP A CD1 1 
ATOM   227  C CD2 . TRP A 1 30  ? -3.278  -9.039  -10.492 1.00 47.51 ? 31  TRP A CD2 1 
ATOM   228  N NE1 . TRP A 1 30  ? -5.511  -8.907  -10.273 1.00 48.35 ? 31  TRP A NE1 1 
ATOM   229  C CE2 . TRP A 1 30  ? -4.501  -9.706  -10.746 1.00 47.98 ? 31  TRP A CE2 1 
ATOM   230  C CE3 . TRP A 1 30  ? -2.075  -9.655  -10.879 1.00 47.79 ? 31  TRP A CE3 1 
ATOM   231  C CZ2 . TRP A 1 30  ? -4.559  -10.958 -11.377 1.00 47.62 ? 31  TRP A CZ2 1 
ATOM   232  C CZ3 . TRP A 1 30  ? -2.131  -10.901 -11.510 1.00 47.49 ? 31  TRP A CZ3 1 
ATOM   233  C CH2 . TRP A 1 30  ? -3.366  -11.535 -11.756 1.00 47.39 ? 31  TRP A CH2 1 
ATOM   234  N N   . GLY A 1 31  ? -0.547  -7.509  -6.714  1.00 44.31 ? 32  GLY A N   1 
ATOM   235  C CA  . GLY A 1 31  ? 0.267   -8.500  -5.998  1.00 43.89 ? 32  GLY A CA  1 
ATOM   236  C C   . GLY A 1 31  ? 0.431   -9.887  -6.607  1.00 43.68 ? 32  GLY A C   1 
ATOM   237  O O   . GLY A 1 31  ? 0.031   -10.145 -7.757  1.00 44.16 ? 32  GLY A O   1 
ATOM   238  N N   . GLY A 1 32  ? 1.060   -10.775 -5.840  1.00 42.86 ? 33  GLY A N   1 
ATOM   239  C CA  . GLY A 1 32  ? 1.162   -12.173 -6.219  1.00 41.64 ? 33  GLY A CA  1 
ATOM   240  C C   . GLY A 1 32  ? 2.492   -12.837 -5.950  1.00 40.73 ? 33  GLY A C   1 
ATOM   241  O O   . GLY A 1 32  ? 2.658   -13.538 -4.946  1.00 41.28 ? 33  GLY A O   1 
ATOM   242  N N   . LYS A 1 33  ? 3.437   -12.641 -6.866  1.00 39.34 ? 34  LYS A N   1 
ATOM   243  C CA  . LYS A 1 33  ? 4.672   -13.422 -6.887  1.00 37.32 ? 34  LYS A CA  1 
ATOM   244  C C   . LYS A 1 33  ? 5.843   -12.534 -7.261  1.00 35.12 ? 34  LYS A C   1 
ATOM   245  O O   . LYS A 1 33  ? 5.672   -11.390 -7.703  1.00 33.83 ? 34  LYS A O   1 
ATOM   246  C CB  . LYS A 1 33  ? 4.584   -14.577 -7.905  1.00 37.78 ? 34  LYS A CB  1 
ATOM   247  C CG  . LYS A 1 33  ? 3.179   -15.162 -8.166  1.00 40.81 ? 34  LYS A CG  1 
ATOM   248  C CD  . LYS A 1 33  ? 2.898   -16.461 -7.390  1.00 44.69 ? 34  LYS A CD  1 
ATOM   249  C CE  . LYS A 1 33  ? 3.227   -17.724 -8.203  1.00 47.15 ? 34  LYS A CE  1 
ATOM   250  N NZ  . LYS A 1 33  ? 2.251   -17.992 -9.317  1.00 49.60 ? 34  LYS A NZ  1 
ATOM   251  N N   . GLY A 1 34  ? 7.042   -13.067 -7.072  1.00 33.07 ? 35  GLY A N   1 
ATOM   252  C CA  . GLY A 1 34  ? 8.232   -12.420 -7.566  1.00 31.56 ? 35  GLY A CA  1 
ATOM   253  C C   . GLY A 1 34  ? 9.043   -11.677 -6.525  1.00 30.32 ? 35  GLY A C   1 
ATOM   254  O O   . GLY A 1 34  ? 8.617   -11.484 -5.382  1.00 29.35 ? 35  GLY A O   1 
ATOM   255  N N   . THR A 1 35  ? 10.234  -11.277 -6.930  1.00 29.56 ? 36  THR A N   1 
ATOM   256  C CA  . THR A 1 35  ? 11.069  -10.425 -6.113  1.00 29.29 ? 36  THR A CA  1 
ATOM   257  C C   . THR A 1 35  ? 10.658  -8.964  -6.353  1.00 27.61 ? 36  THR A C   1 
ATOM   258  O O   . THR A 1 35  ? 10.632  -8.509  -7.495  1.00 28.36 ? 36  THR A O   1 
ATOM   259  C CB  . THR A 1 35  ? 12.558  -10.673 -6.426  1.00 29.16 ? 36  THR A CB  1 
ATOM   260  O OG1 . THR A 1 35  ? 12.890  -12.039 -6.095  1.00 31.94 ? 36  THR A OG1 1 
ATOM   261  C CG2 . THR A 1 35  ? 13.448  -9.721  -5.636  1.00 30.99 ? 36  THR A CG2 1 
ATOM   262  N N   . PRO A 1 36  ? 10.283  -8.221  -5.281  1.00 26.02 ? 37  PRO A N   1 
ATOM   263  C CA  . PRO A 1 36  ? 9.894   -6.822  -5.485  1.00 24.62 ? 37  PRO A CA  1 
ATOM   264  C C   . PRO A 1 36  ? 10.966  -6.058  -6.254  1.00 24.06 ? 37  PRO A C   1 
ATOM   265  O O   . PRO A 1 36  ? 12.167  -6.278  -6.054  1.00 24.41 ? 37  PRO A O   1 
ATOM   266  C CB  . PRO A 1 36  ? 9.738   -6.287  -4.051  1.00 23.80 ? 37  PRO A CB  1 
ATOM   267  C CG  . PRO A 1 36  ? 9.356   -7.486  -3.277  1.00 24.95 ? 37  PRO A CG  1 
ATOM   268  C CD  . PRO A 1 36  ? 10.197  -8.602  -3.862  1.00 25.98 ? 37  PRO A CD  1 
ATOM   269  N N   . LYS A 1 37  ? 10.521  -5.200  -7.159  1.00 23.17 ? 38  LYS A N   1 
ATOM   270  C CA  . LYS A 1 37  ? 11.417  -4.521  -8.082  1.00 23.62 ? 38  LYS A CA  1 
ATOM   271  C C   . LYS A 1 37  ? 12.298  -3.453  -7.445  1.00 23.21 ? 38  LYS A C   1 
ATOM   272  O O   . LYS A 1 37  ? 13.420  -3.220  -7.895  1.00 23.69 ? 38  LYS A O   1 
ATOM   273  C CB  . LYS A 1 37  ? 10.622  -3.919  -9.250  1.00 24.18 ? 38  LYS A CB  1 
ATOM   274  C CG  . LYS A 1 37  ? 9.907   -4.960  -10.139 1.00 25.71 ? 38  LYS A CG  1 
ATOM   275  C CD  . LYS A 1 37  ? 10.799  -6.156  -10.458 1.00 28.15 ? 38  LYS A CD  1 
ATOM   276  C CE  . LYS A 1 37  ? 11.977  -5.766  -11.324 1.00 28.52 ? 38  LYS A CE  1 
ATOM   277  N NZ  . LYS A 1 37  ? 12.696  -6.994  -11.748 1.00 30.74 ? 38  LYS A NZ  1 
ATOM   278  N N   . ASP A 1 38  ? 11.793  -2.776  -6.411  1.00 20.62 ? 39  ASP A N   1 
ATOM   279  C CA  . ASP A 1 38  ? 12.515  -1.674  -5.801  1.00 20.85 ? 39  ASP A CA  1 
ATOM   280  C C   . ASP A 1 38  ? 11.881  -1.360  -4.446  1.00 19.98 ? 39  ASP A C   1 
ATOM   281  O O   . ASP A 1 38  ? 10.983  -2.084  -4.012  1.00 19.11 ? 39  ASP A O   1 
ATOM   282  C CB  . ASP A 1 38  ? 12.527  -0.439  -6.726  1.00 21.20 ? 39  ASP A CB  1 
ATOM   283  C CG  . ASP A 1 38  ? 11.158  0.169   -6.939  1.00 21.86 ? 39  ASP A CG  1 
ATOM   284  O OD1 . ASP A 1 38  ? 10.149  -0.370  -6.431  1.00 20.04 ? 39  ASP A OD1 1 
ATOM   285  O OD2 . ASP A 1 38  ? 11.064  1.213   -7.602  1.00 21.53 ? 39  ASP A OD2 1 
ATOM   286  N N   . ALA A 1 39  ? 12.334  -0.298  -3.776  1.00 19.88 ? 40  ALA A N   1 
ATOM   287  C CA  . ALA A 1 39  ? 11.801  0.036   -2.445  1.00 19.65 ? 40  ALA A CA  1 
ATOM   288  C C   . ALA A 1 39  ? 10.284  0.268   -2.476  1.00 18.97 ? 40  ALA A C   1 
ATOM   289  O O   . ALA A 1 39  ? 9.574   -0.226  -1.589  1.00 18.41 ? 40  ALA A O   1 
ATOM   290  C CB  . ALA A 1 39  ? 12.501  1.223   -1.878  1.00 20.12 ? 40  ALA A CB  1 
ATOM   291  N N   . THR A 1 40  ? 9.790   0.994   -3.476  1.00 17.96 ? 41  THR A N   1 
ATOM   292  C CA  . THR A 1 40  ? 8.359   1.263   -3.561  1.00 17.93 ? 41  THR A CA  1 
ATOM   293  C C   . THR A 1 40  ? 7.606   -0.055  -3.679  1.00 17.45 ? 41  THR A C   1 
ATOM   294  O O   . THR A 1 40  ? 6.565   -0.250  -3.002  1.00 17.18 ? 41  THR A O   1 
ATOM   295  C CB  . THR A 1 40  ? 8.037   2.165   -4.762  1.00 18.00 ? 41  THR A CB  1 
ATOM   296  O OG1 . THR A 1 40  ? 8.477   3.487   -4.456  1.00 18.88 ? 41  THR A OG1 1 
ATOM   297  C CG2 . THR A 1 40  ? 6.536   2.222   -5.032  1.00 17.78 ? 41  THR A CG2 1 
ATOM   298  N N   . ASP A 1 41  ? 8.088   -0.959  -4.529  1.00 17.18 ? 42  ASP A N   1 
ATOM   299  C CA  . ASP A 1 41  ? 7.446   -2.267  -4.679  1.00 18.08 ? 42  ASP A CA  1 
ATOM   300  C C   . ASP A 1 41  ? 7.473   -3.032  -3.337  1.00 17.91 ? 42  ASP A C   1 
ATOM   301  O O   . ASP A 1 41  ? 6.531   -3.733  -2.992  1.00 18.10 ? 42  ASP A O   1 
ATOM   302  C CB  . ASP A 1 41  ? 8.130   -3.075  -5.796  1.00 18.02 ? 42  ASP A CB  1 
ATOM   303  C CG  . ASP A 1 41  ? 7.226   -4.147  -6.393  1.00 19.71 ? 42  ASP A CG  1 
ATOM   304  O OD1 . ASP A 1 41  ? 6.001   -4.196  -6.100  1.00 20.20 ? 42  ASP A OD1 1 
ATOM   305  O OD2 . ASP A 1 41  ? 7.762   -4.982  -7.160  1.00 20.04 ? 42  ASP A OD2 1 
ATOM   306  N N   . ARG A 1 42  ? 8.563   -2.889  -2.573  1.00 18.43 ? 43  ARG A N   1 
ATOM   307  C CA  . ARG A 1 42  ? 8.635   -3.540  -1.268  1.00 18.22 ? 43  ARG A CA  1 
ATOM   308  C C   . ARG A 1 42  ? 7.613   -2.952  -0.311  1.00 18.47 ? 43  ARG A C   1 
ATOM   309  O O   . ARG A 1 42  ? 7.083   -3.692  0.522   1.00 18.14 ? 43  ARG A O   1 
ATOM   310  C CB  . ARG A 1 42  ? 10.039  -3.435  -0.694  1.00 17.16 ? 43  ARG A CB  1 
ATOM   311  C CG  . ARG A 1 42  ? 11.065  -4.293  -1.436  1.00 18.19 ? 43  ARG A CG  1 
ATOM   312  C CD  . ARG A 1 42  ? 12.392  -4.389  -0.696  1.00 21.53 ? 43  ARG A CD  1 
ATOM   313  N NE  . ARG A 1 42  ? 13.180  -3.172  -0.775  1.00 21.58 ? 43  ARG A NE  1 
ATOM   314  C CZ  . ARG A 1 42  ? 13.936  -2.816  -1.823  1.00 23.79 ? 43  ARG A CZ  1 
ATOM   315  N NH1 . ARG A 1 42  ? 14.001  -3.589  -2.902  1.00 24.57 ? 43  ARG A NH1 1 
ATOM   316  N NH2 . ARG A 1 42  ? 14.626  -1.683  -1.777  1.00 23.69 ? 43  ARG A NH2 1 
ATOM   317  N N   . CYS A 1 43  ? 7.299   -1.668  -0.445  1.00 17.78 ? 44  CYS A N   1 
ATOM   318  C CA  . CYS A 1 43  ? 6.207   -1.090  0.351   1.00 17.44 ? 44  CYS A CA  1 
ATOM   319  C C   . CYS A 1 43  ? 4.933   -1.858  0.086   1.00 17.72 ? 44  CYS A C   1 
ATOM   320  O O   . CYS A 1 43  ? 4.162   -2.203  0.991   1.00 16.58 ? 44  CYS A O   1 
ATOM   321  C CB  . CYS A 1 43  ? 5.948   0.374   0.008   1.00 17.79 ? 44  CYS A CB  1 
ATOM   322  S SG  . CYS A 1 43  ? 7.283   1.539   0.249   1.00 18.56 ? 44  CYS A SG  1 
ATOM   323  N N   . CYS A 1 44  ? 4.660   -2.147  -1.166  1.00 17.72 ? 45  CYS A N   1 
ATOM   324  C CA  . CYS A 1 44  ? 3.447   -2.875  -1.518  1.00 18.50 ? 45  CYS A CA  1 
ATOM   325  C C   . CYS A 1 44  ? 3.506   -4.328  -1.073  1.00 17.90 ? 45  CYS A C   1 
ATOM   326  O O   . CYS A 1 44  ? 2.490   -4.888  -0.652  1.00 18.32 ? 45  CYS A O   1 
ATOM   327  C CB  . CYS A 1 44  ? 3.238   -2.825  -3.013  1.00 18.82 ? 45  CYS A CB  1 
ATOM   328  S SG  . CYS A 1 44  ? 2.858   -1.149  -3.561  1.00 21.04 ? 45  CYS A SG  1 
ATOM   329  N N   . PHE A 1 45  ? 4.674   -4.956  -1.188  1.00 17.28 ? 46  PHE A N   1 
ATOM   330  C CA  . PHE A 1 45  ? 4.848   -6.306  -0.693  1.00 17.18 ? 46  PHE A CA  1 
ATOM   331  C C   . PHE A 1 45  ? 4.459   -6.352  0.800   1.00 16.22 ? 46  PHE A C   1 
ATOM   332  O O   . PHE A 1 45  ? 3.692   -7.211  1.236   1.00 16.75 ? 46  PHE A O   1 
ATOM   333  C CB  . PHE A 1 45  ? 6.320   -6.750  -0.831  1.00 18.54 ? 46  PHE A CB  1 
ATOM   334  C CG  . PHE A 1 45  ? 6.557   -8.138  -0.332  1.00 18.96 ? 46  PHE A CG  1 
ATOM   335  C CD1 . PHE A 1 45  ? 6.348   -9.225  -1.157  1.00 23.59 ? 46  PHE A CD1 1 
ATOM   336  C CD2 . PHE A 1 45  ? 6.953   -8.366  0.994   1.00 23.98 ? 46  PHE A CD2 1 
ATOM   337  C CE1 . PHE A 1 45  ? 6.535   -10.526 -0.673  1.00 24.24 ? 46  PHE A CE1 1 
ATOM   338  C CE2 . PHE A 1 45  ? 7.162   -9.669  1.465   1.00 23.63 ? 46  PHE A CE2 1 
ATOM   339  C CZ  . PHE A 1 45  ? 6.944   -10.730 0.637   1.00 22.98 ? 46  PHE A CZ  1 
ATOM   340  N N   . VAL A 1 46  ? 5.051   -5.456  1.578   1.00 16.14 ? 47  VAL A N   1 
ATOM   341  C CA  . VAL A 1 46  ? 4.772   -5.410  3.024   1.00 15.86 ? 47  VAL A CA  1 
ATOM   342  C C   . VAL A 1 46  ? 3.302   -5.104  3.304   1.00 16.55 ? 47  VAL A C   1 
ATOM   343  O O   . VAL A 1 46  ? 2.696   -5.683  4.205   1.00 16.89 ? 47  VAL A O   1 
ATOM   344  C CB  . VAL A 1 46  ? 5.726   -4.449  3.753   1.00 15.06 ? 47  VAL A CB  1 
ATOM   345  C CG1 . VAL A 1 46  ? 5.320   -4.287  5.236   1.00 16.24 ? 47  VAL A CG1 1 
ATOM   346  C CG2 . VAL A 1 46  ? 7.187   -4.949  3.647   1.00 16.75 ? 47  VAL A CG2 1 
ATOM   347  N N   . HIS A 1 47  ? 2.712   -4.230  2.505   1.00 16.20 ? 48  HIS A N   1 
ATOM   348  C CA  . HIS A 1 47  ? 1.307   -3.869  2.658   1.00 16.09 ? 48  HIS A CA  1 
ATOM   349  C C   . HIS A 1 47  ? 0.436   -5.086  2.393   1.00 16.54 ? 48  HIS A C   1 
ATOM   350  O O   . HIS A 1 47  ? -0.544  -5.322  3.128   1.00 16.97 ? 48  HIS A O   1 
ATOM   351  C CB  . HIS A 1 47  ? 0.974   -2.738  1.710   1.00 15.58 ? 48  HIS A CB  1 
ATOM   352  C CG  . HIS A 1 47  ? -0.409  -2.214  1.861   1.00 16.52 ? 48  HIS A CG  1 
ATOM   353  N ND1 . HIS A 1 47  ? -1.363  -2.381  0.882   1.00 18.72 ? 48  HIS A ND1 1 
ATOM   354  C CD2 . HIS A 1 47  ? -0.991  -1.498  2.846   1.00 17.20 ? 48  HIS A CD2 1 
ATOM   355  C CE1 . HIS A 1 47  ? -2.493  -1.814  1.272   1.00 18.45 ? 48  HIS A CE1 1 
ATOM   356  N NE2 . HIS A 1 47  ? -2.289  -1.260  2.453   1.00 17.35 ? 48  HIS A NE2 1 
ATOM   357  N N   . ASP A 1 48  ? 0.816   -5.882  1.395   1.00 17.61 ? 49  ASP A N   1 
ATOM   358  C CA  . ASP A 1 48  ? 0.082   -7.089  1.064   1.00 18.35 ? 49  ASP A CA  1 
ATOM   359  C C   . ASP A 1 48  ? 0.177   -8.063  2.245   1.00 18.54 ? 49  ASP A C   1 
ATOM   360  O O   . ASP A 1 48  ? -0.824  -8.651  2.652   1.00 20.58 ? 49  ASP A O   1 
ATOM   361  C CB  . ASP A 1 48  ? 0.639   -7.777  -0.183  1.00 18.95 ? 49  ASP A CB  1 
ATOM   362  C CG  . ASP A 1 48  ? 0.359   -7.012  -1.472  1.00 22.56 ? 49  ASP A CG  1 
ATOM   363  O OD1 . ASP A 1 48  ? -0.443  -6.062  -1.469  1.00 24.89 ? 49  ASP A OD1 1 
ATOM   364  O OD2 . ASP A 1 48  ? 1.035   -7.336  -2.477  1.00 27.72 ? 49  ASP A OD2 1 
ATOM   365  N N   . CYS A 1 49  ? 1.370   -8.205  2.814   1.00 18.01 ? 50  CYS A N   1 
ATOM   366  C CA  . CYS A 1 49  ? 1.577   -9.075  3.963   1.00 19.51 ? 50  CYS A CA  1 
ATOM   367  C C   . CYS A 1 49  ? 0.768   -8.576  5.144   1.00 19.18 ? 50  CYS A C   1 
ATOM   368  O O   . CYS A 1 49  ? 0.203   -9.365  5.920   1.00 19.24 ? 50  CYS A O   1 
ATOM   369  C CB  . CYS A 1 49  ? 3.046   -9.090  4.353   1.00 19.93 ? 50  CYS A CB  1 
ATOM   370  S SG  . CYS A 1 49  ? 4.130   -9.869  3.120   1.00 22.71 ? 50  CYS A SG  1 
ATOM   371  N N   . CYS A 1 50  ? 0.717   -7.258  5.287   1.00 18.23 ? 51  CYS A N   1 
ATOM   372  C CA  . CYS A 1 50  ? -0.011  -6.607  6.371   1.00 18.01 ? 51  CYS A CA  1 
ATOM   373  C C   . CYS A 1 50  ? -1.500  -6.970  6.302   1.00 18.52 ? 51  CYS A C   1 
ATOM   374  O O   . CYS A 1 50  ? -2.085  -7.427  7.296   1.00 18.88 ? 51  CYS A O   1 
ATOM   375  C CB  . CYS A 1 50  ? 0.231   -5.107  6.342   1.00 18.31 ? 51  CYS A CB  1 
ATOM   376  S SG  . CYS A 1 50  ? -0.133  -4.262  7.906   1.00 16.59 ? 51  CYS A SG  1 
ATOM   377  N N   . TYR A 1 51  ? -2.086  -6.844  5.107   1.00 17.62 ? 52  TYR A N   1 
ATOM   378  C CA  . TYR A 1 51  ? -3.453  -7.296  4.867   1.00 18.03 ? 52  TYR A CA  1 
ATOM   379  C C   . TYR A 1 51  ? -3.592  -8.781  5.112   1.00 19.15 ? 52  TYR A C   1 
ATOM   380  O O   . TYR A 1 51  ? -4.602  -9.234  5.631   1.00 20.74 ? 52  TYR A O   1 
ATOM   381  C CB  . TYR A 1 51  ? -3.868  -6.953  3.448   1.00 17.93 ? 52  TYR A CB  1 
ATOM   382  C CG  . TYR A 1 51  ? -4.317  -5.511  3.223   1.00 17.18 ? 52  TYR A CG  1 
ATOM   383  C CD1 . TYR A 1 51  ? -4.253  -4.533  4.217   1.00 16.67 ? 52  TYR A CD1 1 
ATOM   384  C CD2 . TYR A 1 51  ? -4.799  -5.141  1.978   1.00 17.60 ? 52  TYR A CD2 1 
ATOM   385  C CE1 . TYR A 1 51  ? -4.690  -3.216  3.966   1.00 16.19 ? 52  TYR A CE1 1 
ATOM   386  C CE2 . TYR A 1 51  ? -5.240  -3.845  1.711   1.00 17.95 ? 52  TYR A CE2 1 
ATOM   387  C CZ  . TYR A 1 51  ? -5.193  -2.888  2.713   1.00 17.06 ? 52  TYR A CZ  1 
ATOM   388  O OH  . TYR A 1 51  ? -5.620  -1.588  2.459   1.00 18.28 ? 52  TYR A OH  1 
ATOM   389  N N   . GLY A 1 52  ? -2.545  -9.523  4.780   1.00 19.55 ? 53  GLY A N   1 
ATOM   390  C CA  . GLY A 1 52  ? -2.555  -10.968 4.961   1.00 21.87 ? 53  GLY A CA  1 
ATOM   391  C C   . GLY A 1 52  ? -2.518  -11.392 6.416   1.00 21.87 ? 53  GLY A C   1 
ATOM   392  O O   . GLY A 1 52  ? -2.881  -12.554 6.741   1.00 24.31 ? 53  GLY A O   1 
ATOM   393  N N   . ASN A 1 53  ? -2.118  -10.483 7.302   1.00 22.29 ? 54  ASN A N   1 
ATOM   394  C CA  . ASN A 1 53  ? -2.160  -10.714 8.746   1.00 22.59 ? 54  ASN A CA  1 
ATOM   395  C C   . ASN A 1 53  ? -3.612  -10.675 9.232   1.00 22.19 ? 54  ASN A C   1 
ATOM   396  O O   . ASN A 1 53  ? -3.870  -11.030 10.384  1.00 23.32 ? 54  ASN A O   1 
ATOM   397  C CB  . ASN A 1 53  ? -1.358  -9.666  9.531   1.00 23.23 ? 54  ASN A CB  1 
ATOM   398  C CG  . ASN A 1 53  ? 0.142   -9.658  9.193   1.00 25.16 ? 54  ASN A CG  1 
ATOM   399  O OD1 . ASN A 1 53  ? 0.738   -10.697 8.915   1.00 28.59 ? 54  ASN A OD1 1 
ATOM   400  N ND2 . ASN A 1 53  ? 0.752   -8.454  9.222   1.00 22.88 ? 54  ASN A ND2 1 
ATOM   401  N N   . LEU A 1 54  ? -4.521  -10.211 8.365   1.00 21.19 ? 55  LEU A N   1 
ATOM   402  C CA  . LEU A 1 54  ? -5.926  -9.941  8.739   1.00 21.07 ? 55  LEU A CA  1 
ATOM   403  C C   . LEU A 1 54  ? -6.924  -10.718 7.866   1.00 21.56 ? 55  LEU A C   1 
ATOM   404  O O   . LEU A 1 54  ? -7.747  -10.129 7.156   1.00 20.58 ? 55  LEU A O   1 
ATOM   405  C CB  . LEU A 1 54  ? -6.226  -8.430  8.626   1.00 21.32 ? 55  LEU A CB  1 
ATOM   406  C CG  . LEU A 1 54  ? -5.156  -7.475  9.129   1.00 20.78 ? 55  LEU A CG  1 
ATOM   407  C CD1 . LEU A 1 54  ? -5.493  -6.035  8.703   1.00 21.45 ? 55  LEU A CD1 1 
ATOM   408  C CD2 . LEU A 1 54  ? -5.002  -7.583  10.628  1.00 23.55 ? 55  LEU A CD2 1 
ATOM   409  N N   . PRO A 1 55  ? -6.874  -12.066 7.906   1.00 22.40 ? 56  PRO A N   1 
ATOM   410  C CA  . PRO A 1 55  ? -7.664  -12.875 6.951   1.00 22.57 ? 56  PRO A CA  1 
ATOM   411  C C   . PRO A 1 55  ? -9.192  -12.718 7.126   1.00 21.35 ? 56  PRO A C   1 
ATOM   412  O O   . PRO A 1 55  ? -9.989  -12.971 6.212   1.00 22.41 ? 56  PRO A O   1 
ATOM   413  C CB  . PRO A 1 55  ? -7.244  -14.310 7.295   1.00 22.86 ? 56  PRO A CB  1 
ATOM   414  C CG  . PRO A 1 55  ? -6.776  -14.246 8.691   1.00 23.58 ? 56  PRO A CG  1 
ATOM   415  C CD  . PRO A 1 55  ? -6.087  -12.906 8.828   1.00 23.49 ? 56  PRO A CD  1 
ATOM   416  N N   . ASP A 1 56  ? -9.639  -12.235 8.449   1.00 19.79 ? 59  ASP A N   1 
ATOM   417  C CA  . ASP A 1 56  ? -11.061 -12.122 8.668   1.00 20.09 ? 59  ASP A CA  1 
ATOM   418  C C   . ASP A 1 56  ? -11.475 -10.669 8.651   1.00 19.99 ? 59  ASP A C   1 
ATOM   419  O O   . ASP A 1 56  ? -12.571 -10.262 9.048   1.00 19.60 ? 59  ASP A O   1 
ATOM   420  C CB  . ASP A 1 56  ? -11.411 -12.802 9.980   1.00 21.11 ? 59  ASP A CB  1 
ATOM   421  C CG  . ASP A 1 56  ? -11.199 -14.305 9.905   1.00 21.77 ? 59  ASP A CG  1 
ATOM   422  O OD1 . ASP A 1 56  ? -10.948 -14.926 10.953  1.00 25.41 ? 59  ASP A OD1 1 
ATOM   423  O OD2 . ASP A 1 56  ? -11.318 -14.834 8.796   1.00 24.19 ? 59  ASP A OD2 1 
ATOM   424  N N   . CYS A 1 57  ? -10.597 -9.764  8.045   1.00 18.37 ? 61  CYS A N   1 
ATOM   425  C CA  . CYS A 1 57  ? -10.963 -8.382  7.830   1.00 17.63 ? 61  CYS A CA  1 
ATOM   426  C C   . CYS A 1 57  ? -11.144 -8.196  6.331   1.00 17.60 ? 61  CYS A C   1 
ATOM   427  O O   . CYS A 1 57  ? -10.754 -9.049  5.517   1.00 19.89 ? 61  CYS A O   1 
ATOM   428  C CB  . CYS A 1 57  ? -9.894  -7.433  8.367   1.00 18.05 ? 61  CYS A CB  1 
ATOM   429  S SG  . CYS A 1 57  ? -9.584  -7.579  10.109  1.00 17.80 ? 61  CYS A SG  1 
ATOM   430  N N   . ASN A 1 58  ? -11.759 -6.979  5.893   1.00 18.78 ? 67  ASN A N   1 
ATOM   431  C CA  . ASN A 1 58  ? -12.050 -6.750  4.504   1.00 19.61 ? 67  ASN A CA  1 
ATOM   432  C C   . ASN A 1 58  ? -11.525 -5.382  4.144   1.00 20.18 ? 67  ASN A C   1 
ATOM   433  O O   . ASN A 1 58  ? -12.288 -4.423  4.095   1.00 20.58 ? 67  ASN A O   1 
ATOM   434  C CB  . ASN A 1 58  ? -13.552 -6.927  4.243   1.00 20.13 ? 67  ASN A CB  1 
ATOM   435  C CG  . ASN A 1 58  ? -14.004 -8.362  4.515   1.00 20.19 ? 67  ASN A CG  1 
ATOM   436  O OD1 . ASN A 1 58  ? -13.893 -9.231  3.644   1.00 25.03 ? 67  ASN A OD1 1 
ATOM   437  N ND2 . ASN A 1 58  ? -14.480 -8.624  5.726   1.00 19.82 ? 67  ASN A ND2 1 
ATOM   438  N N   . PRO A 1 59  ? -10.204 -5.296  3.917   1.00 20.89 ? 68  PRO A N   1 
ATOM   439  C CA  . PRO A 1 59  ? -9.542  -4.007  3.701   1.00 21.69 ? 68  PRO A CA  1 
ATOM   440  C C   . PRO A 1 59  ? -9.989  -3.231  2.464   1.00 22.57 ? 68  PRO A C   1 
ATOM   441  O O   . PRO A 1 59  ? -9.821  -1.998  2.424   1.00 22.35 ? 68  PRO A O   1 
ATOM   442  C CB  . PRO A 1 59  ? -8.068  -4.385  3.550   1.00 22.29 ? 68  PRO A CB  1 
ATOM   443  C CG  . PRO A 1 59  ? -7.901  -5.704  4.081   1.00 23.77 ? 68  PRO A CG  1 
ATOM   444  C CD  . PRO A 1 59  ? -9.238  -6.407  3.901   1.00 20.96 ? 68  PRO A CD  1 
ATOM   445  N N   . LYS A 1 60  ? -10.542 -3.909  1.466   1.00 22.80 ? 69  LYS A N   1 
ATOM   446  C CA  . LYS A 1 60  ? -10.960 -3.192  0.272   1.00 23.94 ? 69  LYS A CA  1 
ATOM   447  C C   . LYS A 1 60  ? -12.140 -2.307  0.562   1.00 23.89 ? 69  LYS A C   1 
ATOM   448  O O   . LYS A 1 60  ? -12.227 -1.215  0.010   1.00 24.58 ? 69  LYS A O   1 
ATOM   449  C CB  . LYS A 1 60  ? -11.311 -4.157  -0.863  1.00 24.79 ? 69  LYS A CB  1 
ATOM   450  C CG  . LYS A 1 60  ? -10.106 -4.902  -1.384  1.00 29.49 ? 69  LYS A CG  1 
ATOM   451  C CD  . LYS A 1 60  ? -10.556 -5.959  -2.390  1.00 35.21 ? 69  LYS A CD  1 
ATOM   452  C CE  . LYS A 1 60  ? -9.384  -6.584  -3.124  1.00 38.82 ? 69  LYS A CE  1 
ATOM   453  N NZ  . LYS A 1 60  ? -9.877  -7.746  -3.932  1.00 41.44 ? 69  LYS A NZ  1 
ATOM   454  N N   . SER A 1 61  ? -13.071 -2.773  1.403   1.00 22.63 ? 70  SER A N   1 
ATOM   455  C CA  . SER A 1 61  ? -14.320 -2.055  1.614   1.00 22.14 ? 70  SER A CA  1 
ATOM   456  C C   . SER A 1 61  ? -14.539 -1.435  2.981   1.00 21.57 ? 70  SER A C   1 
ATOM   457  O O   . SER A 1 61  ? -15.300 -0.469  3.105   1.00 22.44 ? 70  SER A O   1 
ATOM   458  C CB  . SER A 1 61  ? -15.495 -2.977  1.309   1.00 23.91 ? 70  SER A CB  1 
ATOM   459  O OG  . SER A 1 61  ? -15.454 -4.101  2.176   1.00 26.18 ? 70  SER A OG  1 
ATOM   460  N N   . ASP A 1 62  ? -13.893 -1.980  4.013   1.00 18.72 ? 71  ASP A N   1 
ATOM   461  C CA  . ASP A 1 62  ? -14.122 -1.506  5.368   1.00 17.47 ? 71  ASP A CA  1 
ATOM   462  C C   . ASP A 1 62  ? -13.483 -0.131  5.540   1.00 17.38 ? 71  ASP A C   1 
ATOM   463  O O   . ASP A 1 62  ? -12.298 0.043   5.307   1.00 18.35 ? 71  ASP A O   1 
ATOM   464  C CB  . ASP A 1 62  ? -13.562 -2.527  6.373   1.00 18.06 ? 71  ASP A CB  1 
ATOM   465  C CG  . ASP A 1 62  ? -14.064 -2.317  7.773   1.00 17.19 ? 71  ASP A CG  1 
ATOM   466  O OD1 . ASP A 1 62  ? -14.803 -1.329  8.036   1.00 16.38 ? 71  ASP A OD1 1 
ATOM   467  O OD2 . ASP A 1 62  ? -13.722 -3.142  8.644   1.00 16.76 ? 71  ASP A OD2 1 
ATOM   468  N N   . ARG A 1 63  ? -14.285 0.850   5.930   1.00 17.23 ? 72  ARG A N   1 
ATOM   469  C CA  . ARG A 1 63  ? -13.800 2.212   6.146   1.00 18.18 ? 72  ARG A CA  1 
ATOM   470  C C   . ARG A 1 63  ? -13.290 2.436   7.548   1.00 18.30 ? 72  ARG A C   1 
ATOM   471  O O   . ARG A 1 63  ? -13.906 2.004   8.520   1.00 18.26 ? 72  ARG A O   1 
ATOM   472  C CB  . ARG A 1 63  ? -14.953 3.196   5.878   1.00 18.41 ? 72  ARG A CB  1 
ATOM   473  C CG  . ARG A 1 63  ? -15.387 3.204   4.436   1.00 20.91 ? 72  ARG A CG  1 
ATOM   474  C CD  . ARG A 1 63  ? -16.314 4.375   4.134   1.00 22.33 ? 72  ARG A CD  1 
ATOM   475  N NE  . ARG A 1 63  ? -16.932 4.201   2.818   1.00 24.95 ? 72  ARG A NE  1 
ATOM   476  C CZ  . ARG A 1 63  ? -17.634 5.141   2.185   1.00 27.22 ? 72  ARG A CZ  1 
ATOM   477  N NH1 . ARG A 1 63  ? -18.169 4.879   1.001   1.00 30.30 ? 72  ARG A NH1 1 
ATOM   478  N NH2 . ARG A 1 63  ? -17.792 6.324   2.732   1.00 26.12 ? 72  ARG A NH2 1 
ATOM   479  N N   . TYR A 1 64  ? -12.177 3.152   7.682   1.00 17.69 ? 73  TYR A N   1 
ATOM   480  C CA  . TYR A 1 64  ? -11.676 3.544   8.990   1.00 18.41 ? 73  TYR A CA  1 
ATOM   481  C C   . TYR A 1 64  ? -11.598 5.069   8.995   1.00 19.09 ? 73  TYR A C   1 
ATOM   482  O O   . TYR A 1 64  ? -11.698 5.721   7.935   1.00 20.22 ? 73  TYR A O   1 
ATOM   483  C CB  . TYR A 1 64  ? -10.275 2.942   9.269   1.00 18.70 ? 73  TYR A CB  1 
ATOM   484  C CG  . TYR A 1 64  ? -9.305  3.182   8.141   1.00 18.03 ? 73  TYR A CG  1 
ATOM   485  C CD1 . TYR A 1 64  ? -8.669  4.418   7.980   1.00 20.01 ? 73  TYR A CD1 1 
ATOM   486  C CD2 . TYR A 1 64  ? -9.034  2.178   7.204   1.00 18.36 ? 73  TYR A CD2 1 
ATOM   487  C CE1 . TYR A 1 64  ? -7.806  4.640   6.911   1.00 19.96 ? 73  TYR A CE1 1 
ATOM   488  C CE2 . TYR A 1 64  ? -8.176  2.383   6.128   1.00 17.59 ? 73  TYR A CE2 1 
ATOM   489  C CZ  . TYR A 1 64  ? -7.551  3.628   5.986   1.00 17.82 ? 73  TYR A CZ  1 
ATOM   490  O OH  . TYR A 1 64  ? -6.706  3.857   4.923   1.00 18.66 ? 73  TYR A OH  1 
ATOM   491  N N   . LYS A 1 65  ? -11.370 5.611   10.190  1.00 20.15 ? 74  LYS A N   1 
ATOM   492  C CA  . LYS A 1 65  ? -11.183 7.048   10.373  1.00 20.90 ? 74  LYS A CA  1 
ATOM   493  C C   . LYS A 1 65  ? -9.760  7.344   10.825  1.00 20.03 ? 74  LYS A C   1 
ATOM   494  O O   . LYS A 1 65  ? -9.182  6.618   11.615  1.00 20.23 ? 74  LYS A O   1 
ATOM   495  C CB  . LYS A 1 65  ? -12.155 7.581   11.416  1.00 22.37 ? 74  LYS A CB  1 
ATOM   496  C CG  . LYS A 1 65  ? -13.634 7.473   10.987  1.00 24.44 ? 74  LYS A CG  1 
ATOM   497  C CD  . LYS A 1 65  ? -13.957 8.379   9.797   1.00 30.04 ? 74  LYS A CD  1 
ATOM   498  C CE  . LYS A 1 65  ? -15.463 8.482   9.564   1.00 31.29 ? 74  LYS A CE  1 
ATOM   499  N NZ  . LYS A 1 65  ? -15.740 9.420   8.435   1.00 33.55 ? 74  LYS A NZ  1 
ATOM   500  N N   . TYR A 1 66  ? -9.210  8.419   10.291  1.00 19.91 ? 75  TYR A N   1 
ATOM   501  C CA  . TYR A 1 66  ? -7.909  8.897   10.741  1.00 20.64 ? 75  TYR A CA  1 
ATOM   502  C C   . TYR A 1 66  ? -7.877  10.398  10.672  1.00 21.36 ? 75  TYR A C   1 
ATOM   503  O O   . TYR A 1 66  ? -8.658  11.014  9.942   1.00 21.22 ? 75  TYR A O   1 
ATOM   504  C CB  . TYR A 1 66  ? -6.762  8.292   9.915   1.00 20.89 ? 75  TYR A CB  1 
ATOM   505  C CG  . TYR A 1 66  ? -6.661  8.814   8.507   1.00 19.86 ? 75  TYR A CG  1 
ATOM   506  C CD1 . TYR A 1 66  ? -5.779  9.848   8.177   1.00 19.16 ? 75  TYR A CD1 1 
ATOM   507  C CD2 . TYR A 1 66  ? -7.430  8.260   7.476   1.00 18.61 ? 75  TYR A CD2 1 
ATOM   508  C CE1 . TYR A 1 66  ? -5.658  10.297  6.874   1.00 18.89 ? 75  TYR A CE1 1 
ATOM   509  C CE2 . TYR A 1 66  ? -7.314  8.709   6.174   1.00 19.32 ? 75  TYR A CE2 1 
ATOM   510  C CZ  . TYR A 1 66  ? -6.427  9.738   5.877   1.00 18.41 ? 75  TYR A CZ  1 
ATOM   511  O OH  . TYR A 1 66  ? -6.335  10.166  4.573   1.00 21.26 ? 75  TYR A OH  1 
ATOM   512  N N   . LYS A 1 67  ? -6.956  10.963  11.443  1.00 21.78 ? 76  LYS A N   1 
ATOM   513  C CA  . LYS A 1 67  ? -6.757  12.409  11.458  1.00 23.22 ? 76  LYS A CA  1 
ATOM   514  C C   . LYS A 1 67  ? -5.279  12.693  11.241  1.00 23.10 ? 76  LYS A C   1 
ATOM   515  O O   . LYS A 1 67  ? -4.457  11.775  11.215  1.00 22.24 ? 76  LYS A O   1 
ATOM   516  C CB  . LYS A 1 67  ? -7.243  13.029  12.781  1.00 23.41 ? 76  LYS A CB  1 
ATOM   517  C CG  . LYS A 1 67  ? -6.568  12.488  13.988  1.00 23.56 ? 76  LYS A CG  1 
ATOM   518  C CD  . LYS A 1 67  ? -7.118  13.105  15.277  1.00 24.46 ? 76  LYS A CD  1 
ATOM   519  C CE  . LYS A 1 67  ? -6.472  12.472  16.486  1.00 28.69 ? 76  LYS A CE  1 
ATOM   520  N NZ  . LYS A 1 67  ? -7.042  12.989  17.751  1.00 31.59 ? 76  LYS A NZ  1 
ATOM   521  N N   . ARG A 1 68  ? -4.954  13.975  11.100  1.00 24.96 ? 77  ARG A N   1 
ATOM   522  C CA  . ARG A 1 68  ? -3.588  14.452  10.990  1.00 26.73 ? 77  ARG A CA  1 
ATOM   523  C C   . ARG A 1 68  ? -3.251  15.243  12.249  1.00 27.91 ? 77  ARG A C   1 
ATOM   524  O O   . ARG A 1 68  ? -4.014  16.118  12.666  1.00 28.22 ? 77  ARG A O   1 
ATOM   525  C CB  . ARG A 1 68  ? -3.456  15.358  9.768   1.00 27.27 ? 77  ARG A CB  1 
ATOM   526  C CG  . ARG A 1 68  ? -3.666  14.683  8.444   1.00 27.63 ? 77  ARG A CG  1 
ATOM   527  C CD  . ARG A 1 68  ? -2.386  14.083  7.905   1.00 28.87 ? 77  ARG A CD  1 
ATOM   528  N NE  . ARG A 1 68  ? -2.574  13.286  6.699   1.00 27.13 ? 77  ARG A NE  1 
ATOM   529  C CZ  . ARG A 1 68  ? -1.580  12.651  6.087   1.00 24.84 ? 77  ARG A CZ  1 
ATOM   530  N NH1 . ARG A 1 68  ? -0.346  12.747  6.580   1.00 23.80 ? 77  ARG A NH1 1 
ATOM   531  N NH2 . ARG A 1 68  ? -1.819  11.926  4.996   1.00 24.53 ? 77  ARG A NH2 1 
ATOM   532  N N   . VAL A 1 69  ? -2.130  14.912  12.875  1.00 29.02 ? 78  VAL A N   1 
ATOM   533  C CA  . VAL A 1 69  ? -1.623  15.699  13.989  1.00 30.56 ? 78  VAL A CA  1 
ATOM   534  C C   . VAL A 1 69  ? -0.331  16.277  13.431  1.00 31.99 ? 78  VAL A C   1 
ATOM   535  O O   . VAL A 1 69  ? 0.686   15.568  13.305  1.00 31.52 ? 78  VAL A O   1 
ATOM   536  C CB  . VAL A 1 69  ? -1.465  14.877  15.290  1.00 30.67 ? 78  VAL A CB  1 
ATOM   537  C CG1 . VAL A 1 69  ? -0.892  15.737  16.410  1.00 31.29 ? 78  VAL A CG1 1 
ATOM   538  C CG2 . VAL A 1 69  ? -2.820  14.319  15.727  1.00 30.74 ? 78  VAL A CG2 1 
ATOM   539  N N   . ASN A 1 70  ? -0.445  17.581  13.039  1.00 33.87 ? 79  ASN A N   1 
ATOM   540  C CA  . ASN A 1 70  ? 0.513   18.226  12.148  1.00 35.06 ? 79  ASN A CA  1 
ATOM   541  C C   . ASN A 1 70  ? 0.560   17.460  10.808  1.00 34.05 ? 79  ASN A C   1 
ATOM   542  O O   . ASN A 1 70  ? -0.466  16.927  10.378  1.00 34.35 ? 79  ASN A O   1 
ATOM   543  C CB  . ASN A 1 70  ? 1.868   18.394  12.837  1.00 36.37 ? 79  ASN A CB  1 
ATOM   544  C CG  . ASN A 1 70  ? 1.926   19.648  13.715  1.00 38.94 ? 79  ASN A CG  1 
ATOM   545  O OD1 . ASN A 1 70  ? 1.777   20.772  13.221  1.00 42.66 ? 79  ASN A OD1 1 
ATOM   546  N ND2 . ASN A 1 70  ? 2.157   19.460  15.012  1.00 41.25 ? 79  ASN A ND2 1 
ATOM   547  N N   . GLY A 1 71  ? 1.654   17.199  10.073  1.00 32.63 ? 80  GLY A N   1 
ATOM   548  C CA  . GLY A 1 71  ? 1.795   15.969  9.313   1.00 30.94 ? 80  GLY A CA  1 
ATOM   549  C C   . GLY A 1 71  ? 1.414   14.517  9.579   1.00 28.75 ? 80  GLY A C   1 
ATOM   550  O O   . GLY A 1 71  ? 1.105   13.768  8.649   1.00 29.57 ? 80  GLY A O   1 
ATOM   551  N N   . ALA A 1 72  ? 1.411   14.124  10.849  1.00 26.67 ? 81  ALA A N   1 
ATOM   552  C CA  . ALA A 1 72  ? 1.381   12.698  11.186  1.00 24.67 ? 81  ALA A CA  1 
ATOM   553  C C   . ALA A 1 72  ? -0.011  12.109  11.097  1.00 23.35 ? 81  ALA A C   1 
ATOM   554  O O   . ALA A 1 72  ? -0.979  12.731  11.523  1.00 23.72 ? 81  ALA A O   1 
ATOM   555  C CB  . ALA A 1 72  ? 1.950   12.473  12.562  1.00 24.82 ? 81  ALA A CB  1 
ATOM   556  N N   . ILE A 1 73  ? -0.098  10.921  10.509  1.00 21.56 ? 82  ILE A N   1 
ATOM   557  C CA  . ILE A 1 73  ? -1.354  10.176  10.439  1.00 19.41 ? 82  ILE A CA  1 
ATOM   558  C C   . ILE A 1 73  ? -1.609  9.513   11.780  1.00 19.83 ? 82  ILE A C   1 
ATOM   559  O O   . ILE A 1 73  ? -0.749  8.840   12.332  1.00 19.31 ? 82  ILE A O   1 
ATOM   560  C CB  . ILE A 1 73  ? -1.313  9.124   9.310   1.00 19.27 ? 82  ILE A CB  1 
ATOM   561  C CG1 . ILE A 1 73  ? -1.111  9.801   7.944   1.00 19.74 ? 82  ILE A CG1 1 
ATOM   562  C CG2 . ILE A 1 73  ? -2.576  8.276   9.329   1.00 19.52 ? 82  ILE A CG2 1 
ATOM   563  C CD1 . ILE A 1 73  ? -0.729  8.820   6.844   1.00 20.32 ? 82  ILE A CD1 1 
ATOM   564  N N   . VAL A 1 74  ? -2.807  9.731   12.319  1.00 19.66 ? 83  VAL A N   1 
ATOM   565  C CA  . VAL A 1 74  ? -3.229  9.091   13.558  1.00 19.84 ? 83  VAL A CA  1 
ATOM   566  C C   . VAL A 1 74  ? -4.521  8.338   13.293  1.00 19.24 ? 83  VAL A C   1 
ATOM   567  O O   . VAL A 1 74  ? -5.566  8.943   13.023  1.00 18.99 ? 83  VAL A O   1 
ATOM   568  C CB  . VAL A 1 74  ? -3.444  10.134  14.679  1.00 19.96 ? 83  VAL A CB  1 
ATOM   569  C CG1 . VAL A 1 74  ? -3.919  9.438   15.936  1.00 21.74 ? 83  VAL A CG1 1 
ATOM   570  C CG2 . VAL A 1 74  ? -2.130  10.903  14.961  1.00 21.32 ? 83  VAL A CG2 1 
ATOM   571  N N   . CYS A 1 75  ? -4.448  7.013   13.333  1.00 18.92 ? 84  CYS A N   1 
ATOM   572  C CA  . CYS A 1 75  ? -5.643  6.182   13.162  1.00 19.86 ? 84  CYS A CA  1 
ATOM   573  C C   . CYS A 1 75  ? -6.546  6.348   14.372  1.00 21.25 ? 84  CYS A C   1 
ATOM   574  O O   . CYS A 1 75  ? -6.092  6.284   15.513  1.00 23.69 ? 84  CYS A O   1 
ATOM   575  C CB  . CYS A 1 75  ? -5.217  4.738   12.964  1.00 19.96 ? 84  CYS A CB  1 
ATOM   576  S SG  . CYS A 1 75  ? -4.301  4.414   11.441  1.00 19.29 ? 84  CYS A SG  1 
ATOM   577  N N   . GLU A 1 76  ? -7.817  6.622   14.124  1.00 20.37 ? 85  GLU A N   1 
ATOM   578  C CA  . GLU A 1 76  ? -8.785  6.789   15.206  1.00 21.68 ? 85  GLU A CA  1 
ATOM   579  C C   . GLU A 1 76  ? -9.481  5.462   15.492  1.00 22.39 ? 85  GLU A C   1 
ATOM   580  O O   . GLU A 1 76  ? -9.568  4.591   14.627  1.00 23.63 ? 85  GLU A O   1 
ATOM   581  C CB  . GLU A 1 76  ? -9.776  7.904   14.846  1.00 21.55 ? 85  GLU A CB  1 
ATOM   582  C CG  . GLU A 1 76  ? -9.092  9.284   14.817  1.00 22.42 ? 85  GLU A CG  1 
ATOM   583  C CD  . GLU A 1 76  ? -9.938  10.346  14.176  1.00 25.14 ? 85  GLU A CD  1 
ATOM   584  O OE1 . GLU A 1 76  ? -10.174 10.297  12.953  1.00 26.95 ? 85  GLU A OE1 1 
ATOM   585  O OE2 . GLU A 1 76  ? -10.317 11.272  14.904  1.00 26.85 ? 85  GLU A OE2 1 
ATOM   586  N N   . LYS A 1 77  ? -9.978  5.300   16.706  1.00 22.15 ? 86  LYS A N   1 
ATOM   587  C CA  . LYS A 1 77  ? -10.449 3.993   17.132  1.00 23.08 ? 86  LYS A CA  1 
ATOM   588  C C   . LYS A 1 77  ? -11.791 3.668   16.477  1.00 22.95 ? 86  LYS A C   1 
ATOM   589  O O   . LYS A 1 77  ? -12.752 4.444   16.494  1.00 23.91 ? 86  LYS A O   1 
ATOM   590  C CB  . LYS A 1 77  ? -10.593 3.922   18.640  1.00 24.07 ? 86  LYS A CB  1 
ATOM   591  C CG  . LYS A 1 77  ? -10.918 2.523   19.164  1.00 26.76 ? 86  LYS A CG  1 
ATOM   592  C CD  . LYS A 1 77  ? -10.729 2.431   20.658  1.00 32.30 ? 86  LYS A CD  1 
ATOM   593  C CE  . LYS A 1 77  ? -11.341 1.144   21.214  1.00 33.93 ? 86  LYS A CE  1 
ATOM   594  N NZ  . LYS A 1 77  ? -10.525 -0.056  20.906  1.00 35.78 ? 86  LYS A NZ  1 
ATOM   595  N N   . GLY A 1 78  ? -11.876 2.483   15.763  1.00 19.22 ? 88  GLY A N   1 
ATOM   596  C CA  . GLY A 1 78  ? -13.086 1.914   15.165  1.00 18.76 ? 88  GLY A CA  1 
ATOM   597  C C   . GLY A 1 78  ? -13.153 0.483   15.654  1.00 17.58 ? 88  GLY A C   1 
ATOM   598  O O   . GLY A 1 78  ? -12.809 0.182   16.797  1.00 19.38 ? 88  GLY A O   1 
ATOM   599  N N   . THR A 1 79  ? -13.552 -0.415  14.773  1.00 17.49 ? 89  THR A N   1 
ATOM   600  C CA  . THR A 1 79  ? -13.496 -1.827  15.109  1.00 17.23 ? 89  THR A CA  1 
ATOM   601  C C   . THR A 1 79  ? -12.044 -2.286  15.086  1.00 17.19 ? 89  THR A C   1 
ATOM   602  O O   . THR A 1 79  ? -11.167 -1.580  14.523  1.00 17.30 ? 89  THR A O   1 
ATOM   603  C CB  . THR A 1 79  ? -14.279 -2.627  14.076  1.00 16.87 ? 89  THR A CB  1 
ATOM   604  O OG1 . THR A 1 79  ? -13.622 -2.571  12.797  1.00 16.90 ? 89  THR A OG1 1 
ATOM   605  C CG2 . THR A 1 79  ? -15.716 -2.079  13.940  1.00 17.63 ? 89  THR A CG2 1 
ATOM   606  N N   . SER A 1 80  ? -11.778 -3.470  15.631  1.00 16.55 ? 90  SER A N   1 
ATOM   607  C CA  . SER A 1 80  ? -10.425 -4.024  15.601  1.00 16.69 ? 90  SER A CA  1 
ATOM   608  C C   . SER A 1 80  ? -9.909  -4.106  14.164  1.00 16.94 ? 90  SER A C   1 
ATOM   609  O O   . SER A 1 80  ? -8.773  -3.678  13.895  1.00 16.75 ? 90  SER A O   1 
ATOM   610  C CB  . SER A 1 80  ? -10.393 -5.390  16.281  1.00 18.84 ? 90  SER A CB  1 
ATOM   611  O OG  . SER A 1 80  ? -10.649 -5.204  17.670  1.00 23.98 ? 90  SER A OG  1 
ATOM   612  N N   . CYS A 1 81  ? -10.729 -4.595  13.230  1.00 15.75 ? 91  CYS A N   1 
ATOM   613  C CA  . CYS A 1 81  ? -10.326 -4.695  11.829  1.00 16.17 ? 91  CYS A CA  1 
ATOM   614  C C   . CYS A 1 81  ? -9.992  -3.320  11.280  1.00 15.87 ? 91  CYS A C   1 
ATOM   615  O O   . CYS A 1 81  ? -8.970  -3.139  10.626  1.00 16.12 ? 91  CYS A O   1 
ATOM   616  C CB  . CYS A 1 81  ? -11.454 -5.310  10.992  1.00 15.76 ? 91  CYS A CB  1 
ATOM   617  S SG  . CYS A 1 81  ? -11.380 -7.131  10.969  1.00 17.63 ? 91  CYS A SG  1 
ATOM   618  N N   . GLU A 1 82  ? -10.832 -2.320  11.531  1.00 15.23 ? 92  GLU A N   1 
ATOM   619  C CA  . GLU A 1 82  ? -10.587 -0.991  10.975  1.00 15.71 ? 92  GLU A CA  1 
ATOM   620  C C   . GLU A 1 82  ? -9.284  -0.420  11.521  1.00 16.20 ? 92  GLU A C   1 
ATOM   621  O O   . GLU A 1 82  ? -8.519  0.188   10.760  1.00 16.25 ? 92  GLU A O   1 
ATOM   622  C CB  . GLU A 1 82  ? -11.775 -0.086  11.284  1.00 16.82 ? 92  GLU A CB  1 
ATOM   623  C CG  . GLU A 1 82  ? -13.009 -0.458  10.443  1.00 16.29 ? 92  GLU A CG  1 
ATOM   624  C CD  . GLU A 1 82  ? -14.345 -0.001  10.987  1.00 16.85 ? 92  GLU A CD  1 
ATOM   625  O OE1 . GLU A 1 82  ? -14.400 0.595   12.075  1.00 16.37 ? 92  GLU A OE1 1 
ATOM   626  O OE2 . GLU A 1 82  ? -15.350 -0.259  10.276  1.00 17.26 ? 92  GLU A OE2 1 
ATOM   627  N N   . ASN A 1 83  ? -9.034  -0.621  12.815  1.00 16.29 ? 93  ASN A N   1 
ATOM   628  C CA  . ASN A 1 83  ? -7.769  -0.124  13.402  1.00 16.59 ? 93  ASN A CA  1 
ATOM   629  C C   . ASN A 1 83  ? -6.557  -0.746  12.724  1.00 15.73 ? 93  ASN A C   1 
ATOM   630  O O   . ASN A 1 83  ? -5.578  -0.051  12.390  1.00 16.41 ? 93  ASN A O   1 
ATOM   631  C CB  . ASN A 1 83  ? -7.697  -0.412  14.899  1.00 17.87 ? 93  ASN A CB  1 
ATOM   632  C CG  . ASN A 1 83  ? -8.821  0.213   15.683  1.00 20.25 ? 93  ASN A CG  1 
ATOM   633  O OD1 . ASN A 1 83  ? -9.406  1.208   15.277  1.00 21.79 ? 93  ASN A OD1 1 
ATOM   634  N ND2 . ASN A 1 83  ? -9.121  -0.384  16.828  1.00 24.34 ? 93  ASN A ND2 1 
ATOM   635  N N   . ARG A 1 84  ? -6.618  -2.051  12.500  1.00 14.64 ? 94  ARG A N   1 
ATOM   636  C CA  . ARG A 1 84  ? -5.480  -2.778  11.921  1.00 15.15 ? 94  ARG A CA  1 
ATOM   637  C C   . ARG A 1 84  ? -5.327  -2.448  10.439  1.00 15.14 ? 94  ARG A C   1 
ATOM   638  O O   . ARG A 1 84  ? -4.198  -2.312  9.941   1.00 15.82 ? 94  ARG A O   1 
ATOM   639  C CB  . ARG A 1 84  ? -5.650  -4.278  12.149  1.00 17.22 ? 94  ARG A CB  1 
ATOM   640  C CG  . ARG A 1 84  ? -5.739  -4.610  13.636  1.00 17.61 ? 94  ARG A CG  1 
ATOM   641  C CD  . ARG A 1 84  ? -6.362  -5.996  13.871  1.00 22.68 ? 94  ARG A CD  1 
ATOM   642  N NE  . ARG A 1 84  ? -5.366  -7.042  13.704  1.00 23.07 ? 94  ARG A NE  1 
ATOM   643  C CZ  . ARG A 1 84  ? -5.635  -8.343  13.656  1.00 27.03 ? 94  ARG A CZ  1 
ATOM   644  N NH1 . ARG A 1 84  ? -6.893  -8.784  13.729  1.00 26.71 ? 94  ARG A NH1 1 
ATOM   645  N NH2 . ARG A 1 84  ? -4.628  -9.206  13.532  1.00 28.20 ? 94  ARG A NH2 1 
ATOM   646  N N   . ILE A 1 85  ? -6.423  -2.340  9.710   1.00 15.16 ? 95  ILE A N   1 
ATOM   647  C CA  . ILE A 1 85  ? -6.363  -1.924  8.319   1.00 14.72 ? 95  ILE A CA  1 
ATOM   648  C C   . ILE A 1 85  ? -5.733  -0.536  8.233   1.00 14.89 ? 95  ILE A C   1 
ATOM   649  O O   . ILE A 1 85  ? -4.852  -0.294  7.383   1.00 15.54 ? 95  ILE A O   1 
ATOM   650  C CB  . ILE A 1 85  ? -7.766  -1.941  7.687   1.00 15.01 ? 95  ILE A CB  1 
ATOM   651  C CG1 . ILE A 1 85  ? -8.300  -3.384  7.632   1.00 16.27 ? 95  ILE A CG1 1 
ATOM   652  C CG2 . ILE A 1 85  ? -7.691  -1.331  6.313   1.00 15.88 ? 95  ILE A CG2 1 
ATOM   653  C CD1 . ILE A 1 85  ? -9.808  -3.460  7.352   1.00 18.65 ? 95  ILE A CD1 1 
ATOM   654  N N   . CYS A 1 86  ? -6.171  0.379   9.093   1.00 14.91 ? 96  CYS A N   1 
ATOM   655  C CA  . CYS A 1 86  ? -5.619  1.725   9.053   1.00 15.00 ? 96  CYS A CA  1 
ATOM   656  C C   . CYS A 1 86  ? -4.124  1.719   9.293   1.00 14.86 ? 96  CYS A C   1 
ATOM   657  O O   . CYS A 1 86  ? -3.391  2.420   8.568   1.00 15.44 ? 96  CYS A O   1 
ATOM   658  C CB  . CYS A 1 86  ? -6.315  2.584   10.093  1.00 15.91 ? 96  CYS A CB  1 
ATOM   659  S SG  . CYS A 1 86  ? -5.811  4.326   10.046  1.00 17.23 ? 96  CYS A SG  1 
ATOM   660  N N   . GLU A 1 87  ? -3.645  0.937   10.259  1.00 14.94 ? 97  GLU A N   1 
ATOM   661  C CA  . GLU A 1 87  ? -2.198  0.909   10.524  1.00 14.87 ? 97  GLU A CA  1 
ATOM   662  C C   . GLU A 1 87  ? -1.443  0.346   9.307   1.00 15.10 ? 97  GLU A C   1 
ATOM   663  O O   . GLU A 1 87  ? -0.345  0.831   8.969   1.00 14.87 ? 97  GLU A O   1 
ATOM   664  C CB  . GLU A 1 87  ? -1.883  0.098   11.787  1.00 15.50 ? 97  GLU A CB  1 
ATOM   665  C CG  . GLU A 1 87  ? -2.357  0.807   13.054  1.00 19.09 ? 97  GLU A CG  1 
ATOM   666  C CD  . GLU A 1 87  ? -1.661  2.106   13.337  1.00 21.37 ? 97  GLU A CD  1 
ATOM   667  O OE1 . GLU A 1 87  ? -0.525  2.314   12.881  1.00 23.72 ? 97  GLU A OE1 1 
ATOM   668  O OE2 . GLU A 1 87  ? -2.273  2.921   14.061  1.00 23.93 ? 97  GLU A OE2 1 
ATOM   669  N N   . CYS A 1 88  ? -2.006  -0.641  8.623   1.00 14.79 ? 98  CYS A N   1 
ATOM   670  C CA  . CYS A 1 88  ? -1.389  -1.148  7.384   1.00 14.66 ? 98  CYS A CA  1 
ATOM   671  C C   . CYS A 1 88  ? -1.282  -0.059  6.309   1.00 15.14 ? 98  CYS A C   1 
ATOM   672  O O   . CYS A 1 88  ? -0.235  0.103   5.673   1.00 14.36 ? 98  CYS A O   1 
ATOM   673  C CB  . CYS A 1 88  ? -2.175  -2.317  6.805   1.00 15.15 ? 98  CYS A CB  1 
ATOM   674  S SG  . CYS A 1 88  ? -2.111  -3.855  7.773   1.00 16.27 ? 98  CYS A SG  1 
ATOM   675  N N   . ASP A 1 89  ? -2.375  0.668   6.108   1.00 14.61 ? 99  ASP A N   1 
ATOM   676  C CA  . ASP A 1 89  ? -2.434  1.705   5.062   1.00 14.78 ? 99  ASP A CA  1 
ATOM   677  C C   . ASP A 1 89  ? -1.529  2.865   5.411   1.00 14.56 ? 99  ASP A C   1 
ATOM   678  O O   . ASP A 1 89  ? -0.794  3.340   4.555   1.00 14.52 ? 99  ASP A O   1 
ATOM   679  C CB  . ASP A 1 89  ? -3.877  2.176   4.897   1.00 15.09 ? 99  ASP A CB  1 
ATOM   680  C CG  . ASP A 1 89  ? -4.730  1.188   4.158   1.00 14.26 ? 99  ASP A CG  1 
ATOM   681  O OD1 . ASP A 1 89  ? -4.267  0.084   3.816   1.00 16.23 ? 99  ASP A OD1 1 
ATOM   682  O OD2 . ASP A 1 89  ? -5.921  1.520   3.943   1.00 16.10 ? 99  ASP A OD2 1 
ATOM   683  N N   . LYS A 1 90  ? -1.537  3.299   6.666   1.00 14.98 ? 100 LYS A N   1 
ATOM   684  C CA  . LYS A 1 90  ? -0.643  4.359   7.162   1.00 14.35 ? 100 LYS A CA  1 
ATOM   685  C C   . LYS A 1 90  ? 0.814   3.989   6.877   1.00 15.12 ? 100 LYS A C   1 
ATOM   686  O O   . LYS A 1 90  ? 1.580   4.818   6.344   1.00 15.50 ? 100 LYS A O   1 
ATOM   687  C CB  . LYS A 1 90  ? -0.838  4.516   8.662   1.00 15.39 ? 100 LYS A CB  1 
ATOM   688  C CG  . LYS A 1 90  ? 0.233   5.407   9.306   1.00 15.41 ? 100 LYS A CG  1 
ATOM   689  C CD  . LYS A 1 90  ? -0.055  5.603   10.778  1.00 17.28 ? 100 LYS A CD  1 
ATOM   690  C CE  . LYS A 1 90  ? 1.080   6.354   11.455  1.00 17.27 ? 100 LYS A CE  1 
ATOM   691  N NZ  . LYS A 1 90  ? 0.839   6.492   12.921  1.00 19.21 ? 100 LYS A NZ  1 
ATOM   692  N N   . ALA A 1 91  ? 1.197   2.763   7.197   1.00 15.21 ? 101 ALA A N   1 
ATOM   693  C CA  . ALA A 1 91  ? 2.587   2.347   6.976   1.00 15.33 ? 101 ALA A CA  1 
ATOM   694  C C   . ALA A 1 91  ? 2.933   2.402   5.495   1.00 14.83 ? 101 ALA A C   1 
ATOM   695  O O   . ALA A 1 91  ? 4.006   2.895   5.131   1.00 14.83 ? 101 ALA A O   1 
ATOM   696  C CB  . ALA A 1 91  ? 2.806   0.961   7.516   1.00 15.22 ? 101 ALA A CB  1 
ATOM   697  N N   . ALA A 1 92  ? 2.019   1.963   4.642   1.00 14.98 ? 102 ALA A N   1 
ATOM   698  C CA  . ALA A 1 92  ? 2.312   1.928   3.197   1.00 15.01 ? 102 ALA A CA  1 
ATOM   699  C C   . ALA A 1 92  ? 2.416   3.335   2.651   1.00 15.93 ? 102 ALA A C   1 
ATOM   700  O O   . ALA A 1 92  ? 3.327   3.605   1.884   1.00 15.56 ? 102 ALA A O   1 
ATOM   701  C CB  . ALA A 1 92  ? 1.238   1.168   2.488   1.00 15.81 ? 102 ALA A CB  1 
ATOM   702  N N   . ALA A 1 93  ? 1.549   4.231   3.115   1.00 15.74 ? 103 ALA A N   1 
ATOM   703  C CA  . ALA A 1 93  ? 1.605   5.618   2.642   1.00 16.87 ? 103 ALA A CA  1 
ATOM   704  C C   . ALA A 1 93  ? 2.914   6.282   3.054   1.00 17.15 ? 103 ALA A C   1 
ATOM   705  O O   . ALA A 1 93  ? 3.536   6.960   2.229   1.00 18.53 ? 103 ALA A O   1 
ATOM   706  C CB  . ALA A 1 93  ? 0.448   6.414   3.155   1.00 18.18 ? 103 ALA A CB  1 
ATOM   707  N N   . ILE A 1 94  ? 3.313   6.099   4.309   1.00 17.16 ? 104 ILE A N   1 
ATOM   708  C CA  . ILE A 1 94  ? 4.604   6.590   4.801   1.00 17.25 ? 104 ILE A CA  1 
ATOM   709  C C   . ILE A 1 94  ? 5.742   5.963   3.986   1.00 17.50 ? 104 ILE A C   1 
ATOM   710  O O   . ILE A 1 94  ? 6.676   6.664   3.579   1.00 17.02 ? 104 ILE A O   1 
ATOM   711  C CB  . ILE A 1 94  ? 4.769   6.272   6.294   1.00 17.75 ? 104 ILE A CB  1 
ATOM   712  C CG1 . ILE A 1 94  ? 3.822   7.166   7.086   1.00 20.37 ? 104 ILE A CG1 1 
ATOM   713  C CG2 . ILE A 1 94  ? 6.244   6.401   6.741   1.00 18.85 ? 104 ILE A CG2 1 
ATOM   714  C CD1 . ILE A 1 94  ? 3.665   6.722   8.540   1.00 23.08 ? 104 ILE A CD1 1 
ATOM   715  N N   . CYS A 1 95  ? 5.662   4.665   3.747   1.00 17.50 ? 105 CYS A N   1 
ATOM   716  C CA  . CYS A 1 95  ? 6.678   3.945   2.970   1.00 16.74 ? 105 CYS A CA  1 
ATOM   717  C C   . CYS A 1 95  ? 6.797   4.521   1.561   1.00 16.91 ? 105 CYS A C   1 
ATOM   718  O O   . CYS A 1 95  ? 7.912   4.772   1.078   1.00 17.59 ? 105 CYS A O   1 
ATOM   719  C CB  . CYS A 1 95  ? 6.358   2.459   2.964   1.00 17.15 ? 105 CYS A CB  1 
ATOM   720  S SG  . CYS A 1 95  ? 7.642   1.447   2.249   1.00 17.98 ? 105 CYS A SG  1 
ATOM   721  N N   . PHE A 1 96  ? 5.655   4.799   0.946   1.00 17.26 ? 106 PHE A N   1 
ATOM   722  C CA  . PHE A 1 96  ? 5.695   5.392   -0.392  1.00 17.28 ? 106 PHE A CA  1 
ATOM   723  C C   . PHE A 1 96  ? 6.367   6.749   -0.346  1.00 18.07 ? 106 PHE A C   1 
ATOM   724  O O   . PHE A 1 96  ? 7.193   7.051   -1.212  1.00 18.13 ? 106 PHE A O   1 
ATOM   725  C CB  . PHE A 1 96  ? 4.285   5.570   -0.961  1.00 16.82 ? 106 PHE A CB  1 
ATOM   726  C CG  . PHE A 1 96  ? 3.584   4.292   -1.315  1.00 16.61 ? 106 PHE A CG  1 
ATOM   727  C CD1 . PHE A 1 96  ? 4.266   3.168   -1.763  1.00 17.41 ? 106 PHE A CD1 1 
ATOM   728  C CD2 . PHE A 1 96  ? 2.188   4.256   -1.286  1.00 19.26 ? 106 PHE A CD2 1 
ATOM   729  C CE1 . PHE A 1 96  ? 3.558   1.987   -2.123  1.00 17.94 ? 106 PHE A CE1 1 
ATOM   730  C CE2 . PHE A 1 96  ? 1.474   3.082   -1.633  1.00 18.55 ? 106 PHE A CE2 1 
ATOM   731  C CZ  . PHE A 1 96  ? 2.147   1.973   -2.066  1.00 17.11 ? 106 PHE A CZ  1 
ATOM   732  N N   . ARG A 1 97  ? 6.052   7.553   0.657   1.00 17.23 ? 107 ARG A N   1 
ATOM   733  C CA  . ARG A 1 97  ? 6.657   8.897   0.805   1.00 18.93 ? 107 ARG A CA  1 
ATOM   734  C C   . ARG A 1 97  ? 8.163   8.802   0.974   1.00 19.49 ? 107 ARG A C   1 
ATOM   735  O O   . ARG A 1 97  ? 8.923   9.599   0.380   1.00 20.09 ? 107 ARG A O   1 
ATOM   736  C CB  . ARG A 1 97  ? 6.028   9.641   1.970   1.00 19.05 ? 107 ARG A CB  1 
ATOM   737  C CG  . ARG A 1 97  ? 6.654   10.976  2.276   1.00 21.71 ? 107 ARG A CG  1 
ATOM   738  C CD  . ARG A 1 97  ? 6.300   11.980  1.200   1.00 24.10 ? 107 ARG A CD  1 
ATOM   739  N NE  . ARG A 1 97  ? 6.986   13.258  1.384   1.00 25.84 ? 107 ARG A NE  1 
ATOM   740  C CZ  . ARG A 1 97  ? 8.208   13.512  0.918   1.00 28.79 ? 107 ARG A CZ  1 
ATOM   741  N NH1 . ARG A 1 97  ? 8.762   14.702  1.130   1.00 33.42 ? 107 ARG A NH1 1 
ATOM   742  N NH2 . ARG A 1 97  ? 8.879   12.576  0.256   1.00 27.04 ? 107 ARG A NH2 1 
ATOM   743  N N   . GLN A 1 98  ? 8.599   7.829   1.767   1.00 19.34 ? 108 GLN A N   1 
ATOM   744  C CA  . GLN A 1 98  ? 10.017  7.635   2.073   1.00 20.34 ? 108 GLN A CA  1 
ATOM   745  C C   . GLN A 1 98  ? 10.792  7.161   0.863   1.00 21.34 ? 108 GLN A C   1 
ATOM   746  O O   . GLN A 1 98  ? 12.032  7.283   0.832   1.00 23.18 ? 108 GLN A O   1 
ATOM   747  C CB  . GLN A 1 98  ? 10.131  6.614   3.216   1.00 21.32 ? 108 GLN A CB  1 
ATOM   748  C CG  . GLN A 1 98  ? 11.514  6.387   3.774   1.00 23.19 ? 108 GLN A CG  1 
ATOM   749  C CD  . GLN A 1 98  ? 11.513  5.979   5.249   1.00 27.52 ? 108 GLN A CD  1 
ATOM   750  O OE1 . GLN A 1 98  ? 12.280  6.520   6.052   1.00 31.08 ? 108 GLN A OE1 1 
ATOM   751  N NE2 . GLN A 1 98  ? 10.657  5.039   5.610   1.00 21.88 ? 108 GLN A NE2 1 
ATOM   752  N N   . ASN A 1 99  ? 10.092  6.636   -0.143  1.00 21.05 ? 109 ASN A N   1 
ATOM   753  C CA  . ASN A 1 99  ? 10.775  6.047   -1.289  1.00 20.81 ? 109 ASN A CA  1 
ATOM   754  C C   . ASN A 1 99  ? 10.475  6.758   -2.596  1.00 21.51 ? 109 ASN A C   1 
ATOM   755  O O   . ASN A 1 99  ? 10.791  6.233   -3.673  1.00 22.03 ? 109 ASN A O   1 
ATOM   756  C CB  . ASN A 1 99  ? 10.448  4.571   -1.361  1.00 19.86 ? 109 ASN A CB  1 
ATOM   757  C CG  . ASN A 1 99  ? 11.060  3.813   -0.226  1.00 19.29 ? 109 ASN A CG  1 
ATOM   758  O OD1 . ASN A 1 99  ? 12.266  3.673   -0.150  1.00 20.84 ? 109 ASN A OD1 1 
ATOM   759  N ND2 . ASN A 1 99  ? 10.227  3.310   0.677   1.00 20.33 ? 109 ASN A ND2 1 
ATOM   760  N N   . LEU A 1 100 ? 9.897   7.948   -2.505  1.00 23.12 ? 110 LEU A N   1 
ATOM   761  C CA  . LEU A 1 100 ? 9.513   8.670   -3.733  1.00 25.13 ? 110 LEU A CA  1 
ATOM   762  C C   . LEU A 1 100 ? 10.779  8.928   -4.544  1.00 26.32 ? 110 LEU A C   1 
ATOM   763  O O   . LEU A 1 100 ? 10.734  8.956   -5.786  1.00 27.04 ? 110 LEU A O   1 
ATOM   764  C CB  . LEU A 1 100 ? 8.917   10.004  -3.361  1.00 26.05 ? 110 LEU A CB  1 
ATOM   765  C CG  . LEU A 1 100 ? 7.403   10.032  -3.220  1.00 27.18 ? 110 LEU A CG  1 
ATOM   766  C CD1 . LEU A 1 100 ? 6.968   11.442  -2.878  1.00 28.23 ? 110 LEU A CD1 1 
ATOM   767  C CD2 . LEU A 1 100 ? 6.690   9.533   -4.488  1.00 29.57 ? 110 LEU A CD2 1 
ATOM   768  N N   . ASN A 1 101 ? 11.898  9.096   -3.835  1.00 27.45 ? 111 ASN A N   1 
ATOM   769  C CA  . ASN A 1 101 ? 13.213  9.384   -4.435  1.00 28.34 ? 111 ASN A CA  1 
ATOM   770  C C   . ASN A 1 101 ? 13.734  8.316   -5.407  1.00 27.92 ? 111 ASN A C   1 
ATOM   771  O O   . ASN A 1 101 ? 14.690  8.555   -6.171  1.00 29.52 ? 111 ASN A O   1 
ATOM   772  C CB  . ASN A 1 101 ? 14.265  9.688   -3.338  1.00 28.81 ? 111 ASN A CB  1 
ATOM   773  C CG  . ASN A 1 101 ? 14.637  8.455   -2.478  1.00 31.63 ? 111 ASN A CG  1 
ATOM   774  O OD1 . ASN A 1 101 ? 15.752  8.359   -1.974  1.00 36.15 ? 111 ASN A OD1 1 
ATOM   775  N ND2 . ASN A 1 101 ? 13.704  7.532   -2.299  1.00 32.51 ? 111 ASN A ND2 1 
ATOM   776  N N   . THR A 1 102 ? 13.141  7.129   -5.359  1.00 26.08 ? 112 THR A N   1 
ATOM   777  C CA  . THR A 1 102 ? 13.516  6.049   -6.270  1.00 25.70 ? 112 THR A CA  1 
ATOM   778  C C   . THR A 1 102 ? 12.403  5.637   -7.242  1.00 25.15 ? 112 THR A C   1 
ATOM   779  O O   . THR A 1 102 ? 12.557  4.676   -7.986  1.00 25.58 ? 112 THR A O   1 
ATOM   780  C CB  . THR A 1 102 ? 14.020  4.808   -5.533  1.00 25.62 ? 112 THR A CB  1 
ATOM   781  O OG1 . THR A 1 102 ? 12.983  4.298   -4.667  1.00 26.23 ? 112 THR A OG1 1 
ATOM   782  C CG2 . THR A 1 102 ? 15.269  5.137   -4.734  1.00 24.77 ? 112 THR A CG2 1 
ATOM   783  N N   . TYR A 1 103 ? 11.277  6.344   -7.288  1.00 25.44 ? 113 TYR A N   1 
ATOM   784  C CA  . TYR A 1 103 ? 10.022  5.714   -7.751  1.00 25.13 ? 113 TYR A CA  1 
ATOM   785  C C   . TYR A 1 103 ? 10.444  5.768   -9.225  1.00 25.81 ? 113 TYR A C   1 
ATOM   786  O O   . TYR A 1 103 ? 11.085  6.739   -9.655  1.00 26.62 ? 113 TYR A O   1 
ATOM   787  C CB  . TYR A 1 103 ? 8.850   6.675   -7.474  1.00 25.16 ? 113 TYR A CB  1 
ATOM   788  C CG  . TYR A 1 103 ? 7.609   6.324   -8.248  1.00 25.11 ? 113 TYR A CG  1 
ATOM   789  C CD1 . TYR A 1 103 ? 7.480   6.665   -9.593  1.00 24.40 ? 113 TYR A CD1 1 
ATOM   790  C CD2 . TYR A 1 103 ? 6.573   5.631   -7.649  1.00 23.83 ? 113 TYR A CD2 1 
ATOM   791  C CE1 . TYR A 1 103 ? 6.366   6.327   -10.321 1.00 25.58 ? 113 TYR A CE1 1 
ATOM   792  C CE2 . TYR A 1 103 ? 5.430   5.276   -8.374  1.00 26.04 ? 113 TYR A CE2 1 
ATOM   793  C CZ  . TYR A 1 103 ? 5.343   5.615   -9.709  1.00 26.07 ? 113 TYR A CZ  1 
ATOM   794  O OH  . TYR A 1 103 ? 4.221   5.271   -10.422 1.00 26.10 ? 113 TYR A OH  1 
ATOM   795  N N   . SER A 1 104 ? 10.110  4.731   -9.980  1.00 25.70 ? 114 SER A N   1 
ATOM   796  C CA  . SER A 1 104 ? 10.494  4.676   -11.393 1.00 27.20 ? 114 SER A CA  1 
ATOM   797  C C   . SER A 1 104 ? 9.325   4.316   -12.299 1.00 27.98 ? 114 SER A C   1 
ATOM   798  O O   . SER A 1 104 ? 8.686   3.262   -12.146 1.00 26.50 ? 114 SER A O   1 
ATOM   799  C CB  . SER A 1 104 ? 11.617  3.684   -11.592 1.00 27.93 ? 114 SER A CB  1 
ATOM   800  O OG  . SER A 1 104 ? 11.987  3.657   -12.961 1.00 32.63 ? 114 SER A OG  1 
ATOM   801  N N   . LYS A 1 105 ? 9.075   5.191   -13.270 1.00 29.62 ? 115 LYS A N   1 
ATOM   802  C CA  . LYS A 1 105 ? 7.970   5.014   -14.209 1.00 30.58 ? 115 LYS A CA  1 
ATOM   803  C C   . LYS A 1 105 ? 8.088   3.741   -15.052 1.00 30.36 ? 115 LYS A C   1 
ATOM   804  O O   . LYS A 1 105 ? 7.077   3.219   -15.533 1.00 31.33 ? 115 LYS A O   1 
ATOM   805  C CB  . LYS A 1 105 ? 7.811   6.247   -15.107 1.00 31.76 ? 115 LYS A CB  1 
ATOM   806  C CG  . LYS A 1 105 ? 7.175   7.441   -14.423 1.00 34.44 ? 115 LYS A CG  1 
ATOM   807  C CD  . LYS A 1 105 ? 6.960   8.587   -15.413 1.00 38.76 ? 115 LYS A CD  1 
ATOM   808  C CE  . LYS A 1 105 ? 5.919   9.555   -14.892 1.00 41.71 ? 115 LYS A CE  1 
ATOM   809  N NZ  . LYS A 1 105 ? 5.587   10.614  -15.892 1.00 44.56 ? 115 LYS A NZ  1 
ATOM   810  N N   . LYS A 1 106 ? 9.303   3.228   -15.202 1.00 30.38 ? 116 LYS A N   1 
ATOM   811  C CA  . LYS A 1 106 ? 9.519   1.973   -15.933 1.00 31.11 ? 116 LYS A CA  1 
ATOM   812  C C   . LYS A 1 106 ? 8.837   0.773   -15.263 1.00 30.32 ? 116 LYS A C   1 
ATOM   813  O O   . LYS A 1 106 ? 8.655   -0.279  -15.892 1.00 31.43 ? 116 LYS A O   1 
ATOM   814  C CB  . LYS A 1 106 ? 11.014  1.689   -16.135 1.00 31.77 ? 116 LYS A CB  1 
ATOM   815  C CG  . LYS A 1 106 ? 11.742  1.214   -14.894 1.00 33.51 ? 116 LYS A CG  1 
ATOM   816  C CD  . LYS A 1 106 ? 13.186  0.880   -15.190 1.00 37.21 ? 116 LYS A CD  1 
ATOM   817  C CE  . LYS A 1 106 ? 14.008  0.913   -13.909 1.00 38.57 ? 116 LYS A CE  1 
ATOM   818  N NZ  . LYS A 1 106 ? 14.327  2.322   -13.529 1.00 40.91 ? 116 LYS A NZ  1 
ATOM   819  N N   . TYR A 1 107 ? 8.479   0.928   -13.982 1.00 29.21 ? 117 TYR A N   1 
ATOM   820  C CA  . TYR A 1 107 ? 7.793   -0.134  -13.265 1.00 27.83 ? 117 TYR A CA  1 
ATOM   821  C C   . TYR A 1 107 ? 6.288   0.027   -13.255 1.00 26.97 ? 117 TYR A C   1 
ATOM   822  O O   . TYR A 1 107 ? 5.598   -0.824  -12.727 1.00 26.27 ? 117 TYR A O   1 
ATOM   823  C CB  . TYR A 1 107 ? 8.321   -0.270  -11.830 1.00 28.31 ? 117 TYR A CB  1 
ATOM   824  C CG  . TYR A 1 107 ? 9.759   -0.710  -11.757 1.00 26.67 ? 117 TYR A CG  1 
ATOM   825  C CD1 . TYR A 1 107 ? 10.211  -1.829  -12.471 1.00 27.36 ? 117 TYR A CD1 1 
ATOM   826  C CD2 . TYR A 1 107 ? 10.690  -0.002  -10.980 1.00 28.27 ? 117 TYR A CD2 1 
ATOM   827  C CE1 . TYR A 1 107 ? 11.545  -2.235  -12.414 1.00 28.73 ? 117 TYR A CE1 1 
ATOM   828  C CE2 . TYR A 1 107 ? 12.027  -0.415  -10.917 1.00 29.45 ? 117 TYR A CE2 1 
ATOM   829  C CZ  . TYR A 1 107 ? 12.443  -1.522  -11.635 1.00 28.84 ? 117 TYR A CZ  1 
ATOM   830  O OH  . TYR A 1 107 ? 13.747  -1.956  -11.586 1.00 31.86 ? 117 TYR A OH  1 
ATOM   831  N N   . MET A 1 108 ? 5.764   1.110   -13.826 1.00 27.47 ? 118 MET A N   1 
ATOM   832  C CA  . MET A 1 108 ? 4.307   1.229   -14.004 1.00 29.00 ? 118 MET A CA  1 
ATOM   833  C C   . MET A 1 108 ? 3.832   0.227   -15.064 1.00 27.98 ? 118 MET A C   1 
ATOM   834  O O   . MET A 1 108 ? 4.493   0.038   -16.103 1.00 28.90 ? 118 MET A O   1 
ATOM   835  C CB  . MET A 1 108 ? 3.934   2.636   -14.463 1.00 28.73 ? 118 MET A CB  1 
ATOM   836  C CG  . MET A 1 108 ? 4.110   3.719   -13.401 1.00 30.51 ? 118 MET A CG  1 
ATOM   837  S SD  . MET A 1 108 ? 3.656   5.391   -13.950 1.00 33.20 ? 118 MET A SD  1 
ATOM   838  C CE  . MET A 1 108 ? 1.895   5.263   -14.106 1.00 32.57 ? 118 MET A CE  1 
ATOM   839  N N   . LEU A 1 109 ? 2.672   -0.376  -14.831 1.00 28.17 ? 119 LEU A N   1 
ATOM   840  C CA  . LEU A 1 109 ? 2.119   -1.393  -15.730 1.00 27.63 ? 119 LEU A CA  1 
ATOM   841  C C   . LEU A 1 109 ? 3.103   -2.543  -15.940 1.00 27.18 ? 119 LEU A C   1 
ATOM   842  O O   . LEU A 1 109 ? 3.179   -3.108  -17.034 1.00 27.81 ? 119 LEU A O   1 
ATOM   843  C CB  . LEU A 1 109 ? 1.717   -0.769  -17.083 1.00 27.95 ? 119 LEU A CB  1 
ATOM   844  C CG  . LEU A 1 109 ? 0.616   0.308   -17.076 1.00 29.76 ? 119 LEU A CG  1 
ATOM   845  C CD1 . LEU A 1 109 ? 0.439   0.955   -18.461 1.00 31.88 ? 119 LEU A CD1 1 
ATOM   846  C CD2 . LEU A 1 109 ? -0.679  -0.275  -16.586 1.00 32.29 ? 119 LEU A CD2 1 
ATOM   847  N N   . TYR A 1 110 ? 3.836   -2.914  -14.887 1.00 24.88 ? 120 TYR A N   1 
ATOM   848  C CA  . TYR A 1 110 ? 4.874   -3.946  -14.985 1.00 23.50 ? 120 TYR A CA  1 
ATOM   849  C C   . TYR A 1 110 ? 4.270   -5.303  -15.383 1.00 23.28 ? 120 TYR A C   1 
ATOM   850  O O   . TYR A 1 110 ? 3.299   -5.740  -14.768 1.00 23.23 ? 120 TYR A O   1 
ATOM   851  C CB  . TYR A 1 110 ? 5.650   -4.056  -13.656 1.00 23.94 ? 120 TYR A CB  1 
ATOM   852  C CG  . TYR A 1 110 ? 6.986   -4.749  -13.796 1.00 24.35 ? 120 TYR A CG  1 
ATOM   853  C CD1 . TYR A 1 110 ? 8.032   -4.146  -14.516 1.00 25.63 ? 120 TYR A CD1 1 
ATOM   854  C CD2 . TYR A 1 110 ? 7.216   -5.991  -13.215 1.00 25.84 ? 120 TYR A CD2 1 
ATOM   855  C CE1 . TYR A 1 110 ? 9.261   -4.753  -14.652 1.00 25.94 ? 120 TYR A CE1 1 
ATOM   856  C CE2 . TYR A 1 110 ? 8.451   -6.625  -13.344 1.00 25.86 ? 120 TYR A CE2 1 
ATOM   857  C CZ  . TYR A 1 110 ? 9.472   -5.998  -14.058 1.00 27.21 ? 120 TYR A CZ  1 
ATOM   858  O OH  . TYR A 1 110 ? 10.690  -6.638  -14.180 1.00 29.07 ? 120 TYR A OH  1 
ATOM   859  N N   . PRO A 1 111 ? 4.803   -5.952  -16.441 1.00 22.42 ? 121 PRO A N   1 
ATOM   860  C CA  . PRO A 1 111 ? 4.230   -7.225  -16.885 1.00 23.06 ? 121 PRO A CA  1 
ATOM   861  C C   . PRO A 1 111 ? 4.419   -8.363  -15.880 1.00 22.60 ? 121 PRO A C   1 
ATOM   862  O O   . PRO A 1 111 ? 5.510   -8.541  -15.315 1.00 22.68 ? 121 PRO A O   1 
ATOM   863  C CB  . PRO A 1 111 ? 5.000   -7.528  -18.190 1.00 23.29 ? 121 PRO A CB  1 
ATOM   864  C CG  . PRO A 1 111 ? 6.255   -6.785  -18.072 1.00 24.21 ? 121 PRO A CG  1 
ATOM   865  C CD  . PRO A 1 111 ? 5.936   -5.533  -17.286 1.00 23.40 ? 121 PRO A CD  1 
ATOM   866  N N   . ASP A 1 112 ? 3.352   -9.137  -15.704 1.00 22.27 ? 122 ASP A N   1 
ATOM   867  C CA  . ASP A 1 112 ? 3.275   -10.214 -14.717 1.00 22.18 ? 122 ASP A CA  1 
ATOM   868  C C   . ASP A 1 112 ? 4.395   -11.235 -14.890 1.00 22.64 ? 122 ASP A C   1 
ATOM   869  O O   . ASP A 1 112 ? 4.962   -11.780 -13.916 1.00 21.99 ? 122 ASP A O   1 
ATOM   870  C CB  . ASP A 1 112 ? 1.932   -10.912 -14.834 1.00 23.21 ? 122 ASP A CB  1 
ATOM   871  C CG  . ASP A 1 112 ? 1.791   -12.071 -13.856 1.00 24.51 ? 122 ASP A CG  1 
ATOM   872  O OD1 . ASP A 1 112 ? 2.146   -13.202 -14.225 1.00 26.47 ? 122 ASP A OD1 1 
ATOM   873  O OD2 . ASP A 1 112 ? 1.326   -11.823 -12.724 1.00 29.71 ? 122 ASP A OD2 1 
ATOM   874  N N   . PHE A 1 113 ? 4.800   -11.640 -16.223 1.00 25.05 ? 124 PHE A N   1 
ATOM   875  C CA  . PHE A 1 113 ? 5.747   -12.736 -16.409 1.00 25.66 ? 124 PHE A CA  1 
ATOM   876  C C   . PHE A 1 113 ? 7.140   -12.414 -15.837 1.00 26.24 ? 124 PHE A C   1 
ATOM   877  O O   . PHE A 1 113 ? 7.935   -13.325 -15.611 1.00 26.64 ? 124 PHE A O   1 
ATOM   878  C CB  . PHE A 1 113 ? 5.805   -13.131 -17.899 1.00 26.14 ? 124 PHE A CB  1 
ATOM   879  C CG  . PHE A 1 113 ? 6.713   -12.272 -18.728 1.00 25.88 ? 124 PHE A CG  1 
ATOM   880  C CD1 . PHE A 1 113 ? 6.341   -10.976 -19.062 1.00 25.89 ? 124 PHE A CD1 1 
ATOM   881  C CD2 . PHE A 1 113 ? 7.948   -12.765 -19.192 1.00 28.27 ? 124 PHE A CD2 1 
ATOM   882  C CE1 . PHE A 1 113 ? 7.167   -10.150 -19.826 1.00 27.24 ? 124 PHE A CE1 1 
ATOM   883  C CE2 . PHE A 1 113 ? 8.793   -11.954 -19.963 1.00 29.04 ? 124 PHE A CE2 1 
ATOM   884  C CZ  . PHE A 1 113 ? 8.405   -10.639 -20.283 1.00 28.06 ? 124 PHE A CZ  1 
ATOM   885  N N   . LEU A 1 114 ? 7.416   -11.130 -15.588 1.00 26.56 ? 125 LEU A N   1 
ATOM   886  C CA  . LEU A 1 114 ? 8.694   -10.711 -15.033 1.00 27.14 ? 125 LEU A CA  1 
ATOM   887  C C   . LEU A 1 114 ? 8.717   -10.842 -13.500 1.00 28.49 ? 125 LEU A C   1 
ATOM   888  O O   . LEU A 1 114 ? 9.725   -10.512 -12.866 1.00 28.80 ? 125 LEU A O   1 
ATOM   889  C CB  . LEU A 1 114 ? 9.035   -9.287  -15.488 1.00 27.53 ? 125 LEU A CB  1 
ATOM   890  C CG  . LEU A 1 114 ? 9.408   -9.185  -16.973 1.00 28.57 ? 125 LEU A CG  1 
ATOM   891  C CD1 . LEU A 1 114 ? 9.540   -7.731  -17.384 1.00 30.47 ? 125 LEU A CD1 1 
ATOM   892  C CD2 . LEU A 1 114 ? 10.694  -9.938  -17.250 1.00 31.03 ? 125 LEU A CD2 1 
ATOM   893  N N   . CYS A 1 115 ? 7.624   -11.358 -12.936 1.00 28.88 ? 126 CYS A N   1 
ATOM   894  C CA  . CYS A 1 115 ? 7.449   -11.514 -11.485 1.00 30.22 ? 126 CYS A CA  1 
ATOM   895  C C   . CYS A 1 115 ? 7.271   -12.986 -11.153 1.00 32.98 ? 126 CYS A C   1 
ATOM   896  O O   . CYS A 1 115 ? 6.152   -13.494 -11.197 1.00 33.99 ? 126 CYS A O   1 
ATOM   897  C CB  . CYS A 1 115 ? 6.200   -10.765 -11.018 1.00 29.22 ? 126 CYS A CB  1 
ATOM   898  S SG  . CYS A 1 115 ? 6.216   -9.012  -11.328 1.00 24.37 ? 126 CYS A SG  1 
ATOM   899  N N   . LYS A 1 116 ? 8.360   -13.668 -10.820 1.00 36.13 ? 127 LYS A N   1 
ATOM   900  C CA  . LYS A 1 116 ? 8.295   -15.105 -10.532 1.00 38.94 ? 127 LYS A CA  1 
ATOM   901  C C   . LYS A 1 116 ? 8.899   -15.495 -9.188  1.00 40.06 ? 127 LYS A C   1 
ATOM   902  O O   . LYS A 1 116 ? 9.859   -14.877 -8.721  1.00 40.77 ? 127 LYS A O   1 
ATOM   903  C CB  . LYS A 1 116 ? 8.955   -15.918 -11.653 1.00 39.61 ? 127 LYS A CB  1 
ATOM   904  C CG  . LYS A 1 116 ? 7.976   -16.690 -12.531 1.00 41.43 ? 127 LYS A CG  1 
ATOM   905  C CD  . LYS A 1 116 ? 7.514   -18.029 -11.896 1.00 43.39 ? 127 LYS A CD  1 
ATOM   906  C CE  . LYS A 1 116 ? 8.624   -19.102 -11.882 1.00 46.05 ? 127 LYS A CE  1 
ATOM   907  N NZ  . LYS A 1 116 ? 9.172   -19.393 -13.254 1.00 47.78 ? 127 LYS A NZ  1 
ATOM   908  N N   . GLY A 1 117 ? 8.329   -16.531 -8.581  1.00 41.62 ? 128 GLY A N   1 
ATOM   909  C CA  . GLY A 1 117 ? 8.843   -17.074 -7.325  1.00 42.81 ? 128 GLY A CA  1 
ATOM   910  C C   . GLY A 1 117 ? 8.140   -16.490 -6.117  1.00 43.86 ? 128 GLY A C   1 
ATOM   911  O O   . GLY A 1 117 ? 7.772   -15.317 -6.109  1.00 43.96 ? 128 GLY A O   1 
ATOM   912  N N   . GLU A 1 118 ? 7.960   -17.312 -5.089  1.00 44.63 ? 129 GLU A N   1 
ATOM   913  C CA  . GLU A 1 118 ? 7.320   -16.859 -3.856  1.00 45.19 ? 129 GLU A CA  1 
ATOM   914  C C   . GLU A 1 118 ? 8.356   -16.279 -2.905  1.00 45.00 ? 129 GLU A C   1 
ATOM   915  O O   . GLU A 1 118 ? 9.452   -16.826 -2.739  1.00 45.47 ? 129 GLU A O   1 
ATOM   916  C CB  . GLU A 1 118 ? 6.545   -17.998 -3.189  1.00 45.61 ? 129 GLU A CB  1 
ATOM   917  C CG  . GLU A 1 118 ? 5.225   -18.306 -3.882  1.00 47.88 ? 129 GLU A CG  1 
ATOM   918  C CD  . GLU A 1 118 ? 4.734   -19.721 -3.620  1.00 50.93 ? 129 GLU A CD  1 
ATOM   919  O OE1 . GLU A 1 118 ? 4.368   -20.037 -2.461  1.00 51.99 ? 129 GLU A OE1 1 
ATOM   920  O OE2 . GLU A 1 118 ? 4.703   -20.514 -4.587  1.00 52.12 ? 129 GLU A OE2 1 
ATOM   921  N N   . LEU A 1 119 ? 8.002   -15.145 -2.314  1.00 44.32 ? 130 LEU A N   1 
ATOM   922  C CA  . LEU A 1 119 ? 8.816   -14.495 -1.306  1.00 43.40 ? 130 LEU A CA  1 
ATOM   923  C C   . LEU A 1 119 ? 7.956   -14.502 -0.065  1.00 42.47 ? 130 LEU A C   1 
ATOM   924  O O   . LEU A 1 119 ? 6.832   -13.987 -0.075  1.00 42.16 ? 130 LEU A O   1 
ATOM   925  C CB  . LEU A 1 119 ? 9.134   -13.061 -1.716  1.00 43.66 ? 130 LEU A CB  1 
ATOM   926  C CG  . LEU A 1 119 ? 10.393  -12.420 -1.137  1.00 45.20 ? 130 LEU A CG  1 
ATOM   927  C CD1 . LEU A 1 119 ? 10.899  -11.406 -2.101  1.00 46.05 ? 130 LEU A CD1 1 
ATOM   928  C CD2 . LEU A 1 119 ? 10.208  -11.803 0.235   1.00 46.24 ? 130 LEU A CD2 1 
ATOM   929  N N   . LYS A 1 120 ? 8.472   -15.104 0.998   1.00 41.15 ? 131 LYS A N   1 
ATOM   930  C CA  . LYS A 1 120 ? 7.692   -15.278 2.210   1.00 40.44 ? 131 LYS A CA  1 
ATOM   931  C C   . LYS A 1 120 ? 7.676   -14.012 3.065   1.00 39.34 ? 131 LYS A C   1 
ATOM   932  O O   . LYS A 1 120 ? 8.560   -13.153 3.009   1.00 37.27 ? 131 LYS A O   1 
ATOM   933  C CB  . LYS A 1 120 ? 8.181   -16.481 3.021   1.00 40.71 ? 131 LYS A CB  1 
ATOM   934  C CG  . LYS A 1 120 ? 8.062   -17.804 2.289   1.00 42.56 ? 131 LYS A CG  1 
ATOM   935  C CD  . LYS A 1 120 ? 8.578   -18.953 3.152   1.00 45.19 ? 131 LYS A CD  1 
ATOM   936  C CE  . LYS A 1 120 ? 8.639   -20.267 2.378   1.00 45.73 ? 131 LYS A CE  1 
ATOM   937  N NZ  . LYS A 1 120 ? 9.278   -21.346 3.186   1.00 46.18 ? 131 LYS A NZ  1 
ATOM   938  N N   . CYS A 1 121 ? 6.369   -13.633 3.674   1.00 31.37 ? 133 CYS A N   1 
ATOM   939  C CA  . CYS A 1 121 ? 6.017   -12.456 4.454   1.00 32.13 ? 133 CYS A CA  1 
ATOM   940  C C   . CYS A 1 121 ? 6.838   -12.524 5.745   1.00 32.99 ? 133 CYS A C   1 
ATOM   941  O O   . CYS A 1 121 ? 7.390   -11.518 6.202   1.00 33.30 ? 133 CYS A O   1 
ATOM   942  C CB  . CYS A 1 121 ? 4.541   -12.290 4.771   1.00 30.68 ? 133 CYS A CB  1 
ATOM   943  S SG  . CYS A 1 121 ? 3.620   -11.818 3.303   1.00 29.04 ? 133 CYS A SG  1 
ATOM   944  O OXT . CYS A 1 121 ? 6.962   -13.591 6.358   1.00 35.35 ? 133 CYS A OXT 1 
HETATM 945  S S   . SO4 B 2 .   ? -15.257 3.617   0.104   0.50 40.77 ? 301 SO4 A S   1 
HETATM 946  O O1  . SO4 B 2 .   ? -14.936 2.579   -0.876  0.50 38.65 ? 301 SO4 A O1  1 
HETATM 947  O O2  . SO4 B 2 .   ? -16.024 4.672   -0.550  0.50 39.84 ? 301 SO4 A O2  1 
HETATM 948  O O3  . SO4 B 2 .   ? -16.037 2.999   1.158   0.50 40.22 ? 301 SO4 A O3  1 
HETATM 949  O O4  . SO4 B 2 .   ? -14.078 4.214   0.714   0.50 37.94 ? 301 SO4 A O4  1 
HETATM 950  S S   . SO4 C 2 .   ? 16.856  -2.294  -4.560  0.50 40.31 ? 302 SO4 A S   1 
HETATM 951  O O1  . SO4 C 2 .   ? 17.749  -1.900  -5.656  0.50 41.35 ? 302 SO4 A O1  1 
HETATM 952  O O2  . SO4 C 2 .   ? 15.681  -2.958  -5.112  0.50 39.17 ? 302 SO4 A O2  1 
HETATM 953  O O3  . SO4 C 2 .   ? 17.587  -3.213  -3.673  0.50 41.34 ? 302 SO4 A O3  1 
HETATM 954  O O4  . SO4 C 2 .   ? 16.444  -1.115  -3.787  0.50 40.35 ? 302 SO4 A O4  1 
HETATM 955  S S   . SO4 D 2 .   ? -15.037 8.239   4.421   1.00 38.31 ? 303 SO4 A S   1 
HETATM 956  O O1  . SO4 D 2 .   ? -14.569 8.345   5.808   1.00 37.60 ? 303 SO4 A O1  1 
HETATM 957  O O2  . SO4 D 2 .   ? -15.053 9.566   3.789   1.00 37.97 ? 303 SO4 A O2  1 
HETATM 958  O O3  . SO4 D 2 .   ? -14.135 7.375   3.646   1.00 36.31 ? 303 SO4 A O3  1 
HETATM 959  O O4  . SO4 D 2 .   ? -16.389 7.669   4.440   1.00 38.05 ? 303 SO4 A O4  1 
HETATM 960  S S   . SO4 E 2 .   ? 11.448  8.065   -13.809 0.50 41.87 ? 304 SO4 A S   1 
HETATM 961  O O1  . SO4 E 2 .   ? 11.928  6.735   -14.169 0.50 41.32 ? 304 SO4 A O1  1 
HETATM 962  O O2  . SO4 E 2 .   ? 11.179  8.837   -15.018 0.50 42.34 ? 304 SO4 A O2  1 
HETATM 963  O O3  . SO4 E 2 .   ? 10.213  7.952   -13.036 0.50 40.70 ? 304 SO4 A O3  1 
HETATM 964  O O4  . SO4 E 2 .   ? 12.459  8.759   -13.015 0.50 41.27 ? 304 SO4 A O4  1 
HETATM 965  O O   . POL F 3 .   ? -10.786 5.854   -7.639  1.00 31.23 ? 401 POL A O   1 
HETATM 966  C C1  . POL F 3 .   ? -10.754 4.542   -8.202  1.00 30.48 ? 401 POL A C1  1 
HETATM 967  C C2  . POL F 3 .   ? -11.975 3.729   -7.788  1.00 30.02 ? 401 POL A C2  1 
HETATM 968  C C3  . POL F 3 .   ? -11.783 2.291   -8.217  1.00 30.30 ? 401 POL A C3  1 
HETATM 969  O O   . HOH G 4 .   ? -13.107 -10.266 11.775  1.00 17.20 ? 402 HOH A O   1 
HETATM 970  O O   . HOH G 4 .   ? -8.203  0.055   3.484   1.00 17.22 ? 403 HOH A O   1 
HETATM 971  O O   . HOH G 4 .   ? 1.919   -1.840  5.270   1.00 15.83 ? 404 HOH A O   1 
HETATM 972  O O   . HOH G 4 .   ? -15.030 -3.850  10.826  1.00 16.66 ? 405 HOH A O   1 
HETATM 973  O O   . HOH G 4 .   ? -17.102 0.687   6.439   1.00 22.87 ? 406 HOH A O   1 
HETATM 974  O O   . HOH G 4 .   ? 3.883   -0.894  3.491   1.00 17.51 ? 407 HOH A O   1 
HETATM 975  O O   . HOH G 4 .   ? -17.525 -2.553  10.719  1.00 19.29 ? 408 HOH A O   1 
HETATM 976  O O   . HOH G 4 .   ? -14.057 -4.655  16.976  1.00 18.48 ? 409 HOH A O   1 
HETATM 977  O O   . HOH G 4 .   ? 11.068  2.910   -5.259  1.00 22.22 ? 410 HOH A O   1 
HETATM 978  O O   . HOH G 4 .   ? -12.900 -5.590  7.961   1.00 17.42 ? 411 HOH A O   1 
HETATM 979  O O   . HOH G 4 .   ? -2.192  -3.663  11.319  1.00 18.37 ? 412 HOH A O   1 
HETATM 980  O O   . HOH G 4 .   ? -12.917 -6.289  14.068  1.00 20.81 ? 413 HOH A O   1 
HETATM 981  O O   . HOH G 4 .   ? 1.304   2.177   10.845  1.00 18.51 ? 414 HOH A O   1 
HETATM 982  O O   . HOH G 4 .   ? -1.986  5.774   14.075  1.00 24.67 ? 415 HOH A O   1 
HETATM 983  O O   . HOH G 4 .   ? -14.493 -7.996  8.479   1.00 18.69 ? 416 HOH A O   1 
HETATM 984  O O   . HOH G 4 .   ? 3.282   -2.512  7.560   1.00 15.13 ? 417 HOH A O   1 
HETATM 985  O O   . HOH G 4 .   ? 7.516   -11.929 8.887   1.00 26.71 ? 418 HOH A O   1 
HETATM 986  O O   . HOH G 4 .   ? -8.342  -11.082 10.703  1.00 21.81 ? 419 HOH A O   1 
HETATM 987  O O   . HOH G 4 .   ? 14.663  1.247   -4.633  1.00 28.53 ? 420 HOH A O   1 
HETATM 988  O O   . HOH G 4 .   ? 12.356  -1.878  1.562   1.00 24.87 ? 421 HOH A O   1 
HETATM 989  O O   . HOH G 4 .   ? 9.285   2.686   4.960   1.00 21.72 ? 422 HOH A O   1 
HETATM 990  O O   . HOH G 4 .   ? 13.275  2.151   -8.774  1.00 27.40 ? 423 HOH A O   1 
HETATM 991  O O   . HOH G 4 .   ? -15.313 3.738   10.063  1.00 25.99 ? 424 HOH A O   1 
HETATM 992  O O   . HOH G 4 .   ? 0.248   -13.281 9.771   0.50 37.06 ? 425 HOH A O   1 
HETATM 993  O O   . HOH G 4 .   ? 14.142  4.796   -1.934  1.00 24.74 ? 426 HOH A O   1 
HETATM 994  O O   . HOH G 4 .   ? 11.039  1.659   3.030   1.00 21.35 ? 427 HOH A O   1 
HETATM 995  O O   . HOH G 4 .   ? 7.005   5.849   -3.797  1.00 21.21 ? 428 HOH A O   1 
HETATM 996  O O   . HOH G 4 .   ? 1.453   3.862   14.068  1.00 25.99 ? 429 HOH A O   1 
HETATM 997  O O   . HOH G 4 .   ? 10.140  -0.228  1.187   1.00 22.27 ? 430 HOH A O   1 
HETATM 998  O O   . HOH G 4 .   ? -10.283 7.661   18.618  1.00 36.50 ? 431 HOH A O   1 
HETATM 999  O O   . HOH G 4 .   ? 3.164   -10.321 -0.036  1.00 33.43 ? 432 HOH A O   1 
HETATM 1000 O O   . HOH G 4 .   ? -6.328  7.242   -7.367  1.00 26.22 ? 433 HOH A O   1 
HETATM 1001 O O   . HOH G 4 .   ? -8.376  3.884   12.348  1.00 26.85 ? 434 HOH A O   1 
HETATM 1002 O O   . HOH G 4 .   ? -7.513  -1.390  0.354   1.00 26.00 ? 435 HOH A O   1 
HETATM 1003 O O   . HOH G 4 .   ? -11.962 4.145   12.464  1.00 27.27 ? 436 HOH A O   1 
HETATM 1004 O O   . HOH G 4 .   ? -1.902  -6.518  9.986   1.00 26.45 ? 437 HOH A O   1 
HETATM 1005 O O   . HOH G 4 .   ? -8.122  -2.683  18.375  1.00 39.78 ? 438 HOH A O   1 
HETATM 1006 O O   . HOH G 4 .   ? 1.107   1.710   -11.121 1.00 28.21 ? 439 HOH A O   1 
HETATM 1007 O O   . HOH G 4 .   ? 3.611   7.972   -11.413 1.00 33.85 ? 440 HOH A O   1 
HETATM 1008 O O   . HOH G 4 .   ? 12.788  3.173   6.288   1.00 30.86 ? 441 HOH A O   1 
HETATM 1009 O O   . HOH G 4 .   ? -8.091  8.884   3.138   1.00 34.56 ? 442 HOH A O   1 
HETATM 1010 O O   . HOH G 4 .   ? -12.021 -9.050  1.722   1.00 48.16 ? 443 HOH A O   1 
HETATM 1011 O O   . HOH G 4 .   ? 6.641   -19.822 -0.282  1.00 65.99 ? 444 HOH A O   1 
HETATM 1012 O O   . HOH G 4 .   ? -4.293  -2.286  -1.278  1.00 39.94 ? 445 HOH A O   1 
HETATM 1013 O O   . HOH G 4 .   ? -6.960  2.952   15.694  1.00 31.89 ? 446 HOH A O   1 
HETATM 1014 O O   . HOH G 4 .   ? -11.489 -13.466 13.682  1.00 28.81 ? 447 HOH A O   1 
HETATM 1015 O O   . HOH G 4 .   ? -17.702 -0.181  3.959   1.00 25.65 ? 448 HOH A O   1 
HETATM 1016 O O   . HOH G 4 .   ? 13.186  -7.809  -8.723  1.00 47.46 ? 449 HOH A O   1 
HETATM 1017 O O   . HOH G 4 .   ? 13.347  -6.258  -3.620  1.00 27.28 ? 450 HOH A O   1 
HETATM 1018 O O   . HOH G 4 .   ? -9.798  11.919  17.463  1.00 28.54 ? 451 HOH A O   1 
HETATM 1019 O O   . HOH G 4 .   ? -7.501  10.497  -5.533  1.00 26.92 ? 452 HOH A O   1 
HETATM 1020 O O   . HOH G 4 .   ? -12.847 1.284   -1.723  1.00 30.42 ? 453 HOH A O   1 
HETATM 1021 O O   . HOH G 4 .   ? -12.917 6.875   17.375  1.00 34.80 ? 454 HOH A O   1 
HETATM 1022 O O   . HOH G 4 .   ? -2.872  19.518  13.010  1.00 42.34 ? 455 HOH A O   1 
HETATM 1023 O O   . HOH G 4 .   ? 2.989   -7.157  -12.344 1.00 29.79 ? 456 HOH A O   1 
HETATM 1024 O O   . HOH G 4 .   ? -12.413 9.966   2.528   1.00 46.13 ? 457 HOH A O   1 
HETATM 1025 O O   . HOH G 4 .   ? -0.036  10.234  -10.284 1.00 30.95 ? 458 HOH A O   1 
HETATM 1026 O O   . HOH G 4 .   ? 2.296   9.574   9.796   1.00 29.04 ? 459 HOH A O   1 
HETATM 1027 O O   . HOH G 4 .   ? 1.701   -4.674  -9.843  1.00 29.92 ? 460 HOH A O   1 
HETATM 1028 O O   . HOH G 4 .   ? -9.698  -7.834  13.976  1.00 35.26 ? 461 HOH A O   1 
HETATM 1029 O O   . HOH G 4 .   ? -5.298  8.760   -5.187  1.00 28.46 ? 462 HOH A O   1 
HETATM 1030 O O   . HOH G 4 .   ? -10.823 9.710   8.196   1.00 30.74 ? 463 HOH A O   1 
HETATM 1031 O O   . HOH G 4 .   ? -14.194 6.849   1.109   1.00 38.54 ? 464 HOH A O   1 
HETATM 1032 O O   . HOH G 4 .   ? 2.520   -16.338 -4.371  1.00 61.60 ? 465 HOH A O   1 
HETATM 1033 O O   . HOH G 4 .   ? -7.049  15.043  1.406   1.00 48.24 ? 466 HOH A O   1 
HETATM 1034 O O   . HOH G 4 .   ? -16.340 0.788   1.185   1.00 39.57 ? 467 HOH A O   1 
HETATM 1035 O O   . HOH G 4 .   ? -17.739 6.844   6.531   1.00 40.88 ? 468 HOH A O   1 
HETATM 1036 O O   . HOH G 4 .   ? 15.590  1.538   -7.093  1.00 34.10 ? 469 HOH A O   1 
HETATM 1037 O O   . HOH G 4 .   ? 4.394   5.988   11.987  1.00 24.40 ? 470 HOH A O   1 
HETATM 1038 O O   . HOH G 4 .   ? -8.208  -17.843 8.790   1.00 27.99 ? 471 HOH A O   1 
HETATM 1039 O O   . HOH G 4 .   ? -14.568 -8.075  12.695  1.00 9.75  ? 472 HOH A O   1 
HETATM 1040 O O   . HOH G 4 .   ? -7.415  -6.228  -0.269  1.00 48.87 ? 473 HOH A O   1 
HETATM 1041 O O   . HOH G 4 .   ? -9.072  7.441   -3.665  1.00 38.73 ? 474 HOH A O   1 
HETATM 1042 O O   . HOH G 4 .   ? 5.188   -13.487 -2.969  1.00 41.12 ? 475 HOH A O   1 
HETATM 1043 O O   . HOH G 4 .   ? 11.122  -13.229 3.184   1.00 50.87 ? 476 HOH A O   1 
HETATM 1044 O O   . HOH G 4 .   ? 4.345   15.680  13.599  1.00 45.40 ? 477 HOH A O   1 
HETATM 1045 O O   . HOH G 4 .   ? -10.236 2.292   12.777  1.00 34.67 ? 478 HOH A O   1 
HETATM 1046 O O   . HOH G 4 .   ? 0.133   -12.921 3.297   1.00 32.95 ? 479 HOH A O   1 
HETATM 1047 O O   . HOH G 4 .   ? -5.552  13.868  6.020   1.00 37.71 ? 480 HOH A O   1 
HETATM 1048 O O   . HOH G 4 .   ? 14.982  -4.296  -13.386 1.00 45.04 ? 481 HOH A O   1 
HETATM 1049 O O   . HOH G 4 .   ? 4.131   -13.056 -0.377  1.00 38.38 ? 482 HOH A O   1 
HETATM 1050 O O   . HOH G 4 .   ? -6.046  -12.863 3.887   1.00 58.66 ? 483 HOH A O   1 
HETATM 1051 O O   . HOH G 4 .   ? 2.439   14.174  -8.851  1.00 37.19 ? 484 HOH A O   1 
HETATM 1052 O O   . HOH G 4 .   ? 11.017  -16.074 0.929   1.00 43.80 ? 485 HOH A O   1 
HETATM 1053 O O   . HOH G 4 .   ? -3.458  14.812  -8.922  1.00 40.34 ? 486 HOH A O   1 
HETATM 1054 O O   . HOH G 4 .   ? 11.592  10.099  -0.832  1.00 31.74 ? 487 HOH A O   1 
HETATM 1055 O O   . HOH G 4 .   ? -4.387  1.876   15.433  1.00 38.90 ? 488 HOH A O   1 
HETATM 1056 O O   . HOH G 4 .   ? 6.513   -1.591  -16.845 1.00 38.99 ? 489 HOH A O   1 
HETATM 1057 O O   . HOH G 4 .   ? -6.263  3.229   -3.552  1.00 50.11 ? 490 HOH A O   1 
HETATM 1058 O O   . HOH G 4 .   ? -19.632 2.146   0.247   1.00 36.70 ? 491 HOH A O   1 
HETATM 1059 O O   . HOH G 4 .   ? -11.859 8.355   0.472   1.00 37.05 ? 492 HOH A O   1 
HETATM 1060 O O   . HOH G 4 .   ? 1.161   9.466   14.257  1.00 36.78 ? 493 HOH A O   1 
HETATM 1061 O O   . HOH G 4 .   ? 5.943   -15.859 -14.981 1.00 48.60 ? 494 HOH A O   1 
HETATM 1062 O O   . HOH G 4 .   ? 0.910   -12.078 6.078   1.00 31.70 ? 495 HOH A O   1 
HETATM 1063 O O   . HOH G 4 .   ? 14.923  -4.594  -9.690  1.00 35.15 ? 496 HOH A O   1 
HETATM 1064 O O   . HOH G 4 .   ? -2.699  -9.549  0.819   1.00 32.10 ? 497 HOH A O   1 
HETATM 1065 O O   . HOH G 4 .   ? -3.190  16.878  -3.294  1.00 28.52 ? 498 HOH A O   1 
HETATM 1066 O O   . HOH G 4 .   ? -6.589  10.459  -13.597 1.00 27.36 ? 499 HOH A O   1 
HETATM 1067 O O   . HOH G 4 .   ? -2.720  -13.707 2.349   1.00 56.89 ? 500 HOH A O   1 
HETATM 1068 O O   . HOH G 4 .   ? 13.710  -12.435 -3.582  1.00 48.62 ? 501 HOH A O   1 
HETATM 1069 O O   . HOH G 4 .   ? -6.233  7.679   -13.053 1.00 43.34 ? 502 HOH A O   1 
HETATM 1070 O O   . HOH G 4 .   ? 0.750   -7.003  -9.021  1.00 70.94 ? 503 HOH A O   1 
HETATM 1071 O O   . HOH G 4 .   ? 4.298   20.406  11.637  1.00 49.76 ? 504 HOH A O   1 
HETATM 1072 O O   . HOH G 4 .   ? -3.814  -7.372  -0.667  1.00 45.46 ? 505 HOH A O   1 
HETATM 1073 O O   . HOH G 4 .   ? -0.255  -14.252 -11.985 1.00 66.95 ? 506 HOH A O   1 
HETATM 1074 O O   . HOH G 4 .   ? 2.384   -9.148  -10.276 1.00 51.61 ? 507 HOH A O   1 
HETATM 1075 O O   . HOH G 4 .   ? -5.746  10.999  19.440  1.00 51.66 ? 508 HOH A O   1 
HETATM 1076 O O   . HOH G 4 .   ? -8.606  -11.799 -4.212  1.00 59.17 ? 509 HOH A O   1 
HETATM 1077 O O   . HOH G 4 .   ? -3.030  -3.974  -11.313 1.00 35.37 ? 510 HOH A O   1 
HETATM 1078 O O   . HOH G 4 .   ? -6.564  -4.318  16.945  1.00 63.23 ? 511 HOH A O   1 
HETATM 1079 O O   . HOH G 4 .   ? 4.437   13.712  9.551   1.00 43.72 ? 512 HOH A O   1 
HETATM 1080 O O   . HOH G 4 .   ? 10.663  -13.862 -16.480 1.00 47.53 ? 513 HOH A O   1 
HETATM 1081 O O   . HOH G 4 .   ? 0.569   -11.023 1.234   1.00 39.71 ? 514 HOH A O   1 
HETATM 1082 O O   . HOH G 4 .   ? -3.838  -14.282 5.123   1.00 43.08 ? 515 HOH A O   1 
HETATM 1083 O O   . HOH G 4 .   ? -10.478 -10.193 12.644  1.00 23.52 ? 516 HOH A O   1 
HETATM 1084 O O   . HOH G 4 .   ? -6.879  -12.786 12.867  1.00 48.12 ? 517 HOH A O   1 
HETATM 1085 O O   . HOH G 4 .   ? -13.416 7.086   14.781  1.00 42.60 ? 518 HOH A O   1 
HETATM 1086 O O   . HOH G 4 .   ? -7.738  8.219   -9.643  1.00 37.62 ? 519 HOH A O   1 
HETATM 1087 O O   . HOH G 4 .   ? 14.152  2.705   1.612   1.00 37.62 ? 520 HOH A O   1 
HETATM 1088 O O   . HOH G 4 .   ? 4.033   9.070   13.308  1.00 51.76 ? 521 HOH A O   1 
HETATM 1089 O O   . HOH G 4 .   ? 14.945  2.011   -11.007 1.00 43.40 ? 522 HOH A O   1 
HETATM 1090 O O   . HOH G 4 .   ? 17.873  -5.473  -2.818  1.00 45.41 ? 523 HOH A O   1 
HETATM 1091 O O   . HOH G 4 .   ? -6.903  8.765   17.875  1.00 40.79 ? 524 HOH A O   1 
HETATM 1092 O O   . HOH G 4 .   ? -8.537  10.750  -9.802  1.00 44.09 ? 525 HOH A O   1 
HETATM 1093 O O   . HOH G 4 .   ? 4.851   12.864  -9.013  1.00 48.72 ? 526 HOH A O   1 
HETATM 1094 O O   . HOH G 4 .   ? -11.238 -15.313 15.804  1.00 40.30 ? 527 HOH A O   1 
HETATM 1095 O O   . HOH G 4 .   ? 15.152  -6.722  -12.461 1.00 51.19 ? 528 HOH A O   1 
HETATM 1096 O O   . HOH G 4 .   ? -7.424  -9.080  2.564   1.00 40.96 ? 529 HOH A O   1 
HETATM 1097 O O   . HOH G 4 .   ? 14.839  -6.143  -6.981  1.00 42.99 ? 530 HOH A O   1 
HETATM 1098 O O   . HOH G 4 .   ? -5.138  18.568  10.908  1.00 39.53 ? 531 HOH A O   1 
HETATM 1099 O O   . HOH G 4 .   ? -14.741 0.386   21.544  1.00 37.94 ? 532 HOH A O   1 
HETATM 1100 O O   . HOH G 4 .   ? -14.082 11.788  5.062   1.00 44.31 ? 533 HOH A O   1 
HETATM 1101 O O   . HOH G 4 .   ? 14.637  7.311   1.197   1.00 38.18 ? 534 HOH A O   1 
HETATM 1102 O O   . HOH G 4 .   ? -6.220  16.613  6.504   1.00 46.47 ? 535 HOH A O   1 
HETATM 1103 O O   . HOH G 4 .   ? -7.353  13.231  8.072   1.00 42.55 ? 536 HOH A O   1 
HETATM 1104 O O   . HOH G 4 .   ? -19.329 -0.442  1.916   1.00 33.89 ? 537 HOH A O   1 
HETATM 1105 O O   . HOH G 4 .   ? 1.459   -10.706 -2.169  1.00 41.13 ? 538 HOH A O   1 
HETATM 1106 O O   . HOH G 4 .   ? -0.952  0.661   -3.930  1.00 49.08 ? 539 HOH A O   1 
HETATM 1107 O O   . HOH G 4 .   ? 14.107  4.183   4.068   1.00 41.57 ? 540 HOH A O   1 
HETATM 1108 O O   . HOH G 4 .   ? -1.202  15.790  -2.142  1.00 28.48 ? 541 HOH A O   1 
HETATM 1109 O O   . HOH G 4 .   ? -7.245  12.409  -11.845 1.00 39.35 ? 542 HOH A O   1 
HETATM 1110 O O   . HOH G 4 .   ? -4.382  18.368  7.755   1.00 38.60 ? 543 HOH A O   1 
HETATM 1111 O O   . HOH G 4 .   ? -0.518  16.301  -6.743  1.00 39.26 ? 544 HOH A O   1 
HETATM 1112 O O   . HOH G 4 .   ? -9.096  11.624  6.896   1.00 43.31 ? 545 HOH A O   1 
HETATM 1113 O O   . HOH G 4 .   ? -0.870  13.474  -9.031  1.00 36.39 ? 546 HOH A O   1 
HETATM 1114 O O   . HOH G 4 .   ? -4.141  0.096   -12.719 1.00 39.94 ? 547 HOH A O   1 
HETATM 1115 O O   . HOH G 4 .   ? 8.550   -1.569  3.315   1.00 28.23 ? 548 HOH A O   1 
HETATM 1116 O O   . HOH G 4 .   ? -8.606  -16.472 11.127  1.00 45.77 ? 549 HOH A O   1 
HETATM 1117 O O   . HOH G 4 .   ? 4.185   11.998  6.393   1.00 35.81 ? 550 HOH A O   1 
HETATM 1118 O O   . HOH G 4 .   ? -12.276 11.887  9.134   1.00 35.63 ? 551 HOH A O   1 
HETATM 1119 O O   . HOH G 4 .   ? -5.104  -10.389 1.907   1.00 42.75 ? 552 HOH A O   1 
HETATM 1120 O O   . HOH G 4 .   ? 11.063  15.081  -0.786  1.00 71.19 ? 553 HOH A O   1 
HETATM 1121 O O   . HOH G 4 .   ? -8.137  14.047  20.212  1.00 38.16 ? 554 HOH A O   1 
HETATM 1122 O O   . HOH G 4 .   ? 11.882  -15.100 -7.067  1.00 67.07 ? 555 HOH A O   1 
HETATM 1123 O O   . HOH G 4 .   ? -15.049 6.259   19.015  1.00 39.29 ? 556 HOH A O   1 
HETATM 1124 O O   . HOH G 4 .   ? -21.565 9.241   8.670   1.00 36.79 ? 557 HOH A O   1 
HETATM 1125 O O   . HOH G 4 .   ? 13.896  -10.365 -1.915  1.00 45.65 ? 558 HOH A O   1 
HETATM 1126 O O   . HOH G 4 .   ? -11.233 -1.221  18.522  1.00 37.13 ? 559 HOH A O   1 
HETATM 1127 O O   . HOH G 4 .   ? -1.035  6.608   16.359  1.00 42.82 ? 560 HOH A O   1 
HETATM 1128 O O   . HOH G 4 .   ? -10.495 9.423   4.283   1.00 38.93 ? 561 HOH A O   1 
HETATM 1129 O O   . HOH G 4 .   ? -16.877 5.213   8.438   1.00 30.72 ? 562 HOH A O   1 
HETATM 1130 O O   . HOH G 4 .   ? 4.480   17.729  11.045  1.00 46.65 ? 563 HOH A O   1 
HETATM 1131 O O   . HOH G 4 .   ? -13.519 -0.680  19.306  1.00 42.47 ? 564 HOH A O   1 
HETATM 1132 O O   . HOH G 4 .   ? -15.917 1.716   -4.508  1.00 59.11 ? 565 HOH A O   1 
HETATM 1133 O O   . HOH G 4 .   ? -6.990  15.793  10.276  1.00 39.41 ? 566 HOH A O   1 
HETATM 1134 O O   . HOH G 4 .   ? 10.612  11.328  -14.276 1.00 55.79 ? 567 HOH A O   1 
HETATM 1135 O O   . HOH G 4 .   ? 10.827  -9.896  -9.862  1.00 40.92 ? 568 HOH A O   1 
HETATM 1136 O O   . HOH G 4 .   ? -5.297  15.413  18.079  1.00 44.68 ? 569 HOH A O   1 
HETATM 1137 O O   . HOH G 4 .   ? 7.952   10.283  -10.061 1.00 48.35 ? 570 HOH A O   1 
HETATM 1138 O O   . HOH G 4 .   ? 10.989  -15.862 -4.717  1.00 64.60 ? 571 HOH A O   1 
HETATM 1139 O O   . HOH G 4 .   ? 2.450   11.431  7.722   1.00 43.42 ? 572 HOH A O   1 
HETATM 1140 O O   . HOH G 4 .   ? 17.179  9.301   -6.422  1.00 51.11 ? 573 HOH A O   1 
HETATM 1141 O O   . HOH G 4 .   ? 15.732  -1.677  -7.914  1.00 38.80 ? 574 HOH A O   1 
HETATM 1142 O O   . HOH G 4 .   ? -9.267  15.179  4.893   1.00 51.27 ? 575 HOH A O   1 
HETATM 1143 O O   . HOH G 4 .   ? -11.820 8.106   6.349   1.00 35.20 ? 576 HOH A O   1 
HETATM 1144 O O   . HOH G 4 .   ? 14.404  7.731   3.994   1.00 52.42 ? 577 HOH A O   1 
HETATM 1145 O O   . HOH G 4 .   ? -5.468  16.579  15.144  1.00 40.59 ? 578 HOH A O   1 
HETATM 1146 O O   . HOH G 4 .   ? -3.509  -11.507 -6.038  1.00 59.42 ? 579 HOH A O   1 
HETATM 1147 O O   . HOH G 4 .   ? -7.849  3.096   -5.574  1.00 40.04 ? 580 HOH A O   1 
HETATM 1148 O O   . HOH G 4 .   ? -11.778 15.406  3.295   1.00 59.19 ? 581 HOH A O   1 
HETATM 1149 O O   . HOH G 4 .   ? 4.555   2.013   -18.324 1.00 43.82 ? 582 HOH A O   1 
HETATM 1150 O O   . HOH G 4 .   ? 2.170   17.635  16.686  1.00 52.96 ? 583 HOH A O   1 
HETATM 1151 O O   . HOH G 4 .   ? -2.421  18.900  9.526   1.00 41.01 ? 584 HOH A O   1 
HETATM 1152 O O   . HOH G 4 .   ? -18.900 8.607   8.670   1.00 40.71 ? 585 HOH A O   1 
HETATM 1153 O O   . HOH G 4 .   ? 5.600   13.605  12.129  1.00 49.32 ? 586 HOH A O   1 
HETATM 1154 O O   . HOH G 4 .   ? 18.940  -0.928  -1.348  1.00 59.32 ? 587 HOH A O   1 
HETATM 1155 O O   . HOH G 4 .   ? -5.884  14.565  -10.178 1.00 38.64 ? 588 HOH A O   1 
HETATM 1156 O O   . HOH G 4 .   ? 0.431   4.306   17.396  1.00 48.63 ? 589 HOH A O   1 
HETATM 1157 O O   . HOH G 4 .   ? 15.710  -10.324 -8.986  1.00 57.16 ? 590 HOH A O   1 
HETATM 1158 O O   . HOH G 4 .   ? -3.762  5.631   16.900  1.00 40.49 ? 591 HOH A O   1 
HETATM 1159 O O   . HOH G 4 .   ? 4.318   11.786  -11.878 1.00 51.87 ? 592 HOH A O   1 
HETATM 1160 O O   . HOH G 4 .   ? 16.212  -0.403  -11.258 1.00 51.14 ? 593 HOH A O   1 
HETATM 1161 O O   . HOH G 4 .   ? -7.318  -8.492  5.184   1.00 34.70 ? 594 HOH A O   1 
HETATM 1162 O O   . HOH G 4 .   ? 2.327   14.483  15.272  1.00 56.01 ? 595 HOH A O   1 
HETATM 1163 O O   . HOH G 4 .   ? -3.740  16.550  -6.101  1.00 50.30 ? 596 HOH A O   1 
HETATM 1164 O O   . HOH G 4 .   ? -8.104  5.785   -5.773  1.00 39.23 ? 597 HOH A O   1 
HETATM 1165 O O   . HOH G 4 .   ? -12.335 1.073   -4.551  1.00 52.45 ? 598 HOH A O   1 
HETATM 1166 O O   . HOH G 4 .   ? -15.845 7.449   -0.991  1.00 51.85 ? 599 HOH A O   1 
HETATM 1167 O O   . HOH G 4 .   ? 12.562  -5.379  -15.570 1.00 40.78 ? 600 HOH A O   1 
HETATM 1168 O O   . HOH G 4 .   ? 17.749  -3.393  -10.569 1.00 56.29 ? 601 HOH A O   1 
HETATM 1169 O O   . HOH G 4 .   ? -1.598  -2.202  -3.293  1.00 29.30 ? 602 HOH A O   1 
HETATM 1170 O O   . HOH G 4 .   ? -3.771  1.582   -4.142  1.00 37.42 ? 603 HOH A O   1 
HETATM 1171 O O   . HOH G 4 .   ? -9.497  9.977   18.759  1.00 34.03 ? 604 HOH A O   1 
HETATM 1172 O O   . HOH G 4 .   ? -0.129  -3.110  -1.488  1.00 23.45 ? 605 HOH A O   1 
# 
